data_4LHP
#
_entry.id   4LHP
#
_cell.length_a   88.955
_cell.length_b   94.692
_cell.length_c   190.701
_cell.angle_alpha   90.00
_cell.angle_beta   90.00
_cell.angle_gamma   90.00
#
_symmetry.space_group_name_H-M   'P 21 21 21'
#
loop_
_entity.id
_entity.type
_entity.pdbx_description
1 polymer 'FG41 Malonate Semialdehyde Decarboxylase'
2 non-polymer 'PHOSPHATE ION'
3 non-polymer 'SULFATE ION'
4 water water
#
_entity_poly.entity_id   1
_entity_poly.type   'polypeptide(L)'
_entity_poly.pdbx_seq_one_letter_code
;PLIRIDLTSDRSREQRRAIADAVHDALVEVLAIPARDRFQILTAHDPSDIIAEDAGLGFQRSPSVVIIHVFTQAGRTIET
KQRVFAAITESLAPIGVAGSDVFIAITENAPHDWSFGFGSAQYVTGELAIPATGAA
;
_entity_poly.pdbx_strand_id   A,B,C,D,E,F,G,H,I,J,K,L
#
# COMPACT_ATOMS: atom_id res chain seq x y z
N PRO A 1 6.06 -40.54 1.67
CA PRO A 1 5.65 -39.16 1.87
C PRO A 1 5.97 -38.69 3.29
N LEU A 2 6.22 -37.40 3.47
CA LEU A 2 6.36 -36.82 4.80
C LEU A 2 5.10 -36.01 5.12
N ILE A 3 4.45 -36.37 6.22
CA ILE A 3 3.20 -35.71 6.60
C ILE A 3 3.41 -34.78 7.78
N ARG A 4 3.16 -33.49 7.58
CA ARG A 4 3.13 -32.55 8.69
C ARG A 4 1.70 -32.36 9.17
N ILE A 5 1.41 -32.86 10.37
CA ILE A 5 0.08 -32.72 10.96
C ILE A 5 0.09 -31.67 12.06
N ASP A 6 -0.54 -30.54 11.80
CA ASP A 6 -0.67 -29.49 12.80
C ASP A 6 -2.10 -29.42 13.32
N LEU A 7 -2.26 -29.63 14.62
CA LEU A 7 -3.56 -29.63 15.25
C LEU A 7 -3.48 -28.85 16.56
N THR A 8 -4.46 -29.01 17.44
CA THR A 8 -4.54 -28.17 18.62
C THR A 8 -4.42 -28.95 19.93
N SER A 9 -3.94 -28.26 20.97
CA SER A 9 -3.60 -28.91 22.23
C SER A 9 -4.79 -29.39 23.04
N ASP A 10 -5.98 -28.90 22.72
CA ASP A 10 -7.19 -29.35 23.41
C ASP A 10 -7.51 -30.80 23.10
N ARG A 11 -6.95 -31.33 22.01
CA ARG A 11 -7.13 -32.73 21.65
C ARG A 11 -6.19 -33.59 22.47
N SER A 12 -6.69 -34.71 22.97
CA SER A 12 -5.91 -35.59 23.82
C SER A 12 -4.70 -36.14 23.08
N ARG A 13 -3.60 -36.34 23.80
CA ARG A 13 -2.43 -37.00 23.24
C ARG A 13 -2.86 -38.29 22.56
N GLU A 14 -3.80 -39.00 23.18
CA GLU A 14 -4.32 -40.25 22.62
C GLU A 14 -5.00 -40.00 21.28
N GLN A 15 -5.86 -39.00 21.23
CA GLN A 15 -6.62 -38.71 20.00
C GLN A 15 -5.69 -38.31 18.87
N ARG A 16 -4.68 -37.50 19.16
CA ARG A 16 -3.74 -37.06 18.14
C ARG A 16 -3.11 -38.27 17.48
N ARG A 17 -2.47 -39.10 18.31
CA ARG A 17 -1.83 -40.31 17.82
C ARG A 17 -2.80 -41.10 16.95
N ALA A 18 -4.07 -41.14 17.36
CA ALA A 18 -5.10 -41.82 16.58
C ALA A 18 -5.33 -41.09 15.25
N ILE A 19 -5.45 -39.77 15.32
CA ILE A 19 -5.52 -38.96 14.11
C ILE A 19 -4.38 -39.36 13.17
N ALA A 20 -3.18 -39.42 13.72
CA ALA A 20 -1.99 -39.75 12.93
C ALA A 20 -2.08 -41.15 12.35
N ASP A 21 -2.61 -42.08 13.13
CA ASP A 21 -2.77 -43.47 12.68
C ASP A 21 -3.74 -43.54 11.51
N ALA A 22 -4.82 -42.76 11.59
CA ALA A 22 -5.86 -42.80 10.58
C ALA A 22 -5.37 -42.22 9.25
N VAL A 23 -4.59 -41.16 9.32
CA VAL A 23 -4.07 -40.54 8.12
C VAL A 23 -3.11 -41.48 7.42
N HIS A 24 -2.22 -42.12 8.18
CA HIS A 24 -1.28 -43.07 7.58
C HIS A 24 -2.04 -44.21 6.91
N ASP A 25 -2.95 -44.83 7.64
CA ASP A 25 -3.70 -45.97 7.12
C ASP A 25 -4.46 -45.59 5.84
N ALA A 26 -4.98 -44.37 5.81
CA ALA A 26 -5.69 -43.88 4.63
C ALA A 26 -4.75 -43.81 3.43
N LEU A 27 -3.53 -43.33 3.65
CA LEU A 27 -2.55 -43.19 2.58
C LEU A 27 -2.08 -44.56 2.07
N VAL A 28 -1.92 -45.53 2.97
CA VAL A 28 -1.52 -46.87 2.55
C VAL A 28 -2.61 -47.46 1.66
N GLU A 29 -3.86 -47.23 2.03
CA GLU A 29 -4.99 -47.73 1.27
C GLU A 29 -5.09 -47.08 -0.11
N VAL A 30 -5.00 -45.76 -0.16
CA VAL A 30 -5.22 -45.04 -1.42
C VAL A 30 -3.97 -44.94 -2.30
N LEU A 31 -2.80 -44.81 -1.68
CA LEU A 31 -1.56 -44.64 -2.42
C LEU A 31 -0.77 -45.94 -2.58
N ALA A 32 -1.17 -46.96 -1.84
CA ALA A 32 -0.50 -48.25 -1.89
C ALA A 32 1.00 -48.11 -1.64
N ILE A 33 1.37 -47.22 -0.73
CA ILE A 33 2.76 -47.09 -0.30
C ILE A 33 3.08 -48.21 0.67
N PRO A 34 4.37 -48.56 0.81
CA PRO A 34 4.74 -49.57 1.80
C PRO A 34 4.08 -49.28 3.15
N ALA A 35 3.76 -50.33 3.90
CA ALA A 35 3.04 -50.18 5.15
C ALA A 35 3.87 -49.39 6.16
N ARG A 36 5.19 -49.52 6.07
CA ARG A 36 6.09 -48.85 6.98
C ARG A 36 6.66 -47.56 6.39
N ASP A 37 6.08 -47.10 5.30
CA ASP A 37 6.45 -45.81 4.74
C ASP A 37 5.74 -44.71 5.53
N ARG A 38 6.04 -44.65 6.82
CA ARG A 38 5.35 -43.72 7.71
C ARG A 38 6.32 -42.66 8.21
N PHE A 39 6.04 -41.41 7.86
CA PHE A 39 6.88 -40.30 8.24
C PHE A 39 6.01 -39.10 8.53
N GLN A 40 5.90 -38.78 9.82
CA GLN A 40 4.93 -37.81 10.30
C GLN A 40 5.51 -36.93 11.38
N ILE A 41 5.15 -35.65 11.35
CA ILE A 41 5.50 -34.73 12.41
C ILE A 41 4.23 -34.12 12.99
N LEU A 42 4.00 -34.38 14.28
CA LEU A 42 2.82 -33.85 14.95
C LEU A 42 3.17 -32.62 15.77
N THR A 43 2.53 -31.51 15.44
CA THR A 43 2.70 -30.28 16.20
C THR A 43 1.35 -29.86 16.77
N ALA A 44 1.22 -29.93 18.09
CA ALA A 44 0.01 -29.49 18.77
C ALA A 44 0.14 -28.03 19.16
N HIS A 45 -0.84 -27.23 18.76
CA HIS A 45 -0.81 -25.79 19.00
C HIS A 45 -1.93 -25.37 19.92
N ASP A 46 -1.73 -24.23 20.59
CA ASP A 46 -2.84 -23.50 21.16
C ASP A 46 -3.73 -23.12 19.99
N PRO A 47 -5.05 -23.35 20.10
CA PRO A 47 -5.94 -23.14 18.96
C PRO A 47 -5.84 -21.73 18.35
N SER A 48 -5.49 -20.75 19.15
CA SER A 48 -5.34 -19.38 18.65
C SER A 48 -4.22 -19.27 17.62
N ASP A 49 -3.29 -20.21 17.67
CA ASP A 49 -2.15 -20.19 16.75
C ASP A 49 -2.50 -20.75 15.37
N ILE A 50 -3.62 -21.47 15.28
CA ILE A 50 -4.15 -21.90 14.00
C ILE A 50 -5.37 -21.06 13.62
N ILE A 51 -5.27 -20.36 12.49
CA ILE A 51 -6.41 -19.63 11.95
C ILE A 51 -6.81 -20.23 10.60
N ALA A 52 -7.88 -21.01 10.59
CA ALA A 52 -8.36 -21.61 9.36
C ALA A 52 -9.84 -21.30 9.19
N GLU A 53 -10.16 -20.56 8.13
CA GLU A 53 -11.55 -20.18 7.87
C GLU A 53 -12.10 -21.02 6.71
N ASP A 54 -12.97 -20.46 5.88
CA ASP A 54 -13.69 -21.27 4.90
C ASP A 54 -13.53 -20.81 3.45
N ALA A 55 -12.67 -19.81 3.23
CA ALA A 55 -12.46 -19.31 1.87
C ALA A 55 -13.78 -18.90 1.22
N GLY A 56 -14.79 -18.63 2.05
CA GLY A 56 -16.07 -18.16 1.55
C GLY A 56 -17.00 -19.26 1.07
N LEU A 57 -16.73 -20.50 1.48
CA LEU A 57 -17.57 -21.63 1.10
C LEU A 57 -18.85 -21.65 1.93
N GLY A 58 -18.86 -20.89 3.03
CA GLY A 58 -20.04 -20.74 3.84
C GLY A 58 -20.22 -21.84 4.87
N PHE A 59 -19.19 -22.07 5.68
CA PHE A 59 -19.30 -22.99 6.79
C PHE A 59 -18.39 -22.58 7.93
N GLN A 60 -18.66 -23.12 9.12
CA GLN A 60 -17.89 -22.79 10.31
C GLN A 60 -17.06 -23.98 10.76
N ARG A 61 -15.90 -23.70 11.32
CA ARG A 61 -15.05 -24.74 11.87
C ARG A 61 -14.92 -24.53 13.37
N SER A 62 -14.82 -25.63 14.11
CA SER A 62 -14.52 -25.52 15.53
C SER A 62 -13.09 -25.02 15.65
N PRO A 63 -12.70 -24.58 16.86
CA PRO A 63 -11.32 -24.16 17.07
C PRO A 63 -10.34 -25.32 16.89
N SER A 64 -10.84 -26.55 17.05
CA SER A 64 -9.97 -27.72 17.01
C SER A 64 -9.68 -28.16 15.57
N VAL A 65 -8.96 -27.30 14.84
CA VAL A 65 -8.63 -27.54 13.44
C VAL A 65 -7.51 -28.56 13.32
N VAL A 66 -7.55 -29.36 12.25
CA VAL A 66 -6.48 -30.30 11.94
C VAL A 66 -6.03 -30.09 10.50
N ILE A 67 -4.78 -29.64 10.35
CA ILE A 67 -4.22 -29.32 9.05
C ILE A 67 -3.19 -30.37 8.65
N ILE A 68 -3.42 -31.02 7.51
CA ILE A 68 -2.56 -32.09 7.02
C ILE A 68 -1.82 -31.62 5.78
N HIS A 69 -0.50 -31.49 5.89
CA HIS A 69 0.32 -31.09 4.75
C HIS A 69 1.12 -32.29 4.27
N VAL A 70 0.72 -32.82 3.11
CA VAL A 70 1.34 -34.02 2.56
C VAL A 70 2.46 -33.66 1.59
N PHE A 71 3.65 -34.14 1.89
CA PHE A 71 4.80 -33.95 1.02
C PHE A 71 5.14 -35.28 0.36
N THR A 72 4.86 -35.39 -0.94
CA THR A 72 4.93 -36.67 -1.64
C THR A 72 5.49 -36.51 -3.04
N GLN A 73 5.91 -37.62 -3.63
CA GLN A 73 6.47 -37.60 -4.99
C GLN A 73 5.40 -37.18 -6.00
N ALA A 74 5.81 -36.41 -7.00
CA ALA A 74 4.94 -36.08 -8.12
C ALA A 74 4.55 -37.37 -8.84
N GLY A 75 3.43 -37.32 -9.55
CA GLY A 75 3.02 -38.45 -10.37
C GLY A 75 1.60 -38.93 -10.10
N ARG A 76 1.09 -38.63 -8.90
CA ARG A 76 -0.24 -39.06 -8.54
C ARG A 76 -1.26 -38.27 -9.33
N THR A 77 -2.29 -38.96 -9.81
CA THR A 77 -3.32 -38.32 -10.62
C THR A 77 -4.22 -37.45 -9.76
N ILE A 78 -4.92 -36.55 -10.44
CA ILE A 78 -5.91 -35.69 -9.82
C ILE A 78 -7.00 -36.51 -9.11
N GLU A 79 -7.38 -37.63 -9.70
CA GLU A 79 -8.43 -38.48 -9.13
C GLU A 79 -7.94 -39.22 -7.89
N THR A 80 -6.67 -39.65 -7.92
CA THR A 80 -6.06 -40.31 -6.78
C THR A 80 -6.02 -39.36 -5.57
N LYS A 81 -5.66 -38.12 -5.84
CA LYS A 81 -5.59 -37.11 -4.79
C LYS A 81 -6.97 -36.86 -4.17
N GLN A 82 -7.99 -36.86 -5.01
CA GLN A 82 -9.36 -36.73 -4.52
C GLN A 82 -9.69 -37.89 -3.60
N ARG A 83 -9.32 -39.10 -4.00
CA ARG A 83 -9.51 -40.29 -3.18
C ARG A 83 -8.77 -40.16 -1.85
N VAL A 84 -7.59 -39.56 -1.87
CA VAL A 84 -6.81 -39.36 -0.64
C VAL A 84 -7.54 -38.42 0.31
N PHE A 85 -7.98 -37.27 -0.20
CA PHE A 85 -8.68 -36.30 0.62
C PHE A 85 -9.90 -36.93 1.29
N ALA A 86 -10.66 -37.68 0.51
CA ALA A 86 -11.91 -38.27 0.99
C ALA A 86 -11.66 -39.41 1.98
N ALA A 87 -10.64 -40.23 1.71
CA ALA A 87 -10.34 -41.35 2.59
C ALA A 87 -9.87 -40.83 3.94
N ILE A 88 -8.99 -39.84 3.91
CA ILE A 88 -8.47 -39.24 5.13
C ILE A 88 -9.60 -38.68 5.99
N THR A 89 -10.47 -37.87 5.38
CA THR A 89 -11.50 -37.17 6.14
C THR A 89 -12.56 -38.16 6.65
N GLU A 90 -12.82 -39.21 5.88
CA GLU A 90 -13.79 -40.20 6.30
C GLU A 90 -13.26 -41.04 7.47
N SER A 91 -11.94 -41.23 7.51
CA SER A 91 -11.33 -42.03 8.57
C SER A 91 -11.22 -41.24 9.88
N LEU A 92 -11.24 -39.91 9.76
CA LEU A 92 -11.09 -39.03 10.91
C LEU A 92 -12.41 -38.81 11.66
N ALA A 93 -13.53 -39.01 10.96
CA ALA A 93 -14.84 -38.73 11.54
C ALA A 93 -15.09 -39.53 12.83
N PRO A 94 -15.00 -40.86 12.77
CA PRO A 94 -15.24 -41.68 13.97
C PRO A 94 -14.25 -41.37 15.09
N ILE A 95 -13.10 -40.84 14.73
CA ILE A 95 -12.05 -40.53 15.69
C ILE A 95 -12.35 -39.26 16.48
N GLY A 96 -13.23 -38.42 15.92
CA GLY A 96 -13.63 -37.21 16.60
C GLY A 96 -13.23 -35.92 15.89
N VAL A 97 -13.03 -36.01 14.58
CA VAL A 97 -12.72 -34.83 13.78
C VAL A 97 -13.80 -34.62 12.73
N ALA A 98 -14.59 -33.56 12.91
CA ALA A 98 -15.65 -33.23 11.97
C ALA A 98 -15.06 -32.89 10.61
N GLY A 99 -15.84 -33.08 9.55
CA GLY A 99 -15.39 -32.79 8.21
C GLY A 99 -15.03 -31.34 8.04
N SER A 100 -15.67 -30.48 8.82
CA SER A 100 -15.45 -29.05 8.73
C SER A 100 -14.09 -28.64 9.28
N ASP A 101 -13.50 -29.52 10.09
CA ASP A 101 -12.29 -29.17 10.82
C ASP A 101 -11.03 -29.75 10.18
N VAL A 102 -11.18 -30.31 8.99
CA VAL A 102 -10.03 -30.87 8.28
C VAL A 102 -9.61 -29.96 7.14
N PHE A 103 -8.31 -29.82 6.97
CA PHE A 103 -7.74 -29.06 5.86
C PHE A 103 -6.50 -29.79 5.39
N ILE A 104 -6.44 -30.11 4.10
CA ILE A 104 -5.35 -30.91 3.56
C ILE A 104 -4.68 -30.23 2.39
N ALA A 105 -3.35 -30.23 2.39
CA ALA A 105 -2.57 -29.64 1.30
C ALA A 105 -1.52 -30.62 0.81
N ILE A 106 -1.26 -30.61 -0.48
CA ILE A 106 -0.25 -31.48 -1.07
C ILE A 106 0.85 -30.65 -1.74
N THR A 107 2.10 -30.98 -1.45
CA THR A 107 3.24 -30.31 -2.06
C THR A 107 4.19 -31.35 -2.60
N GLU A 108 4.58 -31.22 -3.86
CA GLU A 108 5.25 -32.30 -4.58
C GLU A 108 6.76 -32.10 -4.77
N ASN A 109 7.46 -33.21 -5.00
CA ASN A 109 8.87 -33.19 -5.35
C ASN A 109 9.23 -34.45 -6.14
N ALA A 110 10.52 -34.72 -6.30
CA ALA A 110 10.98 -35.85 -7.10
C ALA A 110 11.50 -36.99 -6.22
N PRO A 111 11.54 -38.21 -6.77
CA PRO A 111 12.05 -39.37 -6.02
C PRO A 111 13.49 -39.15 -5.54
N HIS A 112 14.26 -38.37 -6.29
CA HIS A 112 15.64 -38.11 -5.91
C HIS A 112 15.75 -37.02 -4.84
N ASP A 113 14.61 -36.62 -4.27
CA ASP A 113 14.59 -35.61 -3.22
C ASP A 113 14.38 -36.23 -1.84
N TRP A 114 14.77 -37.49 -1.69
CA TRP A 114 14.53 -38.19 -0.44
C TRP A 114 15.73 -39.02 0.02
N SER A 115 16.07 -38.87 1.29
CA SER A 115 16.97 -39.79 1.96
C SER A 115 16.27 -40.33 3.20
N PHE A 116 16.12 -41.65 3.27
CA PHE A 116 15.43 -42.29 4.37
C PHE A 116 16.39 -42.60 5.51
N GLY A 117 17.67 -42.32 5.29
CA GLY A 117 18.67 -42.52 6.33
C GLY A 117 20.01 -42.95 5.78
N PHE A 118 21.01 -42.98 6.66
CA PHE A 118 22.33 -43.50 6.33
C PHE A 118 23.04 -42.72 5.21
N GLY A 119 22.49 -41.56 4.87
CA GLY A 119 23.13 -40.66 3.91
C GLY A 119 22.90 -41.06 2.47
N SER A 120 21.93 -41.95 2.25
CA SER A 120 21.68 -42.50 0.92
C SER A 120 20.37 -41.99 0.34
N ALA A 121 20.30 -41.92 -0.99
CA ALA A 121 19.06 -41.65 -1.69
C ALA A 121 18.53 -42.96 -2.23
N GLN A 122 17.68 -43.62 -1.43
CA GLN A 122 17.31 -44.99 -1.70
C GLN A 122 16.55 -45.19 -3.01
N TYR A 123 15.75 -44.20 -3.42
CA TYR A 123 15.04 -44.27 -4.69
C TYR A 123 16.03 -44.21 -5.86
N VAL A 124 17.13 -43.50 -5.67
CA VAL A 124 18.12 -43.32 -6.73
C VAL A 124 19.01 -44.56 -6.87
N THR A 125 19.49 -45.06 -5.74
CA THR A 125 20.36 -46.24 -5.74
C THR A 125 19.65 -47.50 -6.19
N GLY A 126 18.34 -47.55 -5.98
CA GLY A 126 17.57 -48.75 -6.27
C GLY A 126 17.32 -49.58 -5.02
N GLU A 127 17.79 -49.07 -3.88
CA GLU A 127 17.56 -49.74 -2.60
C GLU A 127 16.08 -49.81 -2.31
N LEU A 128 15.33 -48.84 -2.83
CA LEU A 128 13.90 -48.76 -2.62
C LEU A 128 13.20 -48.53 -3.95
N ALA A 129 12.12 -49.27 -4.19
CA ALA A 129 11.40 -49.19 -5.45
C ALA A 129 10.66 -47.86 -5.57
N ILE A 130 10.59 -47.33 -6.79
CA ILE A 130 9.78 -46.14 -7.05
C ILE A 130 8.34 -46.50 -7.41
N PRO A 131 7.37 -45.76 -6.89
CA PRO A 131 5.96 -45.81 -7.30
C PRO A 131 5.77 -45.90 -8.81
N PRO B 1 -4.15 -19.37 0.18
CA PRO B 1 -2.95 -20.17 0.42
C PRO B 1 -2.75 -20.52 1.89
N LEU B 2 -1.84 -21.46 2.13
CA LEU B 2 -1.51 -21.86 3.49
C LEU B 2 -0.19 -21.20 3.90
N ILE B 3 -0.19 -20.55 5.05
CA ILE B 3 0.96 -19.78 5.49
C ILE B 3 1.51 -20.34 6.80
N ARG B 4 2.79 -20.70 6.80
CA ARG B 4 3.48 -21.03 8.02
C ARG B 4 4.26 -19.81 8.49
N ILE B 5 3.85 -19.27 9.63
CA ILE B 5 4.52 -18.13 10.23
C ILE B 5 5.25 -18.60 11.46
N ASP B 6 6.58 -18.52 11.42
CA ASP B 6 7.40 -18.95 12.54
C ASP B 6 8.10 -17.75 13.16
N LEU B 7 7.79 -17.49 14.42
CA LEU B 7 8.30 -16.31 15.11
C LEU B 7 8.75 -16.68 16.52
N THR B 8 9.08 -15.66 17.33
CA THR B 8 9.69 -15.90 18.63
C THR B 8 8.70 -15.74 19.79
N SER B 9 8.86 -16.59 20.80
CA SER B 9 7.91 -16.70 21.90
C SER B 9 7.79 -15.45 22.78
N ASP B 10 8.76 -14.55 22.68
CA ASP B 10 8.74 -13.34 23.50
C ASP B 10 7.68 -12.34 23.00
N ARG B 11 7.28 -12.46 21.74
CA ARG B 11 6.19 -11.65 21.22
C ARG B 11 4.88 -12.07 21.89
N SER B 12 4.05 -11.08 22.22
CA SER B 12 2.82 -11.32 22.97
C SER B 12 1.75 -11.99 22.12
N ARG B 13 0.70 -12.47 22.77
CA ARG B 13 -0.40 -13.12 22.07
C ARG B 13 -1.07 -12.16 21.10
N GLU B 14 -1.24 -10.90 21.53
CA GLU B 14 -1.88 -9.90 20.70
C GLU B 14 -1.01 -9.55 19.50
N GLN B 15 0.30 -9.49 19.70
CA GLN B 15 1.21 -9.18 18.61
C GLN B 15 1.27 -10.32 17.60
N ARG B 16 1.32 -11.55 18.09
CA ARG B 16 1.28 -12.72 17.21
C ARG B 16 0.06 -12.64 16.29
N ARG B 17 -1.08 -12.26 16.85
CA ARG B 17 -2.33 -12.21 16.08
C ARG B 17 -2.33 -11.08 15.06
N ALA B 18 -1.82 -9.91 15.44
CA ALA B 18 -1.76 -8.78 14.53
C ALA B 18 -0.79 -9.07 13.40
N ILE B 19 0.29 -9.79 13.71
CA ILE B 19 1.25 -10.20 12.70
C ILE B 19 0.56 -11.13 11.69
N ALA B 20 -0.23 -12.05 12.21
CA ALA B 20 -1.01 -12.95 11.35
C ALA B 20 -2.05 -12.19 10.54
N ASP B 21 -2.67 -11.18 11.16
CA ASP B 21 -3.67 -10.35 10.48
C ASP B 21 -3.02 -9.52 9.38
N ALA B 22 -1.87 -8.93 9.70
CA ALA B 22 -1.16 -8.08 8.75
C ALA B 22 -0.77 -8.87 7.51
N VAL B 23 -0.27 -10.09 7.72
CA VAL B 23 0.14 -10.93 6.61
C VAL B 23 -1.07 -11.29 5.74
N HIS B 24 -2.19 -11.64 6.37
CA HIS B 24 -3.37 -12.00 5.60
C HIS B 24 -3.90 -10.81 4.81
N ASP B 25 -3.96 -9.64 5.45
CA ASP B 25 -4.43 -8.43 4.77
C ASP B 25 -3.59 -8.14 3.55
N ALA B 26 -2.30 -8.43 3.65
CA ALA B 26 -1.39 -8.20 2.53
C ALA B 26 -1.75 -9.09 1.34
N LEU B 27 -1.98 -10.37 1.61
CA LEU B 27 -2.30 -11.31 0.54
C LEU B 27 -3.63 -10.97 -0.12
N VAL B 28 -4.57 -10.45 0.67
CA VAL B 28 -5.87 -10.09 0.13
C VAL B 28 -5.76 -8.87 -0.78
N GLU B 29 -4.99 -7.88 -0.32
CA GLU B 29 -4.78 -6.64 -1.07
C GLU B 29 -4.07 -6.92 -2.40
N VAL B 30 -3.11 -7.83 -2.39
CA VAL B 30 -2.25 -8.04 -3.55
C VAL B 30 -2.70 -9.20 -4.44
N LEU B 31 -3.06 -10.34 -3.84
CA LEU B 31 -3.49 -11.50 -4.61
C LEU B 31 -4.99 -11.44 -4.93
N ALA B 32 -5.71 -10.56 -4.25
CA ALA B 32 -7.15 -10.47 -4.39
C ALA B 32 -7.85 -11.82 -4.12
N ILE B 33 -7.21 -12.65 -3.30
CA ILE B 33 -7.86 -13.86 -2.81
C ILE B 33 -9.06 -13.47 -1.96
N PRO B 34 -10.01 -14.41 -1.79
CA PRO B 34 -11.17 -14.10 -0.93
C PRO B 34 -10.75 -13.70 0.48
N ALA B 35 -11.53 -12.81 1.09
CA ALA B 35 -11.24 -12.35 2.45
C ALA B 35 -11.08 -13.52 3.43
N ARG B 36 -11.86 -14.57 3.22
CA ARG B 36 -11.86 -15.69 4.18
C ARG B 36 -11.03 -16.89 3.70
N ASP B 37 -10.34 -16.73 2.57
CA ASP B 37 -9.35 -17.72 2.16
C ASP B 37 -8.15 -17.57 3.07
N ARG B 38 -8.35 -17.88 4.35
CA ARG B 38 -7.33 -17.63 5.36
C ARG B 38 -6.96 -18.92 6.08
N PHE B 39 -5.68 -19.28 5.98
CA PHE B 39 -5.19 -20.52 6.57
C PHE B 39 -3.76 -20.31 7.05
N GLN B 40 -3.60 -20.15 8.36
CA GLN B 40 -2.33 -19.78 8.94
C GLN B 40 -2.01 -20.64 10.14
N ILE B 41 -0.75 -21.08 10.21
CA ILE B 41 -0.24 -21.80 11.35
C ILE B 41 0.90 -20.98 11.92
N LEU B 42 0.81 -20.70 13.21
CA LEU B 42 1.86 -19.95 13.87
C LEU B 42 2.61 -20.81 14.87
N THR B 43 3.92 -20.71 14.85
CA THR B 43 4.77 -21.47 15.75
C THR B 43 5.76 -20.53 16.40
N ALA B 44 5.72 -20.47 17.73
CA ALA B 44 6.63 -19.61 18.48
C ALA B 44 7.80 -20.42 19.00
N HIS B 45 9.00 -19.85 18.91
CA HIS B 45 10.20 -20.51 19.39
C HIS B 45 11.00 -19.58 20.29
N ASP B 46 11.85 -20.17 21.12
CA ASP B 46 12.95 -19.42 21.71
C ASP B 46 13.75 -18.89 20.53
N PRO B 47 14.20 -17.63 20.61
CA PRO B 47 14.90 -17.04 19.46
C PRO B 47 16.13 -17.83 19.02
N SER B 48 16.68 -18.65 19.91
CA SER B 48 17.85 -19.46 19.58
C SER B 48 17.51 -20.55 18.56
N ASP B 49 16.23 -20.82 18.37
CA ASP B 49 15.81 -21.91 17.49
C ASP B 49 15.36 -21.39 16.12
N ILE B 50 15.38 -20.08 15.95
CA ILE B 50 15.26 -19.49 14.62
C ILE B 50 16.58 -18.83 14.28
N ILE B 51 17.17 -19.29 13.17
CA ILE B 51 18.49 -18.83 12.76
C ILE B 51 18.39 -18.25 11.36
N ALA B 52 18.49 -16.93 11.26
CA ALA B 52 18.40 -16.24 9.98
C ALA B 52 19.44 -15.13 9.91
N GLU B 53 20.45 -15.34 9.08
CA GLU B 53 21.51 -14.36 8.90
C GLU B 53 21.16 -13.50 7.68
N ASP B 54 22.13 -13.13 6.84
CA ASP B 54 21.85 -12.19 5.76
C ASP B 54 22.30 -12.65 4.37
N ALA B 55 22.85 -13.86 4.29
CA ALA B 55 23.34 -14.38 3.01
C ALA B 55 24.40 -13.46 2.41
N GLY B 56 25.06 -12.67 3.26
CA GLY B 56 26.13 -11.81 2.81
C GLY B 56 25.66 -10.49 2.22
N LEU B 57 24.38 -10.21 2.36
CA LEU B 57 23.82 -8.96 1.85
C LEU B 57 24.31 -7.76 2.64
N GLY B 58 24.79 -8.01 3.86
CA GLY B 58 25.40 -6.98 4.66
C GLY B 58 24.44 -6.23 5.56
N PHE B 59 23.65 -6.97 6.33
CA PHE B 59 22.79 -6.36 7.34
C PHE B 59 22.58 -7.31 8.52
N GLN B 60 22.11 -6.75 9.63
CA GLN B 60 21.88 -7.52 10.83
C GLN B 60 20.41 -7.50 11.21
N ARG B 61 19.97 -8.56 11.88
CA ARG B 61 18.60 -8.69 12.32
C ARG B 61 18.58 -8.68 13.84
N SER B 62 17.43 -8.39 14.42
CA SER B 62 17.25 -8.57 15.86
C SER B 62 16.94 -10.03 16.08
N PRO B 63 16.89 -10.45 17.36
CA PRO B 63 16.49 -11.83 17.67
C PRO B 63 15.04 -12.11 17.29
N SER B 64 14.23 -11.07 17.18
CA SER B 64 12.80 -11.23 16.96
C SER B 64 12.46 -11.37 15.49
N VAL B 65 13.03 -12.39 14.85
CA VAL B 65 12.82 -12.61 13.44
C VAL B 65 11.46 -13.24 13.20
N VAL B 66 10.91 -13.00 12.00
CA VAL B 66 9.66 -13.60 11.60
C VAL B 66 9.81 -14.23 10.22
N ILE B 67 9.74 -15.55 10.16
CA ILE B 67 9.83 -16.27 8.91
C ILE B 67 8.43 -16.63 8.42
N ILE B 68 8.12 -16.22 7.19
CA ILE B 68 6.81 -16.46 6.62
C ILE B 68 6.94 -17.33 5.37
N HIS B 69 6.29 -18.49 5.40
CA HIS B 69 6.40 -19.47 4.33
C HIS B 69 5.06 -19.64 3.63
N VAL B 70 4.95 -19.08 2.44
CA VAL B 70 3.69 -19.09 1.70
C VAL B 70 3.58 -20.31 0.81
N PHE B 71 2.60 -21.17 1.10
CA PHE B 71 2.25 -22.25 0.19
C PHE B 71 1.00 -21.85 -0.60
N THR B 72 1.17 -21.65 -1.89
CA THR B 72 0.07 -21.19 -2.75
C THR B 72 0.16 -21.91 -4.09
N GLN B 73 -0.91 -21.86 -4.87
CA GLN B 73 -0.90 -22.52 -6.17
C GLN B 73 -0.18 -21.66 -7.20
N ALA B 74 0.49 -22.31 -8.14
CA ALA B 74 1.27 -21.62 -9.16
C ALA B 74 0.39 -20.71 -10.00
N GLY B 75 1.00 -19.75 -10.70
CA GLY B 75 0.28 -18.87 -11.59
C GLY B 75 0.59 -17.40 -11.38
N ARG B 76 1.00 -17.04 -10.16
CA ARG B 76 1.33 -15.64 -9.87
C ARG B 76 2.64 -15.27 -10.55
N THR B 77 2.72 -14.04 -11.05
CA THR B 77 3.89 -13.58 -11.76
C THR B 77 4.98 -13.15 -10.79
N ILE B 78 6.22 -13.08 -11.30
CA ILE B 78 7.35 -12.61 -10.52
C ILE B 78 7.06 -11.25 -9.92
N GLU B 79 6.54 -10.35 -10.75
CA GLU B 79 6.20 -9.00 -10.31
C GLU B 79 5.14 -9.00 -9.21
N THR B 80 4.17 -9.91 -9.32
CA THR B 80 3.12 -10.02 -8.31
C THR B 80 3.71 -10.49 -6.99
N LYS B 81 4.72 -11.36 -7.07
CA LYS B 81 5.39 -11.85 -5.88
C LYS B 81 6.20 -10.73 -5.24
N GLN B 82 6.91 -9.97 -6.06
CA GLN B 82 7.60 -8.78 -5.57
C GLN B 82 6.65 -7.89 -4.79
N ARG B 83 5.46 -7.71 -5.33
CA ARG B 83 4.46 -6.85 -4.72
C ARG B 83 3.95 -7.46 -3.41
N VAL B 84 3.88 -8.79 -3.37
CA VAL B 84 3.50 -9.50 -2.14
C VAL B 84 4.54 -9.29 -1.06
N PHE B 85 5.80 -9.53 -1.41
CA PHE B 85 6.89 -9.35 -0.46
C PHE B 85 6.86 -7.93 0.13
N ALA B 86 6.63 -6.96 -0.73
CA ALA B 86 6.53 -5.56 -0.31
C ALA B 86 5.38 -5.38 0.66
N ALA B 87 4.19 -5.79 0.24
CA ALA B 87 2.97 -5.58 1.02
C ALA B 87 3.11 -6.13 2.44
N ILE B 88 3.50 -7.40 2.53
CA ILE B 88 3.71 -8.07 3.81
C ILE B 88 4.60 -7.25 4.74
N THR B 89 5.76 -6.85 4.24
CA THR B 89 6.74 -6.13 5.05
C THR B 89 6.20 -4.77 5.49
N GLU B 90 5.55 -4.06 4.57
CA GLU B 90 5.00 -2.75 4.87
C GLU B 90 3.86 -2.86 5.87
N SER B 91 3.10 -3.96 5.80
CA SER B 91 1.98 -4.18 6.71
C SER B 91 2.47 -4.56 8.11
N LEU B 92 3.60 -5.26 8.17
CA LEU B 92 4.15 -5.72 9.42
C LEU B 92 4.91 -4.62 10.16
N ALA B 93 5.36 -3.61 9.43
CA ALA B 93 6.20 -2.57 10.01
C ALA B 93 5.58 -1.93 11.26
N PRO B 94 4.35 -1.40 11.15
CA PRO B 94 3.78 -0.74 12.33
C PRO B 94 3.33 -1.73 13.41
N ILE B 95 3.35 -3.02 13.10
CA ILE B 95 3.03 -4.06 14.07
C ILE B 95 4.23 -4.36 14.97
N GLY B 96 5.38 -3.77 14.64
CA GLY B 96 6.59 -3.96 15.42
C GLY B 96 7.45 -5.11 14.90
N VAL B 97 7.36 -5.35 13.60
CA VAL B 97 8.25 -6.28 12.93
C VAL B 97 9.06 -5.48 11.91
N ALA B 98 10.36 -5.32 12.17
CA ALA B 98 11.22 -4.52 11.32
C ALA B 98 11.50 -5.23 9.99
N GLY B 99 11.78 -4.45 8.96
CA GLY B 99 12.07 -4.99 7.64
C GLY B 99 13.25 -5.94 7.67
N SER B 100 14.22 -5.64 8.53
CA SER B 100 15.40 -6.48 8.69
C SER B 100 15.06 -7.86 9.21
N ASP B 101 13.90 -8.00 9.84
CA ASP B 101 13.57 -9.20 10.59
C ASP B 101 12.58 -10.11 9.87
N VAL B 102 12.22 -9.76 8.64
CA VAL B 102 11.27 -10.55 7.87
C VAL B 102 11.98 -11.41 6.83
N PHE B 103 11.62 -12.68 6.78
CA PHE B 103 12.12 -13.60 5.76
C PHE B 103 10.92 -14.29 5.13
N ILE B 104 10.83 -14.26 3.81
CA ILE B 104 9.69 -14.85 3.12
C ILE B 104 10.16 -15.85 2.08
N ALA B 105 9.48 -16.99 2.02
CA ALA B 105 9.73 -17.99 0.98
C ALA B 105 8.40 -18.50 0.46
N ILE B 106 8.37 -18.82 -0.83
CA ILE B 106 7.14 -19.28 -1.47
C ILE B 106 7.32 -20.65 -2.08
N THR B 107 6.31 -21.50 -1.91
CA THR B 107 6.34 -22.86 -2.40
C THR B 107 5.02 -23.13 -3.10
N GLU B 108 5.08 -23.61 -4.34
CA GLU B 108 3.90 -23.70 -5.17
C GLU B 108 3.40 -25.11 -5.37
N ASN B 109 2.12 -25.23 -5.67
CA ASN B 109 1.52 -26.49 -6.07
C ASN B 109 0.36 -26.20 -7.02
N ALA B 110 -0.58 -27.14 -7.14
CA ALA B 110 -1.69 -26.97 -8.07
C ALA B 110 -3.04 -26.91 -7.35
N PRO B 111 -4.08 -26.44 -8.06
CA PRO B 111 -5.45 -26.37 -7.53
C PRO B 111 -5.95 -27.71 -7.00
N HIS B 112 -5.61 -28.79 -7.68
CA HIS B 112 -6.05 -30.13 -7.28
C HIS B 112 -5.26 -30.66 -6.09
N ASP B 113 -4.40 -29.82 -5.52
CA ASP B 113 -3.63 -30.20 -4.34
C ASP B 113 -4.23 -29.63 -3.06
N TRP B 114 -5.51 -29.26 -3.11
CA TRP B 114 -6.16 -28.62 -1.96
C TRP B 114 -7.50 -29.23 -1.59
N SER B 115 -7.64 -29.60 -0.32
CA SER B 115 -8.93 -29.92 0.27
C SER B 115 -9.22 -28.94 1.40
N PHE B 116 -10.32 -28.21 1.29
CA PHE B 116 -10.69 -27.22 2.31
C PHE B 116 -11.63 -27.82 3.34
N GLY B 117 -11.88 -29.12 3.24
CA GLY B 117 -12.70 -29.83 4.21
C GLY B 117 -13.70 -30.78 3.57
N PHE B 118 -14.37 -31.57 4.41
CA PHE B 118 -15.44 -32.46 3.96
C PHE B 118 -14.97 -33.45 2.90
N GLY B 119 -13.68 -33.76 2.91
CA GLY B 119 -13.13 -34.77 2.01
C GLY B 119 -13.25 -34.41 0.55
N SER B 120 -13.30 -33.12 0.26
CA SER B 120 -13.51 -32.65 -1.11
C SER B 120 -12.38 -31.73 -1.58
N ALA B 121 -12.02 -31.85 -2.86
CA ALA B 121 -11.07 -30.93 -3.48
C ALA B 121 -11.84 -29.83 -4.21
N GLN B 122 -11.96 -28.68 -3.56
CA GLN B 122 -12.93 -27.67 -3.97
C GLN B 122 -12.63 -26.96 -5.29
N TYR B 123 -11.36 -26.84 -5.67
CA TYR B 123 -11.02 -26.22 -6.95
C TYR B 123 -11.35 -27.17 -8.09
N VAL B 124 -11.28 -28.46 -7.82
CA VAL B 124 -11.55 -29.49 -8.82
C VAL B 124 -13.04 -29.64 -9.11
N THR B 125 -13.85 -29.49 -8.07
CA THR B 125 -15.29 -29.72 -8.18
C THR B 125 -16.04 -28.50 -8.71
N GLY B 126 -15.35 -27.37 -8.80
CA GLY B 126 -15.98 -26.12 -9.18
C GLY B 126 -16.61 -25.39 -8.00
N GLU B 127 -16.69 -26.05 -6.85
CA GLU B 127 -17.27 -25.44 -5.66
C GLU B 127 -16.54 -24.15 -5.29
N LEU B 128 -15.27 -24.04 -5.71
CA LEU B 128 -14.47 -22.86 -5.44
C LEU B 128 -13.72 -22.45 -6.71
N ALA B 129 -13.70 -21.17 -7.01
CA ALA B 129 -13.11 -20.67 -8.25
C ALA B 129 -11.59 -20.57 -8.18
N ILE B 130 -10.93 -20.96 -9.26
CA ILE B 130 -9.48 -20.85 -9.36
C ILE B 130 -9.11 -19.37 -9.37
N PRO B 131 -8.23 -18.95 -8.45
CA PRO B 131 -8.02 -17.53 -8.18
C PRO B 131 -7.04 -16.87 -9.16
N PRO C 1 18.89 -21.41 1.05
CA PRO C 1 17.83 -22.36 1.38
C PRO C 1 17.22 -22.11 2.76
N LEU C 2 16.00 -22.60 2.97
CA LEU C 2 15.35 -22.55 4.27
C LEU C 2 15.21 -23.98 4.79
N ILE C 3 15.79 -24.25 5.95
CA ILE C 3 15.81 -25.61 6.47
C ILE C 3 14.96 -25.77 7.72
N ARG C 4 13.95 -26.62 7.64
CA ARG C 4 13.17 -26.98 8.81
C ARG C 4 13.75 -28.24 9.43
N ILE C 5 14.19 -28.12 10.68
CA ILE C 5 14.76 -29.23 11.41
C ILE C 5 13.86 -29.57 12.59
N ASP C 6 13.15 -30.69 12.47
CA ASP C 6 12.28 -31.17 13.54
C ASP C 6 12.95 -32.34 14.24
N LEU C 7 13.27 -32.14 15.52
CA LEU C 7 13.95 -33.16 16.31
C LEU C 7 13.31 -33.29 17.68
N THR C 8 13.98 -33.97 18.60
CA THR C 8 13.37 -34.29 19.89
C THR C 8 13.93 -33.43 21.03
N SER C 9 13.04 -33.06 21.95
CA SER C 9 13.39 -32.18 23.06
C SER C 9 14.27 -32.88 24.10
N ASP C 10 14.44 -34.18 23.95
CA ASP C 10 15.35 -34.93 24.82
C ASP C 10 16.80 -34.52 24.57
N ARG C 11 17.09 -34.05 23.35
CA ARG C 11 18.42 -33.53 23.05
C ARG C 11 18.62 -32.19 23.71
N SER C 12 19.79 -32.00 24.31
CA SER C 12 20.15 -30.74 24.95
C SER C 12 20.07 -29.60 23.94
N ARG C 13 19.97 -28.37 24.44
CA ARG C 13 19.97 -27.20 23.57
C ARG C 13 21.30 -27.08 22.84
N GLU C 14 22.38 -27.43 23.54
CA GLU C 14 23.72 -27.40 22.96
C GLU C 14 23.79 -28.28 21.72
N GLN C 15 23.29 -29.52 21.85
CA GLN C 15 23.36 -30.48 20.77
C GLN C 15 22.43 -30.10 19.62
N ARG C 16 21.26 -29.58 19.95
CA ARG C 16 20.32 -29.11 18.94
C ARG C 16 20.99 -28.08 18.04
N ARG C 17 21.69 -27.14 18.64
CA ARG C 17 22.37 -26.10 17.88
C ARG C 17 23.52 -26.68 17.07
N ALA C 18 24.21 -27.67 17.64
CA ALA C 18 25.30 -28.34 16.93
C ALA C 18 24.76 -29.06 15.70
N ILE C 19 23.60 -29.70 15.86
CA ILE C 19 22.94 -30.35 14.73
C ILE C 19 22.64 -29.32 13.64
N ALA C 20 22.11 -28.17 14.04
CA ALA C 20 21.84 -27.09 13.10
C ALA C 20 23.13 -26.63 12.43
N ASP C 21 24.20 -26.49 13.21
CA ASP C 21 25.48 -26.05 12.67
C ASP C 21 26.01 -27.07 11.69
N ALA C 22 25.91 -28.35 12.06
CA ALA C 22 26.34 -29.45 11.21
C ALA C 22 25.65 -29.40 9.85
N VAL C 23 24.33 -29.29 9.87
CA VAL C 23 23.56 -29.24 8.63
C VAL C 23 24.06 -28.10 7.75
N HIS C 24 24.29 -26.94 8.34
CA HIS C 24 24.70 -25.77 7.57
C HIS C 24 26.10 -25.93 7.00
N ASP C 25 27.03 -26.45 7.80
CA ASP C 25 28.40 -26.68 7.31
C ASP C 25 28.33 -27.54 6.06
N ALA C 26 27.52 -28.58 6.12
CA ALA C 26 27.40 -29.54 5.04
C ALA C 26 26.88 -28.89 3.76
N LEU C 27 25.80 -28.15 3.88
CA LEU C 27 25.19 -27.48 2.72
C LEU C 27 26.17 -26.49 2.10
N VAL C 28 26.92 -25.77 2.94
CA VAL C 28 27.91 -24.82 2.44
C VAL C 28 29.02 -25.54 1.67
N GLU C 29 29.52 -26.63 2.24
CA GLU C 29 30.56 -27.41 1.58
C GLU C 29 30.08 -27.96 0.25
N VAL C 30 28.92 -28.61 0.24
CA VAL C 30 28.40 -29.27 -0.95
C VAL C 30 27.85 -28.28 -1.98
N LEU C 31 27.00 -27.36 -1.53
CA LEU C 31 26.27 -26.48 -2.44
C LEU C 31 27.05 -25.22 -2.81
N ALA C 32 28.03 -24.86 -2.00
CA ALA C 32 28.80 -23.63 -2.23
C ALA C 32 27.92 -22.40 -2.12
N ILE C 33 27.00 -22.42 -1.16
CA ILE C 33 26.19 -21.24 -0.85
C ILE C 33 27.00 -20.31 0.05
N PRO C 34 26.64 -19.01 0.08
CA PRO C 34 27.37 -18.09 0.96
C PRO C 34 27.38 -18.59 2.39
N ALA C 35 28.49 -18.38 3.10
CA ALA C 35 28.61 -18.83 4.48
C ALA C 35 27.45 -18.32 5.34
N ARG C 36 26.95 -17.14 5.00
CA ARG C 36 25.90 -16.51 5.81
C ARG C 36 24.50 -16.74 5.23
N ASP C 37 24.41 -17.58 4.19
CA ASP C 37 23.12 -17.96 3.64
C ASP C 37 22.51 -19.02 4.55
N ARG C 38 22.33 -18.66 5.81
CA ARG C 38 21.89 -19.60 6.83
C ARG C 38 20.50 -19.26 7.33
N PHE C 39 19.55 -20.15 7.07
CA PHE C 39 18.17 -19.94 7.46
C PHE C 39 17.54 -21.23 7.91
N GLN C 40 17.34 -21.35 9.21
CA GLN C 40 16.94 -22.62 9.82
C GLN C 40 15.89 -22.39 10.89
N ILE C 41 14.94 -23.32 10.97
CA ILE C 41 13.94 -23.32 12.03
C ILE C 41 14.01 -24.64 12.79
N LEU C 42 14.48 -24.58 14.02
CA LEU C 42 14.58 -25.75 14.87
C LEU C 42 13.30 -25.90 15.69
N THR C 43 12.60 -27.00 15.47
CA THR C 43 11.40 -27.31 16.24
C THR C 43 11.60 -28.60 17.01
N ALA C 44 11.64 -28.51 18.33
CA ALA C 44 11.81 -29.68 19.17
C ALA C 44 10.44 -30.25 19.56
N HIS C 45 10.39 -31.58 19.66
CA HIS C 45 9.15 -32.29 19.94
C HIS C 45 9.39 -33.36 20.99
N ASP C 46 8.33 -33.76 21.68
CA ASP C 46 8.38 -35.01 22.42
C ASP C 46 8.55 -36.09 21.38
N PRO C 47 9.37 -37.11 21.66
CA PRO C 47 9.62 -38.14 20.64
C PRO C 47 8.35 -38.80 20.11
N SER C 48 7.30 -38.84 20.92
CA SER C 48 6.04 -39.44 20.51
C SER C 48 5.43 -38.71 19.31
N ASP C 49 5.77 -37.42 19.16
CA ASP C 49 5.22 -36.60 18.07
C ASP C 49 5.87 -36.88 16.72
N ILE C 50 7.08 -37.43 16.73
CA ILE C 50 7.76 -37.80 15.50
C ILE C 50 7.70 -39.30 15.27
N ILE C 51 7.02 -39.69 14.19
CA ILE C 51 6.92 -41.09 13.82
C ILE C 51 7.64 -41.32 12.50
N ALA C 52 8.76 -42.02 12.55
CA ALA C 52 9.61 -42.22 11.38
C ALA C 52 10.11 -43.65 11.33
N GLU C 53 9.53 -44.45 10.45
CA GLU C 53 9.92 -45.86 10.32
C GLU C 53 10.92 -46.05 9.16
N ASP C 54 10.79 -47.13 8.40
CA ASP C 54 11.85 -47.48 7.45
C ASP C 54 11.40 -47.71 6.00
N ALA C 55 10.13 -47.49 5.72
CA ALA C 55 9.57 -47.77 4.40
C ALA C 55 9.87 -49.21 3.97
N GLY C 56 10.07 -50.08 4.94
CA GLY C 56 10.28 -51.50 4.67
C GLY C 56 11.68 -51.85 4.22
N LEU C 57 12.65 -50.98 4.48
CA LEU C 57 14.04 -51.26 4.11
C LEU C 57 14.66 -52.31 5.03
N GLY C 58 14.29 -52.27 6.31
CA GLY C 58 14.70 -53.28 7.26
C GLY C 58 15.70 -52.78 8.29
N PHE C 59 15.31 -51.74 9.02
CA PHE C 59 16.12 -51.21 10.10
C PHE C 59 15.22 -50.43 11.04
N GLN C 60 15.63 -50.31 12.30
CA GLN C 60 14.87 -49.55 13.27
C GLN C 60 15.62 -48.26 13.60
N ARG C 61 14.89 -47.27 14.08
CA ARG C 61 15.49 -46.03 14.54
C ARG C 61 15.33 -45.95 16.05
N SER C 62 16.14 -45.12 16.69
CA SER C 62 15.90 -44.79 18.08
C SER C 62 14.79 -43.75 18.09
N PRO C 63 14.31 -43.37 19.27
CA PRO C 63 13.29 -42.32 19.38
C PRO C 63 13.84 -40.93 19.00
N SER C 64 15.15 -40.77 19.08
CA SER C 64 15.78 -39.47 18.83
C SER C 64 15.95 -39.22 17.33
N VAL C 65 14.85 -39.24 16.59
CA VAL C 65 14.89 -39.00 15.16
C VAL C 65 15.22 -37.53 14.90
N VAL C 66 15.90 -37.28 13.78
CA VAL C 66 16.09 -35.92 13.29
C VAL C 66 15.58 -35.83 11.85
N ILE C 67 14.55 -35.03 11.65
CA ILE C 67 14.02 -34.81 10.31
C ILE C 67 14.48 -33.46 9.78
N ILE C 68 15.08 -33.49 8.61
CA ILE C 68 15.62 -32.29 7.98
C ILE C 68 14.93 -32.04 6.65
N HIS C 69 14.21 -30.93 6.55
CA HIS C 69 13.46 -30.60 5.35
C HIS C 69 14.07 -29.37 4.69
N VAL C 70 14.61 -29.57 3.50
CA VAL C 70 15.38 -28.54 2.81
C VAL C 70 14.55 -27.85 1.74
N PHE C 71 14.29 -26.56 1.93
CA PHE C 71 13.62 -25.76 0.91
C PHE C 71 14.65 -24.91 0.19
N THR C 72 14.86 -25.21 -1.08
CA THR C 72 15.93 -24.61 -1.86
C THR C 72 15.45 -24.41 -3.28
N GLN C 73 16.14 -23.58 -4.05
CA GLN C 73 15.71 -23.33 -5.42
C GLN C 73 16.15 -24.42 -6.38
N ALA C 74 15.33 -24.68 -7.38
CA ALA C 74 15.60 -25.70 -8.39
C ALA C 74 16.96 -25.47 -9.03
N GLY C 75 17.48 -26.49 -9.70
CA GLY C 75 18.73 -26.39 -10.44
C GLY C 75 19.77 -27.43 -10.07
N ARG C 76 19.72 -27.95 -8.84
CA ARG C 76 20.74 -28.87 -8.37
C ARG C 76 20.57 -30.26 -8.99
N THR C 77 21.67 -30.87 -9.40
CA THR C 77 21.65 -32.17 -10.05
C THR C 77 21.32 -33.28 -9.05
N ILE C 78 20.99 -34.46 -9.57
CA ILE C 78 20.70 -35.60 -8.73
C ILE C 78 21.89 -35.97 -7.85
N GLU C 79 23.09 -35.97 -8.43
CA GLU C 79 24.28 -36.37 -7.69
C GLU C 79 24.62 -35.34 -6.61
N THR C 80 24.38 -34.07 -6.89
CA THR C 80 24.61 -33.02 -5.91
C THR C 80 23.69 -33.23 -4.71
N LYS C 81 22.44 -33.60 -4.99
CA LYS C 81 21.48 -33.88 -3.93
C LYS C 81 21.91 -35.10 -3.11
N GLN C 82 22.48 -36.10 -3.79
CA GLN C 82 23.02 -37.25 -3.10
C GLN C 82 24.17 -36.83 -2.20
N ARG C 83 25.02 -35.94 -2.71
CA ARG C 83 26.13 -35.41 -1.93
C ARG C 83 25.63 -34.71 -0.66
N VAL C 84 24.59 -33.90 -0.80
CA VAL C 84 23.98 -33.23 0.35
C VAL C 84 23.59 -34.25 1.43
N PHE C 85 22.85 -35.26 1.05
CA PHE C 85 22.38 -36.27 2.00
C PHE C 85 23.55 -36.92 2.74
N ALA C 86 24.55 -37.36 1.98
CA ALA C 86 25.74 -37.99 2.56
C ALA C 86 26.49 -37.02 3.46
N ALA C 87 26.61 -35.78 3.02
CA ALA C 87 27.38 -34.77 3.75
C ALA C 87 26.72 -34.44 5.08
N ILE C 88 25.40 -34.24 5.07
CA ILE C 88 24.68 -33.92 6.29
C ILE C 88 24.77 -35.09 7.30
N THR C 89 24.50 -36.30 6.84
CA THR C 89 24.51 -37.45 7.73
C THR C 89 25.89 -37.66 8.34
N GLU C 90 26.93 -37.50 7.54
CA GLU C 90 28.30 -37.71 8.01
C GLU C 90 28.66 -36.67 9.07
N SER C 91 28.22 -35.43 8.85
CA SER C 91 28.56 -34.34 9.75
C SER C 91 27.78 -34.44 11.06
N LEU C 92 26.67 -35.18 11.03
CA LEU C 92 25.84 -35.36 12.21
C LEU C 92 26.27 -36.54 13.07
N ALA C 93 27.01 -37.47 12.47
CA ALA C 93 27.39 -38.70 13.18
C ALA C 93 28.15 -38.44 14.47
N PRO C 94 29.23 -37.64 14.39
CA PRO C 94 30.04 -37.37 15.58
C PRO C 94 29.32 -36.59 16.69
N ILE C 95 28.25 -35.87 16.35
CA ILE C 95 27.55 -35.09 17.37
C ILE C 95 26.31 -35.80 17.91
N GLY C 96 26.29 -37.13 17.77
CA GLY C 96 25.32 -37.97 18.44
C GLY C 96 24.02 -38.19 17.69
N VAL C 97 24.05 -38.05 16.37
CA VAL C 97 22.90 -38.37 15.54
C VAL C 97 23.23 -39.54 14.62
N ALA C 98 22.60 -40.68 14.85
CA ALA C 98 22.90 -41.89 14.09
C ALA C 98 22.31 -41.84 12.68
N GLY C 99 22.97 -42.53 11.75
CA GLY C 99 22.52 -42.59 10.37
C GLY C 99 21.10 -43.11 10.25
N SER C 100 20.76 -44.05 11.12
CA SER C 100 19.42 -44.65 11.13
C SER C 100 18.36 -43.63 11.51
N ASP C 101 18.77 -42.56 12.19
CA ASP C 101 17.83 -41.59 12.75
C ASP C 101 17.73 -40.32 11.93
N VAL C 102 18.32 -40.32 10.74
CA VAL C 102 18.23 -39.16 9.86
C VAL C 102 17.24 -39.41 8.73
N PHE C 103 16.36 -38.43 8.52
CA PHE C 103 15.44 -38.44 7.40
C PHE C 103 15.51 -37.07 6.73
N ILE C 104 15.68 -37.06 5.41
CA ILE C 104 15.89 -35.81 4.70
C ILE C 104 14.97 -35.69 3.49
N ALA C 105 14.39 -34.52 3.30
CA ALA C 105 13.51 -34.26 2.16
C ALA C 105 13.82 -32.91 1.52
N ILE C 106 13.76 -32.87 0.20
CA ILE C 106 13.99 -31.62 -0.54
C ILE C 106 12.72 -31.16 -1.25
N THR C 107 12.45 -29.86 -1.15
CA THR C 107 11.31 -29.25 -1.82
C THR C 107 11.78 -27.99 -2.53
N GLU C 108 11.58 -27.94 -3.84
CA GLU C 108 12.15 -26.86 -4.64
C GLU C 108 11.20 -25.71 -4.95
N ASN C 109 11.78 -24.54 -5.23
CA ASN C 109 11.08 -23.41 -5.79
C ASN C 109 12.05 -22.63 -6.69
N ALA C 110 11.78 -21.35 -6.94
CA ALA C 110 12.62 -20.56 -7.86
C ALA C 110 13.21 -19.33 -7.16
N PRO C 111 14.19 -18.67 -7.81
CA PRO C 111 14.84 -17.49 -7.23
C PRO C 111 13.86 -16.38 -6.86
N HIS C 112 12.83 -16.20 -7.68
CA HIS C 112 11.85 -15.13 -7.43
C HIS C 112 10.90 -15.49 -6.28
N ASP C 113 11.11 -16.64 -5.66
CA ASP C 113 10.26 -17.09 -4.57
C ASP C 113 10.86 -16.78 -3.20
N TRP C 114 11.79 -15.83 -3.16
CA TRP C 114 12.52 -15.53 -1.94
C TRP C 114 12.61 -14.03 -1.63
N SER C 115 12.33 -13.68 -0.38
CA SER C 115 12.66 -12.35 0.14
C SER C 115 13.48 -12.50 1.41
N PHE C 116 14.70 -11.97 1.39
CA PHE C 116 15.62 -12.10 2.52
C PHE C 116 15.44 -10.99 3.53
N GLY C 117 14.64 -9.99 3.20
CA GLY C 117 14.38 -8.89 4.10
C GLY C 117 13.94 -7.64 3.36
N PHE C 118 13.32 -6.72 4.09
CA PHE C 118 13.00 -5.39 3.58
C PHE C 118 11.98 -5.41 2.45
N GLY C 119 11.24 -6.52 2.34
CA GLY C 119 10.20 -6.63 1.32
C GLY C 119 10.78 -6.68 -0.08
N SER C 120 12.01 -7.16 -0.20
CA SER C 120 12.71 -7.19 -1.47
C SER C 120 13.01 -8.62 -1.90
N ALA C 121 12.86 -8.90 -3.20
CA ALA C 121 13.28 -10.17 -3.77
C ALA C 121 14.68 -9.98 -4.37
N GLN C 122 15.69 -10.32 -3.58
CA GLN C 122 17.07 -9.96 -3.93
C GLN C 122 17.65 -10.70 -5.14
N TYR C 123 17.16 -11.91 -5.42
CA TYR C 123 17.61 -12.63 -6.61
C TYR C 123 17.06 -11.96 -7.86
N VAL C 124 15.84 -11.44 -7.77
CA VAL C 124 15.19 -10.82 -8.91
C VAL C 124 15.82 -9.47 -9.23
N THR C 125 16.16 -8.70 -8.19
CA THR C 125 16.78 -7.40 -8.39
C THR C 125 18.24 -7.56 -8.80
N GLY C 126 18.84 -8.67 -8.38
CA GLY C 126 20.24 -8.93 -8.68
C GLY C 126 21.17 -8.49 -7.58
N GLU C 127 20.61 -7.96 -6.49
CA GLU C 127 21.42 -7.59 -5.33
C GLU C 127 22.14 -8.82 -4.79
N LEU C 128 21.49 -9.98 -4.93
CA LEU C 128 22.07 -11.24 -4.50
C LEU C 128 22.25 -12.14 -5.72
N ALA C 129 23.44 -12.71 -5.87
CA ALA C 129 23.75 -13.53 -7.02
C ALA C 129 23.08 -14.89 -6.90
N ILE C 130 22.51 -15.37 -8.00
CA ILE C 130 21.95 -16.71 -8.05
C ILE C 130 23.06 -17.77 -8.15
N PRO C 131 22.90 -18.90 -7.46
CA PRO C 131 23.88 -19.99 -7.60
C PRO C 131 23.90 -20.57 -9.01
N PRO D 1 19.07 26.72 -24.59
CA PRO D 1 18.26 25.89 -23.70
C PRO D 1 16.77 26.05 -23.99
N LEU D 2 15.97 25.09 -23.56
CA LEU D 2 14.52 25.16 -23.72
C LEU D 2 13.87 25.35 -22.36
N ILE D 3 13.13 26.46 -22.22
CA ILE D 3 12.52 26.82 -20.95
C ILE D 3 11.02 26.60 -20.96
N ARG D 4 10.54 25.71 -20.11
CA ARG D 4 9.10 25.60 -19.88
C ARG D 4 8.73 26.43 -18.66
N ILE D 5 7.99 27.50 -18.89
CA ILE D 5 7.52 28.34 -17.80
C ILE D 5 6.03 28.09 -17.59
N ASP D 6 5.69 27.54 -16.43
CA ASP D 6 4.31 27.28 -16.08
C ASP D 6 3.88 28.20 -14.96
N LEU D 7 2.95 29.12 -15.26
CA LEU D 7 2.45 30.05 -14.26
C LEU D 7 0.92 30.10 -14.29
N THR D 8 0.33 31.12 -13.67
CA THR D 8 -1.11 31.14 -13.44
C THR D 8 -1.79 32.28 -14.17
N SER D 9 -3.04 32.05 -14.58
CA SER D 9 -3.77 32.96 -15.47
C SER D 9 -4.12 34.31 -14.83
N ASP D 10 -4.05 34.41 -13.52
CA ASP D 10 -4.35 35.67 -12.85
C ASP D 10 -3.36 36.77 -13.22
N ARG D 11 -2.19 36.38 -13.75
CA ARG D 11 -1.23 37.37 -14.22
C ARG D 11 -1.60 37.81 -15.63
N SER D 12 -1.46 39.12 -15.88
CA SER D 12 -1.79 39.68 -17.18
C SER D 12 -0.91 39.07 -18.27
N ARG D 13 -1.41 39.08 -19.51
CA ARG D 13 -0.62 38.65 -20.64
C ARG D 13 0.72 39.39 -20.62
N GLU D 14 0.67 40.65 -20.23
CA GLU D 14 1.85 41.52 -20.24
C GLU D 14 2.91 41.02 -19.27
N GLN D 15 2.49 40.68 -18.05
CA GLN D 15 3.42 40.26 -17.01
C GLN D 15 4.08 38.94 -17.37
N ARG D 16 3.30 38.02 -17.93
CA ARG D 16 3.80 36.71 -18.33
C ARG D 16 5.00 36.88 -19.25
N ARG D 17 4.84 37.77 -20.23
CA ARG D 17 5.88 38.04 -21.21
C ARG D 17 7.06 38.72 -20.54
N ALA D 18 6.79 39.63 -19.60
CA ALA D 18 7.84 40.29 -18.84
C ALA D 18 8.63 39.24 -18.05
N ILE D 19 7.91 38.31 -17.43
CA ILE D 19 8.54 37.19 -16.75
C ILE D 19 9.42 36.43 -17.73
N ALA D 20 8.85 36.06 -18.87
CA ALA D 20 9.58 35.32 -19.89
C ALA D 20 10.84 36.08 -20.33
N ASP D 21 10.70 37.39 -20.57
CA ASP D 21 11.84 38.21 -20.95
C ASP D 21 12.91 38.20 -19.85
N ALA D 22 12.47 38.35 -18.61
CA ALA D 22 13.40 38.46 -17.49
C ALA D 22 14.19 37.17 -17.30
N VAL D 23 13.51 36.04 -17.36
CA VAL D 23 14.19 34.75 -17.27
C VAL D 23 15.28 34.67 -18.32
N HIS D 24 14.96 35.03 -19.56
CA HIS D 24 15.93 34.93 -20.63
C HIS D 24 17.15 35.80 -20.36
N ASP D 25 16.92 37.09 -20.12
CA ASP D 25 18.02 38.02 -19.86
C ASP D 25 18.92 37.46 -18.77
N ALA D 26 18.31 36.89 -17.74
CA ALA D 26 19.05 36.30 -16.65
C ALA D 26 19.91 35.14 -17.15
N LEU D 27 19.32 34.28 -17.96
CA LEU D 27 20.04 33.15 -18.53
C LEU D 27 21.17 33.59 -19.46
N VAL D 28 20.94 34.64 -20.22
CA VAL D 28 21.98 35.17 -21.11
C VAL D 28 23.13 35.72 -20.28
N GLU D 29 22.81 36.47 -19.23
CA GLU D 29 23.82 37.08 -18.39
C GLU D 29 24.70 36.03 -17.72
N VAL D 30 24.08 35.02 -17.12
CA VAL D 30 24.82 34.03 -16.34
C VAL D 30 25.51 32.98 -17.20
N LEU D 31 24.77 32.38 -18.14
CA LEU D 31 25.29 31.27 -18.92
C LEU D 31 26.12 31.72 -20.12
N ALA D 32 25.98 33.00 -20.48
CA ALA D 32 26.71 33.55 -21.62
C ALA D 32 26.31 32.87 -22.92
N ILE D 33 25.06 32.38 -22.99
CA ILE D 33 24.52 31.85 -24.24
C ILE D 33 24.24 33.00 -25.20
N PRO D 34 24.11 32.69 -26.49
CA PRO D 34 23.78 33.70 -27.50
C PRO D 34 22.48 34.44 -27.15
N ALA D 35 22.44 35.73 -27.46
CA ALA D 35 21.28 36.56 -27.18
C ALA D 35 19.99 35.96 -27.75
N ARG D 36 20.08 35.36 -28.94
CA ARG D 36 18.90 34.82 -29.60
C ARG D 36 18.74 33.32 -29.36
N ASP D 37 19.48 32.78 -28.40
CA ASP D 37 19.29 31.40 -27.99
C ASP D 37 18.13 31.39 -27.00
N ARG D 38 16.97 31.79 -27.50
CA ARG D 38 15.78 31.95 -26.66
C ARG D 38 14.69 30.99 -27.13
N PHE D 39 14.40 30.01 -26.30
CA PHE D 39 13.37 29.02 -26.62
C PHE D 39 12.53 28.75 -25.38
N GLN D 40 11.29 29.23 -25.41
CA GLN D 40 10.44 29.21 -24.23
C GLN D 40 9.01 28.81 -24.54
N ILE D 41 8.40 28.05 -23.65
CA ILE D 41 7.00 27.68 -23.76
C ILE D 41 6.25 28.18 -22.53
N LEU D 42 5.30 29.08 -22.74
CA LEU D 42 4.52 29.65 -21.64
C LEU D 42 3.16 28.99 -21.50
N THR D 43 2.98 28.31 -20.37
CA THR D 43 1.71 27.65 -20.09
C THR D 43 1.07 28.25 -18.85
N ALA D 44 -0.01 29.00 -19.05
CA ALA D 44 -0.77 29.59 -17.95
C ALA D 44 -1.88 28.65 -17.51
N HIS D 45 -2.08 28.56 -16.20
CA HIS D 45 -3.08 27.67 -15.63
C HIS D 45 -4.00 28.42 -14.70
N ASP D 46 -5.19 27.85 -14.48
CA ASP D 46 -5.93 28.14 -13.27
C ASP D 46 -4.98 27.83 -12.12
N PRO D 47 -4.86 28.76 -11.16
CA PRO D 47 -3.91 28.59 -10.05
C PRO D 47 -4.07 27.25 -9.34
N SER D 48 -5.29 26.71 -9.37
CA SER D 48 -5.59 25.46 -8.68
C SER D 48 -4.90 24.26 -9.33
N ASP D 49 -4.51 24.42 -10.58
CA ASP D 49 -3.89 23.33 -11.33
C ASP D 49 -2.37 23.28 -11.11
N ILE D 50 -1.86 24.22 -10.33
CA ILE D 50 -0.47 24.17 -9.88
C ILE D 50 -0.44 24.09 -8.36
N ILE D 51 0.20 23.05 -7.83
CA ILE D 51 0.31 22.87 -6.39
C ILE D 51 1.78 22.83 -5.98
N ALA D 52 2.26 23.93 -5.42
CA ALA D 52 3.67 24.06 -5.05
C ALA D 52 3.79 24.52 -3.60
N GLU D 53 4.25 23.62 -2.74
CA GLU D 53 4.42 23.94 -1.32
C GLU D 53 5.87 24.30 -1.01
N ASP D 54 6.38 23.94 0.16
CA ASP D 54 7.68 24.43 0.59
C ASP D 54 8.67 23.33 1.00
N ALA D 55 8.36 22.09 0.65
CA ALA D 55 9.19 20.95 1.05
C ALA D 55 9.57 21.02 2.53
N GLY D 56 8.67 21.57 3.34
CA GLY D 56 8.87 21.63 4.78
C GLY D 56 9.86 22.69 5.24
N LEU D 57 10.22 23.60 4.33
CA LEU D 57 11.25 24.60 4.63
C LEU D 57 10.72 25.74 5.50
N GLY D 58 9.40 25.89 5.57
CA GLY D 58 8.79 26.83 6.49
C GLY D 58 8.44 28.19 5.89
N PHE D 59 7.87 28.20 4.70
CA PHE D 59 7.35 29.43 4.11
C PHE D 59 6.08 29.19 3.31
N GLN D 60 5.40 30.26 2.93
CA GLN D 60 4.16 30.18 2.18
C GLN D 60 4.31 30.88 0.83
N ARG D 61 3.65 30.33 -0.19
CA ARG D 61 3.61 30.98 -1.50
C ARG D 61 2.20 31.50 -1.75
N SER D 62 2.09 32.51 -2.60
CA SER D 62 0.81 32.90 -3.15
C SER D 62 0.35 31.80 -4.09
N PRO D 63 -0.91 31.87 -4.56
CA PRO D 63 -1.41 30.96 -5.59
C PRO D 63 -0.71 31.20 -6.93
N SER D 64 -0.18 32.40 -7.10
CA SER D 64 0.41 32.82 -8.35
C SER D 64 1.85 32.33 -8.48
N VAL D 65 2.01 31.01 -8.48
CA VAL D 65 3.33 30.38 -8.58
C VAL D 65 3.87 30.45 -10.01
N VAL D 66 5.19 30.58 -10.12
CA VAL D 66 5.87 30.47 -11.41
C VAL D 66 6.90 29.34 -11.36
N ILE D 67 6.65 28.30 -12.16
CA ILE D 67 7.59 27.18 -12.23
C ILE D 67 8.40 27.25 -13.52
N ILE D 68 9.72 27.33 -13.36
CA ILE D 68 10.63 27.43 -14.50
C ILE D 68 11.43 26.15 -14.65
N HIS D 69 11.19 25.43 -15.74
CA HIS D 69 11.88 24.18 -15.98
C HIS D 69 12.88 24.32 -17.12
N VAL D 70 14.16 24.34 -16.76
CA VAL D 70 15.23 24.58 -17.71
C VAL D 70 15.79 23.28 -18.27
N PHE D 71 15.66 23.09 -19.58
CA PHE D 71 16.29 21.95 -20.25
C PHE D 71 17.50 22.46 -21.01
N THR D 72 18.68 22.10 -20.52
CA THR D 72 19.93 22.63 -21.03
C THR D 72 20.97 21.52 -21.03
N GLN D 73 22.02 21.67 -21.84
CA GLN D 73 23.02 20.63 -21.93
C GLN D 73 23.94 20.58 -20.71
N ALA D 74 24.32 19.36 -20.33
CA ALA D 74 25.27 19.14 -19.25
C ALA D 74 26.51 19.99 -19.47
N GLY D 75 27.24 20.26 -18.40
CA GLY D 75 28.48 21.01 -18.51
C GLY D 75 28.61 22.12 -17.47
N ARG D 76 27.47 22.63 -17.01
CA ARG D 76 27.47 23.75 -16.08
C ARG D 76 27.80 23.27 -14.67
N THR D 77 28.61 24.07 -13.96
CA THR D 77 29.00 23.74 -12.59
C THR D 77 27.89 24.06 -11.60
N ILE D 78 28.07 23.58 -10.37
CA ILE D 78 27.10 23.82 -9.31
C ILE D 78 26.99 25.29 -8.97
N GLU D 79 28.12 26.00 -8.99
CA GLU D 79 28.14 27.42 -8.67
C GLU D 79 27.41 28.22 -9.75
N THR D 80 27.67 27.87 -11.01
CA THR D 80 27.02 28.54 -12.12
C THR D 80 25.51 28.37 -12.06
N LYS D 81 25.06 27.18 -11.65
CA LYS D 81 23.63 26.93 -11.50
C LYS D 81 23.07 27.72 -10.33
N GLN D 82 23.89 27.90 -9.29
CA GLN D 82 23.48 28.73 -8.16
C GLN D 82 23.27 30.17 -8.62
N ARG D 83 24.11 30.63 -9.55
CA ARG D 83 23.98 31.97 -10.10
C ARG D 83 22.76 32.11 -10.99
N VAL D 84 22.38 31.04 -11.69
CA VAL D 84 21.17 31.07 -12.51
C VAL D 84 19.93 31.23 -11.62
N PHE D 85 19.84 30.41 -10.59
CA PHE D 85 18.71 30.46 -9.68
C PHE D 85 18.58 31.85 -9.06
N ALA D 86 19.71 32.45 -8.70
CA ALA D 86 19.71 33.76 -8.05
C ALA D 86 19.35 34.87 -9.03
N ALA D 87 19.96 34.84 -10.21
CA ALA D 87 19.70 35.87 -11.21
C ALA D 87 18.25 35.85 -11.66
N ILE D 88 17.73 34.66 -11.92
CA ILE D 88 16.33 34.51 -12.32
C ILE D 88 15.40 35.07 -11.25
N THR D 89 15.52 34.57 -10.03
CA THR D 89 14.67 35.03 -8.93
C THR D 89 14.78 36.54 -8.74
N GLU D 90 16.01 37.04 -8.74
CA GLU D 90 16.26 38.45 -8.53
C GLU D 90 15.64 39.34 -9.62
N SER D 91 15.58 38.82 -10.84
CA SER D 91 15.10 39.60 -11.97
C SER D 91 13.57 39.65 -12.00
N LEU D 92 12.94 38.74 -11.27
CA LEU D 92 11.48 38.64 -11.28
C LEU D 92 10.83 39.51 -10.21
N ALA D 93 11.56 39.82 -9.15
CA ALA D 93 11.01 40.60 -8.05
C ALA D 93 10.40 41.92 -8.53
N PRO D 94 11.14 42.69 -9.35
CA PRO D 94 10.61 43.98 -9.80
C PRO D 94 9.40 43.83 -10.72
N ILE D 95 9.29 42.70 -11.40
CA ILE D 95 8.15 42.44 -12.28
C ILE D 95 6.91 42.06 -11.46
N GLY D 96 7.13 41.76 -10.19
CA GLY D 96 6.03 41.45 -9.29
C GLY D 96 5.88 39.97 -9.01
N VAL D 97 7.01 39.25 -9.00
CA VAL D 97 7.00 37.84 -8.61
C VAL D 97 7.84 37.70 -7.34
N ALA D 98 7.18 37.34 -6.25
CA ALA D 98 7.86 37.19 -4.97
C ALA D 98 8.83 36.02 -5.02
N GLY D 99 9.93 36.13 -4.27
CA GLY D 99 10.92 35.08 -4.25
C GLY D 99 10.32 33.78 -3.77
N SER D 100 9.32 33.90 -2.90
CA SER D 100 8.58 32.75 -2.38
C SER D 100 7.89 31.96 -3.48
N ASP D 101 7.50 32.66 -4.54
CA ASP D 101 6.64 32.08 -5.56
C ASP D 101 7.40 31.52 -6.76
N VAL D 102 8.72 31.43 -6.64
CA VAL D 102 9.56 30.95 -7.74
C VAL D 102 10.10 29.56 -7.45
N PHE D 103 9.97 28.67 -8.43
CA PHE D 103 10.48 27.30 -8.32
C PHE D 103 11.19 26.98 -9.63
N ILE D 104 12.43 26.52 -9.53
CA ILE D 104 13.24 26.27 -10.72
C ILE D 104 13.83 24.86 -10.69
N ALA D 105 13.84 24.21 -11.85
CA ALA D 105 14.45 22.90 -11.98
C ALA D 105 15.25 22.82 -13.27
N ILE D 106 16.31 22.02 -13.24
CA ILE D 106 17.15 21.83 -14.42
C ILE D 106 17.24 20.35 -14.80
N THR D 107 17.04 20.08 -16.08
CA THR D 107 17.13 18.73 -16.60
C THR D 107 18.14 18.78 -17.75
N GLU D 108 19.09 17.84 -17.76
CA GLU D 108 20.22 17.95 -18.67
C GLU D 108 20.23 16.93 -19.81
N ASN D 109 20.95 17.31 -20.87
CA ASN D 109 21.17 16.43 -22.02
C ASN D 109 22.48 16.81 -22.71
N ALA D 110 22.71 16.27 -23.90
CA ALA D 110 23.95 16.52 -24.64
C ALA D 110 23.72 17.45 -25.84
N PRO D 111 24.80 17.97 -26.42
CA PRO D 111 24.68 18.82 -27.61
C PRO D 111 24.01 18.12 -28.80
N HIS D 112 24.19 16.82 -28.91
CA HIS D 112 23.59 16.05 -30.01
C HIS D 112 22.12 15.74 -29.76
N ASP D 113 21.56 16.29 -28.69
CA ASP D 113 20.16 16.06 -28.36
C ASP D 113 19.29 17.22 -28.80
N TRP D 114 19.81 18.04 -29.72
CA TRP D 114 19.12 19.26 -30.14
C TRP D 114 19.07 19.41 -31.66
N SER D 115 17.91 19.82 -32.15
CA SER D 115 17.79 20.33 -33.51
C SER D 115 17.09 21.69 -33.45
N PHE D 116 17.74 22.71 -33.99
CA PHE D 116 17.20 24.07 -33.94
C PHE D 116 16.32 24.37 -35.15
N GLY D 117 16.26 23.43 -36.08
CA GLY D 117 15.38 23.53 -37.22
C GLY D 117 16.00 22.91 -38.45
N PHE D 118 15.22 22.82 -39.53
CA PHE D 118 15.72 22.34 -40.81
C PHE D 118 16.23 20.90 -40.78
N GLY D 119 15.91 20.18 -39.72
CA GLY D 119 16.23 18.76 -39.64
C GLY D 119 17.69 18.50 -39.34
N SER D 120 18.39 19.52 -38.87
CA SER D 120 19.82 19.39 -38.58
C SER D 120 20.09 19.53 -37.09
N ALA D 121 21.21 18.96 -36.66
CA ALA D 121 21.68 19.08 -35.29
C ALA D 121 22.90 20.00 -35.29
N GLN D 122 22.65 21.30 -35.15
CA GLN D 122 23.66 22.31 -35.45
C GLN D 122 24.90 22.23 -34.54
N TYR D 123 24.75 21.62 -33.36
CA TYR D 123 25.88 21.45 -32.46
C TYR D 123 26.84 20.40 -33.01
N VAL D 124 26.31 19.33 -33.58
CA VAL D 124 27.14 18.25 -34.09
C VAL D 124 27.74 18.61 -35.46
N THR D 125 26.98 19.30 -36.30
CA THR D 125 27.46 19.70 -37.61
C THR D 125 28.48 20.83 -37.51
N GLY D 126 28.49 21.52 -36.37
CA GLY D 126 29.41 22.61 -36.15
C GLY D 126 28.87 23.97 -36.57
N GLU D 127 27.63 24.01 -37.06
CA GLU D 127 27.02 25.27 -37.45
C GLU D 127 26.89 26.19 -36.23
N LEU D 128 26.71 25.58 -35.06
CA LEU D 128 26.50 26.32 -33.84
C LEU D 128 27.56 25.94 -32.80
N ALA D 129 28.27 26.94 -32.29
CA ALA D 129 29.37 26.70 -31.37
C ALA D 129 28.85 26.25 -30.01
N ILE D 130 29.36 25.11 -29.55
CA ILE D 130 28.97 24.55 -28.26
C ILE D 130 29.41 25.44 -27.10
N PRO D 131 28.48 25.78 -26.20
CA PRO D 131 28.78 26.69 -25.09
C PRO D 131 29.53 25.98 -23.96
N PRO E 1 10.30 16.01 -5.79
CA PRO E 1 10.10 15.82 -7.23
C PRO E 1 9.15 16.86 -7.81
N LEU E 2 9.23 17.06 -9.12
CA LEU E 2 8.26 17.87 -9.84
C LEU E 2 7.45 16.94 -10.74
N ILE E 3 6.14 16.91 -10.52
CA ILE E 3 5.27 16.01 -11.28
C ILE E 3 4.43 16.81 -12.26
N ARG E 4 4.52 16.45 -13.53
CA ARG E 4 3.65 17.02 -14.54
C ARG E 4 2.58 16.00 -14.86
N ILE E 5 1.34 16.36 -14.58
CA ILE E 5 0.20 15.48 -14.74
C ILE E 5 -0.67 16.00 -15.86
N ASP E 6 -0.81 15.21 -16.92
CA ASP E 6 -1.64 15.60 -18.04
C ASP E 6 -2.81 14.64 -18.17
N LEU E 7 -4.01 15.20 -18.09
CA LEU E 7 -5.24 14.41 -18.12
C LEU E 7 -6.25 15.10 -19.02
N THR E 8 -7.52 14.72 -18.92
CA THR E 8 -8.52 15.22 -19.85
C THR E 8 -9.52 16.19 -19.19
N SER E 9 -10.02 17.11 -20.01
CA SER E 9 -10.87 18.21 -19.54
C SER E 9 -12.17 17.77 -18.89
N ASP E 10 -12.69 16.61 -19.29
CA ASP E 10 -13.99 16.17 -18.81
C ASP E 10 -13.96 15.65 -17.37
N ARG E 11 -12.77 15.52 -16.81
CA ARG E 11 -12.64 15.23 -15.38
C ARG E 11 -12.89 16.50 -14.59
N SER E 12 -13.63 16.39 -13.49
CA SER E 12 -14.01 17.57 -12.71
C SER E 12 -12.84 18.14 -11.93
N ARG E 13 -13.01 19.37 -11.45
CA ARG E 13 -12.00 20.03 -10.63
C ARG E 13 -11.68 19.20 -9.39
N GLU E 14 -12.71 18.69 -8.74
CA GLU E 14 -12.53 17.87 -7.53
C GLU E 14 -11.75 16.60 -7.83
N GLN E 15 -12.02 15.98 -8.97
CA GLN E 15 -11.35 14.73 -9.31
C GLN E 15 -9.91 14.99 -9.72
N ARG E 16 -9.67 16.13 -10.36
CA ARG E 16 -8.32 16.50 -10.75
C ARG E 16 -7.47 16.66 -9.48
N ARG E 17 -8.03 17.31 -8.47
CA ARG E 17 -7.34 17.49 -7.21
C ARG E 17 -7.16 16.16 -6.48
N ALA E 18 -8.18 15.32 -6.48
CA ALA E 18 -8.10 14.02 -5.84
C ALA E 18 -7.01 13.17 -6.50
N ILE E 19 -6.88 13.34 -7.82
CA ILE E 19 -5.86 12.62 -8.57
C ILE E 19 -4.47 13.08 -8.15
N ALA E 20 -4.30 14.40 -8.09
CA ALA E 20 -3.04 14.98 -7.63
C ALA E 20 -2.71 14.54 -6.21
N ASP E 21 -3.71 14.47 -5.34
CA ASP E 21 -3.49 14.06 -3.95
C ASP E 21 -3.01 12.61 -3.89
N ALA E 22 -3.65 11.76 -4.69
CA ALA E 22 -3.31 10.34 -4.73
C ALA E 22 -1.86 10.16 -5.16
N VAL E 23 -1.47 10.86 -6.22
CA VAL E 23 -0.10 10.77 -6.72
C VAL E 23 0.89 11.22 -5.64
N HIS E 24 0.57 12.32 -4.95
CA HIS E 24 1.47 12.81 -3.92
C HIS E 24 1.55 11.84 -2.75
N ASP E 25 0.40 11.32 -2.31
CA ASP E 25 0.37 10.35 -1.22
C ASP E 25 1.19 9.12 -1.57
N ALA E 26 1.10 8.69 -2.81
CA ALA E 26 1.85 7.54 -3.29
C ALA E 26 3.35 7.76 -3.11
N LEU E 27 3.82 8.92 -3.55
CA LEU E 27 5.25 9.24 -3.51
C LEU E 27 5.75 9.36 -2.08
N VAL E 28 4.95 9.98 -1.22
CA VAL E 28 5.31 10.14 0.18
C VAL E 28 5.42 8.77 0.84
N GLU E 29 4.47 7.90 0.50
CA GLU E 29 4.41 6.56 1.08
C GLU E 29 5.62 5.71 0.72
N VAL E 30 6.08 5.81 -0.52
CA VAL E 30 7.14 4.93 -1.02
C VAL E 30 8.53 5.56 -0.95
N LEU E 31 8.64 6.83 -1.32
CA LEU E 31 9.93 7.52 -1.29
C LEU E 31 10.23 8.08 0.08
N ALA E 32 9.19 8.25 0.90
CA ALA E 32 9.34 8.86 2.21
C ALA E 32 9.90 10.28 2.10
N ILE E 33 9.51 10.97 1.02
CA ILE E 33 9.84 12.38 0.86
C ILE E 33 9.04 13.20 1.87
N PRO E 34 9.52 14.41 2.18
CA PRO E 34 8.82 15.33 3.08
C PRO E 34 7.36 15.52 2.69
N ALA E 35 6.48 15.64 3.68
CA ALA E 35 5.05 15.73 3.42
C ALA E 35 4.70 16.91 2.51
N ARG E 36 5.49 17.98 2.61
CA ARG E 36 5.20 19.19 1.83
C ARG E 36 6.16 19.36 0.66
N ASP E 37 6.85 18.28 0.30
CA ASP E 37 7.71 18.29 -0.88
C ASP E 37 6.81 18.02 -2.07
N ARG E 38 5.83 18.90 -2.26
CA ARG E 38 4.79 18.67 -3.25
C ARG E 38 4.86 19.74 -4.33
N PHE E 39 5.10 19.29 -5.56
CA PHE E 39 5.20 20.19 -6.69
C PHE E 39 4.60 19.53 -7.91
N GLN E 40 3.44 20.04 -8.32
CA GLN E 40 2.64 19.40 -9.34
C GLN E 40 2.05 20.41 -10.31
N ILE E 41 2.10 20.08 -11.59
CA ILE E 41 1.43 20.86 -12.62
C ILE E 41 0.39 19.99 -13.29
N LEU E 42 -0.87 20.35 -13.13
CA LEU E 42 -1.96 19.65 -13.82
C LEU E 42 -2.32 20.40 -15.08
N THR E 43 -2.34 19.68 -16.20
CA THR E 43 -2.79 20.26 -17.46
C THR E 43 -3.93 19.43 -18.03
N ALA E 44 -5.04 20.09 -18.38
CA ALA E 44 -6.20 19.41 -18.92
C ALA E 44 -6.22 19.52 -20.43
N HIS E 45 -6.54 18.41 -21.11
CA HIS E 45 -6.65 18.40 -22.56
C HIS E 45 -7.97 17.80 -23.02
N ASP E 46 -8.37 18.15 -24.23
CA ASP E 46 -9.37 17.38 -24.94
C ASP E 46 -8.77 15.99 -25.14
N PRO E 47 -9.58 14.92 -24.99
CA PRO E 47 -9.03 13.57 -25.05
C PRO E 47 -8.18 13.30 -26.29
N SER E 48 -8.53 13.92 -27.41
CA SER E 48 -7.81 13.69 -28.67
C SER E 48 -6.41 14.27 -28.65
N ASP E 49 -6.11 15.08 -27.64
CA ASP E 49 -4.79 15.70 -27.51
C ASP E 49 -3.82 14.80 -26.75
N ILE E 50 -4.35 13.79 -26.07
CA ILE E 50 -3.50 12.78 -25.43
C ILE E 50 -3.66 11.45 -26.15
N ILE E 51 -2.55 10.96 -26.67
CA ILE E 51 -2.53 9.72 -27.45
C ILE E 51 -1.64 8.70 -26.78
N ALA E 52 -2.25 7.69 -26.18
CA ALA E 52 -1.52 6.66 -25.46
C ALA E 52 -2.08 5.30 -25.82
N GLU E 53 -1.33 4.55 -26.62
CA GLU E 53 -1.74 3.22 -27.01
C GLU E 53 -1.12 2.21 -26.04
N ASP E 54 -0.63 1.08 -26.53
CA ASP E 54 -0.20 0.02 -25.61
C ASP E 54 1.19 -0.56 -25.89
N ALA E 55 1.93 0.06 -26.80
CA ALA E 55 3.26 -0.45 -27.16
C ALA E 55 3.18 -1.91 -27.61
N GLY E 56 1.99 -2.36 -27.99
CA GLY E 56 1.80 -3.71 -28.47
C GLY E 56 1.68 -4.73 -27.34
N LEU E 57 1.42 -4.24 -26.14
CA LEU E 57 1.29 -5.12 -24.99
C LEU E 57 0.00 -5.93 -25.04
N GLY E 58 -1.03 -5.36 -25.68
CA GLY E 58 -2.27 -6.08 -25.90
C GLY E 58 -3.39 -5.66 -24.97
N PHE E 59 -3.64 -4.36 -24.87
CA PHE E 59 -4.76 -3.86 -24.08
C PHE E 59 -5.23 -2.51 -24.59
N GLN E 60 -6.46 -2.16 -24.24
CA GLN E 60 -7.06 -0.89 -24.66
C GLN E 60 -7.27 0.03 -23.48
N ARG E 61 -7.27 1.33 -23.76
CA ARG E 61 -7.51 2.34 -22.73
C ARG E 61 -8.82 3.04 -23.03
N SER E 62 -9.35 3.75 -22.04
CA SER E 62 -10.47 4.64 -22.27
C SER E 62 -9.89 5.96 -22.76
N PRO E 63 -10.75 6.88 -23.20
CA PRO E 63 -10.27 8.20 -23.60
C PRO E 63 -9.74 9.01 -22.42
N SER E 64 -10.07 8.58 -21.21
CA SER E 64 -9.72 9.31 -20.00
C SER E 64 -8.37 8.89 -19.44
N VAL E 65 -7.33 9.08 -20.25
CA VAL E 65 -5.96 8.71 -19.88
C VAL E 65 -5.32 9.77 -18.98
N VAL E 66 -4.46 9.32 -18.07
CA VAL E 66 -3.69 10.19 -17.20
C VAL E 66 -2.20 9.94 -17.37
N ILE E 67 -1.47 10.93 -17.90
CA ILE E 67 -0.02 10.83 -18.00
C ILE E 67 0.64 11.45 -16.78
N ILE E 68 1.57 10.72 -16.19
CA ILE E 68 2.28 11.18 -15.00
C ILE E 68 3.78 11.17 -15.25
N HIS E 69 4.37 12.35 -15.35
CA HIS E 69 5.79 12.47 -15.65
C HIS E 69 6.52 13.00 -14.42
N VAL E 70 7.31 12.13 -13.82
CA VAL E 70 8.01 12.45 -12.58
C VAL E 70 9.43 12.94 -12.85
N PHE E 71 9.74 14.13 -12.36
CA PHE E 71 11.11 14.64 -12.38
C PHE E 71 11.64 14.61 -10.96
N THR E 72 12.60 13.71 -10.73
CA THR E 72 13.11 13.44 -9.40
C THR E 72 14.63 13.29 -9.49
N GLN E 73 15.32 13.49 -8.37
CA GLN E 73 16.77 13.35 -8.39
C GLN E 73 17.17 11.88 -8.43
N ALA E 74 18.29 11.61 -9.09
CA ALA E 74 18.80 10.25 -9.25
C ALA E 74 19.07 9.61 -7.90
N GLY E 75 19.11 8.27 -7.88
CA GLY E 75 19.49 7.56 -6.68
C GLY E 75 18.55 6.43 -6.31
N ARG E 76 17.27 6.59 -6.63
CA ARG E 76 16.28 5.57 -6.30
C ARG E 76 16.59 4.31 -7.10
N THR E 77 16.41 3.16 -6.48
CA THR E 77 16.75 1.89 -7.11
C THR E 77 15.62 1.43 -8.03
N ILE E 78 15.87 0.37 -8.79
CA ILE E 78 14.87 -0.14 -9.74
C ILE E 78 13.60 -0.63 -9.04
N GLU E 79 13.75 -1.46 -8.01
CA GLU E 79 12.59 -2.00 -7.30
C GLU E 79 11.74 -0.90 -6.66
N THR E 80 12.39 0.16 -6.18
CA THR E 80 11.69 1.30 -5.59
C THR E 80 10.83 1.98 -6.66
N LYS E 81 11.41 2.20 -7.84
CA LYS E 81 10.67 2.79 -8.94
C LYS E 81 9.49 1.89 -9.31
N GLN E 82 9.69 0.58 -9.27
CA GLN E 82 8.59 -0.37 -9.46
C GLN E 82 7.50 -0.15 -8.41
N ARG E 83 7.92 -0.05 -7.15
CA ARG E 83 6.98 0.13 -6.05
C ARG E 83 6.23 1.46 -6.20
N VAL E 84 6.92 2.45 -6.73
CA VAL E 84 6.31 3.75 -7.00
C VAL E 84 5.20 3.64 -8.06
N PHE E 85 5.48 2.90 -9.13
CA PHE E 85 4.49 2.73 -10.20
C PHE E 85 3.25 2.03 -9.66
N ALA E 86 3.48 1.01 -8.84
CA ALA E 86 2.40 0.25 -8.22
C ALA E 86 1.58 1.14 -7.29
N ALA E 87 2.28 1.90 -6.45
CA ALA E 87 1.63 2.78 -5.48
C ALA E 87 0.78 3.82 -6.18
N ILE E 88 1.40 4.61 -7.06
CA ILE E 88 0.68 5.60 -7.84
C ILE E 88 -0.59 5.00 -8.45
N THR E 89 -0.46 3.86 -9.12
CA THR E 89 -1.59 3.27 -9.83
C THR E 89 -2.68 2.77 -8.87
N GLU E 90 -2.26 2.09 -7.81
CA GLU E 90 -3.21 1.59 -6.81
C GLU E 90 -3.94 2.75 -6.12
N SER E 91 -3.23 3.83 -5.86
CA SER E 91 -3.81 5.01 -5.22
C SER E 91 -4.86 5.65 -6.12
N LEU E 92 -4.68 5.52 -7.42
CA LEU E 92 -5.55 6.18 -8.40
C LEU E 92 -6.84 5.41 -8.67
N ALA E 93 -6.81 4.10 -8.45
CA ALA E 93 -7.94 3.24 -8.83
C ALA E 93 -9.28 3.74 -8.27
N PRO E 94 -9.34 4.01 -6.96
CA PRO E 94 -10.61 4.48 -6.39
C PRO E 94 -10.94 5.94 -6.75
N ILE E 95 -9.94 6.69 -7.21
CA ILE E 95 -10.16 8.07 -7.63
C ILE E 95 -10.82 8.10 -9.02
N GLY E 96 -11.01 6.93 -9.62
CA GLY E 96 -11.66 6.84 -10.91
C GLY E 96 -10.70 6.91 -12.08
N VAL E 97 -9.46 6.47 -11.85
CA VAL E 97 -8.48 6.35 -12.92
C VAL E 97 -8.07 4.88 -13.02
N ALA E 98 -8.46 4.23 -14.12
CA ALA E 98 -8.24 2.80 -14.28
C ALA E 98 -6.76 2.49 -14.52
N GLY E 99 -6.35 1.30 -14.13
CA GLY E 99 -4.98 0.83 -14.37
C GLY E 99 -4.61 0.94 -15.83
N SER E 100 -5.56 0.63 -16.70
CA SER E 100 -5.36 0.69 -18.14
C SER E 100 -5.04 2.11 -18.61
N ASP E 101 -5.52 3.10 -17.87
CA ASP E 101 -5.47 4.48 -18.32
C ASP E 101 -4.30 5.27 -17.74
N VAL E 102 -3.42 4.60 -17.02
CA VAL E 102 -2.27 5.27 -16.41
C VAL E 102 -0.96 4.98 -17.15
N PHE E 103 -0.20 6.04 -17.41
CA PHE E 103 1.10 5.92 -18.05
C PHE E 103 2.08 6.79 -17.27
N ILE E 104 3.23 6.23 -16.91
CA ILE E 104 4.19 6.94 -16.06
C ILE E 104 5.60 6.93 -16.65
N ALA E 105 6.27 8.08 -16.57
CA ALA E 105 7.69 8.16 -16.93
C ALA E 105 8.47 8.90 -15.85
N ILE E 106 9.72 8.51 -15.65
CA ILE E 106 10.60 9.18 -14.70
C ILE E 106 11.77 9.83 -15.43
N THR E 107 12.14 11.03 -15.01
CA THR E 107 13.29 11.73 -15.57
C THR E 107 14.12 12.28 -14.42
N GLU E 108 15.43 12.08 -14.50
CA GLU E 108 16.30 12.31 -13.35
C GLU E 108 17.25 13.50 -13.49
N ASN E 109 17.61 14.08 -12.35
CA ASN E 109 18.65 15.08 -12.29
C ASN E 109 19.41 14.97 -10.97
N ALA E 110 20.14 16.02 -10.60
CA ALA E 110 20.94 15.99 -9.37
C ALA E 110 20.35 16.95 -8.36
N PRO E 111 20.75 16.81 -7.09
CA PRO E 111 20.22 17.70 -6.05
C PRO E 111 20.50 19.16 -6.35
N HIS E 112 21.62 19.46 -7.00
CA HIS E 112 21.98 20.85 -7.33
C HIS E 112 21.22 21.39 -8.53
N ASP E 113 20.21 20.66 -9.00
CA ASP E 113 19.41 21.10 -10.13
C ASP E 113 18.05 21.63 -9.70
N TRP E 114 17.96 22.07 -8.45
CA TRP E 114 16.67 22.52 -7.90
C TRP E 114 16.79 23.82 -7.13
N SER E 115 15.82 24.70 -7.31
CA SER E 115 15.65 25.85 -6.42
C SER E 115 14.19 25.92 -6.01
N PHE E 116 13.94 25.81 -4.71
CA PHE E 116 12.57 25.77 -4.19
C PHE E 116 12.05 27.17 -3.90
N GLY E 117 12.89 28.18 -4.14
CA GLY E 117 12.49 29.57 -3.95
C GLY E 117 13.62 30.44 -3.45
N PHE E 118 13.42 31.74 -3.54
CA PHE E 118 14.31 32.71 -2.92
C PHE E 118 15.70 32.75 -3.54
N GLY E 119 15.82 32.19 -4.74
CA GLY E 119 17.09 32.26 -5.47
C GLY E 119 18.16 31.39 -4.86
N SER E 120 17.77 30.46 -4.00
CA SER E 120 18.72 29.58 -3.35
C SER E 120 18.65 28.15 -3.89
N ALA E 121 19.72 27.41 -3.66
CA ALA E 121 19.82 26.01 -4.00
C ALA E 121 19.85 25.24 -2.69
N GLN E 122 18.68 24.85 -2.20
CA GLN E 122 18.55 24.38 -0.82
C GLN E 122 19.25 23.06 -0.50
N TYR E 123 19.30 22.14 -1.46
CA TYR E 123 20.10 20.92 -1.26
C TYR E 123 21.59 21.27 -1.21
N VAL E 124 22.01 22.24 -2.01
CA VAL E 124 23.43 22.61 -2.09
C VAL E 124 23.88 23.39 -0.85
N THR E 125 22.96 24.16 -0.26
CA THR E 125 23.30 25.04 0.85
C THR E 125 23.18 24.34 2.20
N GLY E 126 22.49 23.19 2.22
CA GLY E 126 22.31 22.44 3.44
C GLY E 126 20.94 22.65 4.08
N GLU E 127 20.24 23.69 3.64
CA GLU E 127 18.93 24.02 4.19
C GLU E 127 17.98 22.83 4.12
N LEU E 128 18.14 22.02 3.09
CA LEU E 128 17.27 20.89 2.84
C LEU E 128 18.10 19.63 2.66
N ALA E 129 17.82 18.61 3.48
CA ALA E 129 18.61 17.40 3.47
C ALA E 129 18.43 16.63 2.16
N ILE E 130 19.55 16.14 1.61
CA ILE E 130 19.52 15.31 0.43
C ILE E 130 18.77 14.03 0.74
N PRO E 131 17.74 13.71 -0.06
CA PRO E 131 17.06 12.44 0.17
C PRO E 131 18.01 11.27 -0.06
N PRO F 1 8.89 5.95 -26.18
CA PRO F 1 9.18 7.35 -25.92
C PRO F 1 7.91 8.14 -25.65
N LEU F 2 8.02 9.18 -24.83
CA LEU F 2 6.91 10.10 -24.61
C LEU F 2 7.23 11.40 -25.31
N ILE F 3 6.34 11.83 -26.19
CA ILE F 3 6.56 13.03 -26.98
C ILE F 3 5.62 14.14 -26.54
N ARG F 4 6.19 15.26 -26.11
CA ARG F 4 5.40 16.44 -25.81
C ARG F 4 5.54 17.41 -26.97
N ILE F 5 4.42 17.62 -27.67
CA ILE F 5 4.38 18.50 -28.83
C ILE F 5 3.60 19.76 -28.48
N ASP F 6 4.32 20.88 -28.41
CA ASP F 6 3.69 22.18 -28.18
C ASP F 6 3.68 22.95 -29.47
N LEU F 7 2.49 23.40 -29.88
CA LEU F 7 2.34 24.15 -31.11
C LEU F 7 1.24 25.20 -30.92
N THR F 8 0.76 25.77 -32.01
CA THR F 8 -0.17 26.90 -31.92
C THR F 8 -1.61 26.53 -32.28
N SER F 9 -2.55 27.20 -31.63
CA SER F 9 -3.96 26.89 -31.77
C SER F 9 -4.56 27.45 -33.05
N ASP F 10 -3.74 28.13 -33.84
CA ASP F 10 -4.17 28.59 -35.16
C ASP F 10 -4.33 27.39 -36.10
N ARG F 11 -3.56 26.35 -35.87
CA ARG F 11 -3.65 25.15 -36.71
C ARG F 11 -4.90 24.36 -36.36
N SER F 12 -5.56 23.83 -37.39
CA SER F 12 -6.80 23.09 -37.19
C SER F 12 -6.53 21.83 -36.38
N ARG F 13 -7.57 21.29 -35.76
CA ARG F 13 -7.43 20.05 -35.00
C ARG F 13 -6.87 18.95 -35.89
N GLU F 14 -7.38 18.89 -37.12
CA GLU F 14 -7.02 17.82 -38.04
C GLU F 14 -5.54 17.87 -38.45
N GLN F 15 -5.00 19.07 -38.61
CA GLN F 15 -3.58 19.25 -38.91
C GLN F 15 -2.70 18.95 -37.70
N ARG F 16 -3.17 19.32 -36.51
CA ARG F 16 -2.45 19.00 -35.28
C ARG F 16 -2.30 17.49 -35.17
N ARG F 17 -3.40 16.78 -35.43
CA ARG F 17 -3.36 15.32 -35.44
C ARG F 17 -2.37 14.82 -36.49
N ALA F 18 -2.41 15.43 -37.67
CA ALA F 18 -1.53 15.05 -38.76
C ALA F 18 -0.06 15.23 -38.39
N ILE F 19 0.24 16.32 -37.68
CA ILE F 19 1.60 16.56 -37.22
C ILE F 19 2.04 15.45 -36.27
N ALA F 20 1.18 15.10 -35.31
CA ALA F 20 1.48 14.04 -34.37
C ALA F 20 1.65 12.71 -35.10
N ASP F 21 0.82 12.46 -36.11
CA ASP F 21 0.90 11.22 -36.87
C ASP F 21 2.24 11.12 -37.59
N ALA F 22 2.66 12.24 -38.16
CA ALA F 22 3.91 12.30 -38.90
C ALA F 22 5.10 12.07 -37.97
N VAL F 23 5.05 12.68 -36.79
CA VAL F 23 6.14 12.56 -35.83
C VAL F 23 6.31 11.11 -35.40
N HIS F 24 5.18 10.42 -35.20
CA HIS F 24 5.22 9.03 -34.78
C HIS F 24 5.76 8.13 -35.90
N ASP F 25 5.22 8.31 -37.11
CA ASP F 25 5.68 7.56 -38.26
C ASP F 25 7.20 7.66 -38.40
N ALA F 26 7.72 8.87 -38.28
CA ALA F 26 9.15 9.11 -38.38
C ALA F 26 9.91 8.30 -37.33
N LEU F 27 9.36 8.25 -36.12
CA LEU F 27 10.03 7.58 -35.01
C LEU F 27 10.03 6.06 -35.18
N VAL F 28 8.89 5.50 -35.57
CA VAL F 28 8.82 4.07 -35.86
C VAL F 28 9.83 3.74 -36.95
N GLU F 29 9.96 4.67 -37.90
CA GLU F 29 10.85 4.48 -39.04
C GLU F 29 12.31 4.42 -38.63
N VAL F 30 12.78 5.44 -37.92
CA VAL F 30 14.19 5.55 -37.56
C VAL F 30 14.56 4.73 -36.31
N LEU F 31 13.71 4.79 -35.28
CA LEU F 31 14.04 4.14 -34.00
C LEU F 31 13.66 2.67 -33.97
N ALA F 32 12.85 2.23 -34.93
CA ALA F 32 12.39 0.84 -34.97
C ALA F 32 11.54 0.48 -33.76
N ILE F 33 10.86 1.47 -33.18
CA ILE F 33 9.97 1.20 -32.06
C ILE F 33 8.67 0.57 -32.55
N PRO F 34 8.00 -0.21 -31.69
CA PRO F 34 6.73 -0.85 -32.03
C PRO F 34 5.75 0.14 -32.63
N ALA F 35 4.91 -0.32 -33.55
CA ALA F 35 3.94 0.54 -34.21
C ALA F 35 3.04 1.24 -33.19
N ARG F 36 2.66 0.53 -32.14
CA ARG F 36 1.75 1.07 -31.14
C ARG F 36 2.47 1.63 -29.91
N ASP F 37 3.78 1.77 -29.98
CA ASP F 37 4.54 2.42 -28.92
C ASP F 37 4.39 3.93 -29.09
N ARG F 38 3.14 4.39 -29.02
CA ARG F 38 2.80 5.78 -29.31
C ARG F 38 2.27 6.48 -28.06
N PHE F 39 2.99 7.52 -27.64
CA PHE F 39 2.61 8.27 -26.44
C PHE F 39 2.92 9.74 -26.65
N GLN F 40 1.86 10.52 -26.85
CA GLN F 40 2.00 11.90 -27.27
C GLN F 40 1.06 12.82 -26.52
N ILE F 41 1.59 13.99 -26.14
CA ILE F 41 0.79 15.05 -25.56
C ILE F 41 0.84 16.27 -26.47
N LEU F 42 -0.31 16.63 -27.03
CA LEU F 42 -0.39 17.82 -27.86
C LEU F 42 -0.95 18.98 -27.06
N THR F 43 -0.17 20.05 -26.95
CA THR F 43 -0.63 21.26 -26.29
C THR F 43 -0.62 22.40 -27.28
N ALA F 44 -1.80 22.96 -27.55
CA ALA F 44 -1.90 24.10 -28.46
C ALA F 44 -1.97 25.39 -27.66
N HIS F 45 -1.19 26.38 -28.07
CA HIS F 45 -1.13 27.67 -27.40
C HIS F 45 -1.51 28.78 -28.35
N ASP F 46 -1.70 29.97 -27.80
CA ASP F 46 -1.70 31.16 -28.62
C ASP F 46 -0.24 31.41 -29.01
N PRO F 47 0.00 31.84 -30.25
CA PRO F 47 1.37 31.99 -30.75
C PRO F 47 2.28 32.78 -29.82
N SER F 48 1.73 33.77 -29.12
CA SER F 48 2.52 34.63 -28.24
C SER F 48 3.18 33.85 -27.11
N ASP F 49 2.69 32.64 -26.85
CA ASP F 49 3.20 31.85 -25.73
C ASP F 49 4.34 30.92 -26.15
N ILE F 50 4.57 30.78 -27.46
CA ILE F 50 5.76 30.09 -27.93
C ILE F 50 6.77 31.13 -28.41
N ILE F 51 7.94 31.12 -27.80
CA ILE F 51 9.01 32.03 -28.22
C ILE F 51 10.22 31.22 -28.67
N ALA F 52 10.45 31.21 -29.96
CA ALA F 52 11.53 30.41 -30.53
C ALA F 52 12.26 31.20 -31.61
N GLU F 53 13.45 31.68 -31.28
CA GLU F 53 14.25 32.43 -32.22
C GLU F 53 15.24 31.48 -32.92
N ASP F 54 16.46 31.91 -33.17
CA ASP F 54 17.34 31.14 -34.05
C ASP F 54 18.74 30.88 -33.48
N ALA F 55 18.91 31.15 -32.19
CA ALA F 55 20.23 31.01 -31.56
C ALA F 55 21.30 31.71 -32.38
N GLY F 56 20.90 32.72 -33.14
CA GLY F 56 21.84 33.50 -33.94
C GLY F 56 22.30 32.81 -35.21
N LEU F 57 21.71 31.66 -35.52
CA LEU F 57 22.04 30.93 -36.74
C LEU F 57 21.76 31.77 -37.99
N GLY F 58 20.77 32.66 -37.89
CA GLY F 58 20.49 33.60 -38.96
C GLY F 58 19.27 33.27 -39.80
N PHE F 59 18.16 32.94 -39.13
CA PHE F 59 16.90 32.77 -39.82
C PHE F 59 15.73 33.18 -38.92
N GLN F 60 14.58 33.42 -39.55
CA GLN F 60 13.37 33.80 -38.83
C GLN F 60 12.30 32.71 -38.98
N ARG F 61 11.46 32.57 -37.97
CA ARG F 61 10.37 31.61 -38.02
C ARG F 61 9.05 32.35 -38.17
N SER F 62 8.05 31.66 -38.71
CA SER F 62 6.68 32.14 -38.65
C SER F 62 6.19 31.93 -37.24
N PRO F 63 5.02 32.50 -36.90
CA PRO F 63 4.45 32.28 -35.57
C PRO F 63 4.01 30.84 -35.33
N SER F 64 3.81 30.08 -36.40
CA SER F 64 3.28 28.72 -36.27
C SER F 64 4.39 27.72 -35.96
N VAL F 65 5.03 27.91 -34.81
CA VAL F 65 6.11 27.04 -34.38
C VAL F 65 5.59 25.70 -33.87
N VAL F 66 6.39 24.66 -34.09
CA VAL F 66 6.08 23.35 -33.54
C VAL F 66 7.30 22.86 -32.76
N ILE F 67 7.18 22.80 -31.44
CA ILE F 67 8.27 22.35 -30.59
C ILE F 67 8.03 20.90 -30.22
N ILE F 68 9.03 20.06 -30.46
CA ILE F 68 8.91 18.63 -30.22
C ILE F 68 9.94 18.17 -29.20
N HIS F 69 9.47 17.79 -28.02
CA HIS F 69 10.34 17.37 -26.93
C HIS F 69 10.20 15.87 -26.75
N VAL F 70 11.29 15.15 -27.02
CA VAL F 70 11.26 13.70 -27.08
C VAL F 70 11.89 13.09 -25.84
N PHE F 71 11.08 12.40 -25.05
CA PHE F 71 11.58 11.69 -23.88
C PHE F 71 11.68 10.21 -24.19
N THR F 72 12.91 9.72 -24.25
CA THR F 72 13.19 8.37 -24.69
C THR F 72 14.38 7.83 -23.91
N GLN F 73 14.55 6.53 -23.86
CA GLN F 73 15.66 5.98 -23.09
C GLN F 73 17.00 6.16 -23.79
N ALA F 74 18.06 6.27 -23.00
CA ALA F 74 19.41 6.45 -23.51
C ALA F 74 19.82 5.24 -24.32
N GLY F 75 20.81 5.43 -25.20
CA GLY F 75 21.37 4.31 -25.95
C GLY F 75 21.37 4.51 -27.45
N ARG F 76 20.63 5.51 -27.92
CA ARG F 76 20.59 5.82 -29.34
C ARG F 76 21.84 6.62 -29.71
N THR F 77 22.41 6.33 -30.87
CA THR F 77 23.68 6.94 -31.26
C THR F 77 23.46 8.35 -31.80
N ILE F 78 24.55 9.11 -31.87
CA ILE F 78 24.50 10.46 -32.42
C ILE F 78 23.94 10.41 -33.84
N GLU F 79 24.39 9.43 -34.62
CA GLU F 79 23.89 9.24 -35.98
C GLU F 79 22.37 9.07 -36.01
N THR F 80 21.88 8.09 -35.26
CA THR F 80 20.46 7.79 -35.22
C THR F 80 19.65 9.02 -34.82
N LYS F 81 20.19 9.80 -33.90
CA LYS F 81 19.50 10.99 -33.42
C LYS F 81 19.43 12.04 -34.52
N GLN F 82 20.49 12.13 -35.32
CA GLN F 82 20.49 13.06 -36.46
C GLN F 82 19.44 12.62 -37.48
N ARG F 83 19.28 11.30 -37.63
CA ARG F 83 18.27 10.77 -38.52
C ARG F 83 16.87 11.02 -37.97
N VAL F 84 16.76 11.00 -36.64
CA VAL F 84 15.51 11.33 -35.99
C VAL F 84 15.07 12.74 -36.37
N PHE F 85 15.99 13.69 -36.22
CA PHE F 85 15.69 15.09 -36.49
C PHE F 85 15.30 15.29 -37.95
N ALA F 86 16.06 14.68 -38.86
CA ALA F 86 15.81 14.83 -40.29
C ALA F 86 14.47 14.22 -40.70
N ALA F 87 14.18 13.03 -40.18
CA ALA F 87 12.97 12.30 -40.57
C ALA F 87 11.71 13.03 -40.10
N ILE F 88 11.76 13.55 -38.88
CA ILE F 88 10.62 14.30 -38.35
C ILE F 88 10.36 15.55 -39.19
N THR F 89 11.41 16.30 -39.46
CA THR F 89 11.29 17.57 -40.17
C THR F 89 10.81 17.35 -41.61
N GLU F 90 11.36 16.34 -42.29
CA GLU F 90 10.92 16.01 -43.65
C GLU F 90 9.47 15.55 -43.65
N SER F 91 9.09 14.77 -42.64
CA SER F 91 7.73 14.27 -42.53
C SER F 91 6.71 15.39 -42.40
N LEU F 92 7.11 16.47 -41.74
CA LEU F 92 6.17 17.55 -41.41
C LEU F 92 6.06 18.59 -42.52
N ALA F 93 7.03 18.63 -43.42
CA ALA F 93 7.07 19.65 -44.46
C ALA F 93 5.79 19.67 -45.33
N PRO F 94 5.33 18.50 -45.78
CA PRO F 94 4.14 18.43 -46.64
C PRO F 94 2.83 18.74 -45.91
N ILE F 95 2.84 18.69 -44.59
CA ILE F 95 1.60 18.87 -43.82
C ILE F 95 1.51 20.26 -43.21
N GLY F 96 2.40 21.16 -43.62
CA GLY F 96 2.28 22.57 -43.31
C GLY F 96 3.16 23.05 -42.18
N VAL F 97 4.28 22.36 -41.95
CA VAL F 97 5.27 22.80 -40.97
C VAL F 97 6.61 22.96 -41.66
N ALA F 98 7.08 24.21 -41.76
CA ALA F 98 8.32 24.50 -42.46
C ALA F 98 9.52 24.16 -41.60
N GLY F 99 10.66 23.94 -42.25
CA GLY F 99 11.89 23.57 -41.55
C GLY F 99 12.28 24.62 -40.52
N SER F 100 12.03 25.88 -40.83
CA SER F 100 12.37 26.98 -39.93
C SER F 100 11.52 26.96 -38.66
N ASP F 101 10.35 26.35 -38.73
CA ASP F 101 9.40 26.41 -37.63
C ASP F 101 9.48 25.19 -36.72
N VAL F 102 10.52 24.37 -36.88
CA VAL F 102 10.66 23.16 -36.09
C VAL F 102 11.83 23.24 -35.11
N PHE F 103 11.57 22.78 -33.89
CA PHE F 103 12.58 22.74 -32.83
C PHE F 103 12.42 21.41 -32.11
N ILE F 104 13.50 20.66 -31.99
CA ILE F 104 13.42 19.35 -31.36
C ILE F 104 14.48 19.18 -30.28
N ALA F 105 14.04 18.70 -29.12
CA ALA F 105 14.97 18.38 -28.04
C ALA F 105 14.74 16.95 -27.57
N ILE F 106 15.83 16.28 -27.21
CA ILE F 106 15.74 14.93 -26.67
C ILE F 106 16.21 14.91 -25.23
N THR F 107 15.41 14.29 -24.37
CA THR F 107 15.77 14.14 -22.96
C THR F 107 15.67 12.67 -22.60
N GLU F 108 16.72 12.15 -21.96
CA GLU F 108 16.87 10.70 -21.82
C GLU F 108 16.58 10.16 -20.42
N ASN F 109 16.20 8.88 -20.37
CA ASN F 109 16.15 8.11 -19.13
C ASN F 109 16.53 6.66 -19.40
N ALA F 110 16.21 5.76 -18.47
CA ALA F 110 16.51 4.34 -18.62
C ALA F 110 15.22 3.52 -18.74
N PRO F 111 15.33 2.23 -19.12
CA PRO F 111 14.16 1.40 -19.38
C PRO F 111 13.29 1.18 -18.15
N HIS F 112 13.88 1.27 -16.97
CA HIS F 112 13.16 1.03 -15.73
C HIS F 112 12.48 2.30 -15.23
N ASP F 113 12.56 3.37 -16.01
CA ASP F 113 11.92 4.63 -15.69
C ASP F 113 10.56 4.76 -16.38
N TRP F 114 9.99 3.63 -16.76
CA TRP F 114 8.76 3.61 -17.54
C TRP F 114 7.71 2.65 -16.99
N SER F 115 6.47 3.10 -16.95
CA SER F 115 5.34 2.20 -16.71
C SER F 115 4.24 2.51 -17.72
N PHE F 116 3.92 1.52 -18.54
CA PHE F 116 2.92 1.70 -19.60
C PHE F 116 1.51 1.45 -19.10
N GLY F 117 1.37 1.06 -17.85
CA GLY F 117 0.06 0.86 -17.25
C GLY F 117 0.02 -0.25 -16.23
N PHE F 118 -1.11 -0.34 -15.52
CA PHE F 118 -1.36 -1.39 -14.55
C PHE F 118 -0.33 -1.44 -13.43
N GLY F 119 0.39 -0.33 -13.24
CA GLY F 119 1.35 -0.23 -12.17
C GLY F 119 2.61 -1.06 -12.37
N SER F 120 2.83 -1.51 -13.60
CA SER F 120 3.98 -2.36 -13.91
C SER F 120 5.06 -1.63 -14.70
N ALA F 121 6.30 -2.09 -14.54
CA ALA F 121 7.41 -1.62 -15.36
C ALA F 121 7.72 -2.71 -16.37
N GLN F 122 7.12 -2.61 -17.55
CA GLN F 122 7.11 -3.74 -18.49
C GLN F 122 8.48 -4.08 -19.07
N TYR F 123 9.38 -3.11 -19.13
CA TYR F 123 10.75 -3.37 -19.58
C TYR F 123 11.50 -4.18 -18.53
N VAL F 124 11.22 -3.89 -17.26
CA VAL F 124 11.93 -4.55 -16.16
C VAL F 124 11.44 -5.98 -15.93
N THR F 125 10.16 -6.23 -16.17
CA THR F 125 9.61 -7.58 -16.04
C THR F 125 9.90 -8.41 -17.28
N GLY F 126 10.34 -7.76 -18.35
CA GLY F 126 10.59 -8.44 -19.60
C GLY F 126 9.33 -8.68 -20.39
N GLU F 127 8.21 -8.14 -19.95
CA GLU F 127 6.96 -8.28 -20.69
C GLU F 127 7.07 -7.54 -22.03
N LEU F 128 7.80 -6.43 -22.02
CA LEU F 128 8.01 -5.63 -23.22
C LEU F 128 9.51 -5.59 -23.50
N ALA F 129 9.88 -5.88 -24.74
CA ALA F 129 11.28 -5.99 -25.12
C ALA F 129 11.90 -4.60 -25.23
N ILE F 130 13.17 -4.49 -24.85
CA ILE F 130 13.89 -3.23 -24.99
C ILE F 130 14.31 -3.10 -26.44
N PRO G 1 7.36 8.92 31.92
CA PRO G 1 8.61 8.90 32.67
C PRO G 1 9.34 7.57 32.52
N LEU G 2 10.63 7.54 32.86
CA LEU G 2 11.40 6.30 32.81
C LEU G 2 11.65 5.79 34.22
N ILE G 3 11.22 4.57 34.50
CA ILE G 3 11.34 4.02 35.85
C ILE G 3 12.36 2.89 35.91
N ARG G 4 13.35 3.06 36.78
CA ARG G 4 14.27 1.97 37.08
C ARG G 4 13.92 1.35 38.42
N ILE G 5 13.59 0.07 38.40
CA ILE G 5 13.20 -0.63 39.61
C ILE G 5 14.23 -1.70 39.93
N ASP G 6 14.96 -1.49 41.02
CA ASP G 6 15.95 -2.45 41.47
C ASP G 6 15.46 -3.10 42.76
N LEU G 7 15.36 -4.43 42.72
CA LEU G 7 14.84 -5.19 43.83
C LEU G 7 15.65 -6.49 43.96
N THR G 8 15.21 -7.38 44.83
CA THR G 8 15.99 -8.58 45.11
C THR G 8 15.43 -9.82 44.43
N SER G 9 16.31 -10.80 44.21
CA SER G 9 15.98 -11.99 43.43
C SER G 9 15.11 -13.00 44.19
N ASP G 10 15.00 -12.83 45.50
CA ASP G 10 14.17 -13.72 46.30
C ASP G 10 12.72 -13.60 45.85
N ARG G 11 12.32 -12.41 45.43
CA ARG G 11 10.96 -12.17 44.96
C ARG G 11 10.74 -12.89 43.62
N SER G 12 9.61 -13.56 43.48
CA SER G 12 9.29 -14.29 42.27
C SER G 12 9.13 -13.31 41.10
N ARG G 13 9.29 -13.82 39.88
CA ARG G 13 9.19 -12.99 38.69
C ARG G 13 7.78 -12.43 38.56
N GLU G 14 6.81 -13.21 39.04
CA GLU G 14 5.41 -12.78 39.02
C GLU G 14 5.22 -11.56 39.91
N GLN G 15 5.98 -11.49 40.99
CA GLN G 15 5.86 -10.38 41.94
C GLN G 15 6.65 -9.16 41.47
N ARG G 16 7.76 -9.40 40.78
CA ARG G 16 8.53 -8.31 40.18
C ARG G 16 7.63 -7.57 39.21
N ARG G 17 6.96 -8.34 38.36
CA ARG G 17 6.08 -7.78 37.35
C ARG G 17 4.85 -7.14 37.99
N ALA G 18 4.37 -7.77 39.06
CA ALA G 18 3.24 -7.22 39.79
C ALA G 18 3.61 -5.87 40.40
N ILE G 19 4.84 -5.78 40.90
CA ILE G 19 5.36 -4.54 41.46
C ILE G 19 5.43 -3.46 40.37
N ALA G 20 5.92 -3.84 39.19
CA ALA G 20 6.07 -2.92 38.08
C ALA G 20 4.71 -2.38 37.64
N ASP G 21 3.73 -3.26 37.56
CA ASP G 21 2.38 -2.86 37.18
C ASP G 21 1.82 -1.85 38.19
N ALA G 22 2.00 -2.15 39.47
CA ALA G 22 1.50 -1.29 40.53
C ALA G 22 2.12 0.10 40.46
N VAL G 23 3.42 0.14 40.14
CA VAL G 23 4.14 1.41 40.06
C VAL G 23 3.62 2.26 38.91
N HIS G 24 3.37 1.63 37.78
CA HIS G 24 2.81 2.36 36.64
C HIS G 24 1.40 2.85 36.97
N ASP G 25 0.60 1.97 37.58
CA ASP G 25 -0.78 2.32 37.92
C ASP G 25 -0.86 3.50 38.89
N ALA G 26 0.09 3.58 39.81
CA ALA G 26 0.12 4.68 40.76
C ALA G 26 0.52 5.98 40.07
N LEU G 27 1.46 5.89 39.14
CA LEU G 27 1.91 7.06 38.39
C LEU G 27 0.80 7.60 37.49
N VAL G 28 0.08 6.69 36.85
CA VAL G 28 -1.04 7.07 35.99
C VAL G 28 -2.15 7.75 36.80
N GLU G 29 -2.33 7.29 38.03
CA GLU G 29 -3.34 7.86 38.92
C GLU G 29 -2.98 9.28 39.35
N VAL G 30 -1.77 9.46 39.85
CA VAL G 30 -1.34 10.73 40.42
C VAL G 30 -0.99 11.78 39.36
N LEU G 31 -0.20 11.37 38.36
CA LEU G 31 0.31 12.31 37.37
C LEU G 31 -0.63 12.52 36.20
N ALA G 32 -1.51 11.56 35.96
CA ALA G 32 -2.41 11.60 34.80
C ALA G 32 -1.63 11.54 33.48
N ILE G 33 -0.52 10.83 33.48
CA ILE G 33 0.21 10.54 32.23
C ILE G 33 -0.62 9.56 31.40
N PRO G 34 -0.32 9.46 30.10
CA PRO G 34 -0.98 8.49 29.23
C PRO G 34 -0.83 7.07 29.78
N ALA G 35 -1.89 6.26 29.69
CA ALA G 35 -1.86 4.89 30.20
C ALA G 35 -0.73 4.08 29.56
N ARG G 36 -0.34 4.44 28.34
CA ARG G 36 0.72 3.71 27.65
C ARG G 36 2.08 4.37 27.81
N ASP G 37 2.14 5.46 28.57
CA ASP G 37 3.40 6.10 28.87
C ASP G 37 4.15 5.24 29.87
N ARG G 38 4.44 4.01 29.47
CA ARG G 38 5.05 3.03 30.35
C ARG G 38 6.45 2.68 29.89
N PHE G 39 7.44 3.01 30.71
CA PHE G 39 8.82 2.77 30.36
C PHE G 39 9.59 2.39 31.62
N GLN G 40 9.89 1.09 31.75
CA GLN G 40 10.47 0.56 32.98
C GLN G 40 11.61 -0.41 32.72
N ILE G 41 12.57 -0.43 33.65
CA ILE G 41 13.61 -1.43 33.64
C ILE G 41 13.67 -2.12 35.00
N LEU G 42 13.27 -3.39 35.03
CA LEU G 42 13.32 -4.18 36.25
C LEU G 42 14.65 -4.92 36.35
N THR G 43 15.39 -4.66 37.43
CA THR G 43 16.62 -5.40 37.70
C THR G 43 16.55 -6.09 39.05
N ALA G 44 16.92 -7.37 39.07
CA ALA G 44 16.93 -8.15 40.29
C ALA G 44 18.38 -8.40 40.73
N HIS G 45 18.61 -8.29 42.03
CA HIS G 45 19.94 -8.51 42.59
C HIS G 45 19.88 -9.49 43.75
N ASP G 46 21.02 -10.09 44.06
CA ASP G 46 21.17 -10.76 45.35
C ASP G 46 20.98 -9.69 46.40
N PRO G 47 20.31 -10.05 47.52
CA PRO G 47 20.01 -9.04 48.54
C PRO G 47 21.27 -8.34 49.04
N SER G 48 22.40 -9.02 48.91
CA SER G 48 23.68 -8.49 49.37
C SER G 48 24.12 -7.28 48.55
N ASP G 49 23.57 -7.15 47.35
CA ASP G 49 23.99 -6.10 46.43
C ASP G 49 23.11 -4.85 46.54
N ILE G 50 22.00 -4.96 47.27
CA ILE G 50 21.20 -3.79 47.58
C ILE G 50 21.33 -3.46 49.06
N ILE G 51 21.79 -2.25 49.37
CA ILE G 51 21.99 -1.83 50.74
C ILE G 51 21.21 -0.55 51.02
N ALA G 52 20.14 -0.69 51.80
CA ALA G 52 19.27 0.43 52.14
C ALA G 52 19.03 0.47 53.64
N GLU G 53 19.55 1.49 54.30
CA GLU G 53 19.40 1.61 55.76
C GLU G 53 18.38 2.68 56.14
N ASP G 54 18.52 3.29 57.31
CA ASP G 54 17.43 4.08 57.88
C ASP G 54 17.61 5.59 57.69
N ALA G 55 18.78 6.00 57.19
CA ALA G 55 19.19 7.40 57.31
C ALA G 55 19.03 7.84 58.76
N GLY G 56 19.06 6.87 59.67
CA GLY G 56 18.95 7.12 61.09
C GLY G 56 17.55 7.50 61.55
N LEU G 57 16.53 7.14 60.77
CA LEU G 57 15.15 7.49 61.11
C LEU G 57 14.59 6.57 62.18
N GLY G 58 15.21 5.42 62.38
CA GLY G 58 14.86 4.52 63.47
C GLY G 58 13.93 3.39 63.07
N PHE G 59 14.28 2.67 62.01
CA PHE G 59 13.53 1.48 61.63
C PHE G 59 14.41 0.52 60.84
N GLN G 60 13.99 -0.74 60.80
CA GLN G 60 14.73 -1.78 60.12
C GLN G 60 13.97 -2.23 58.87
N ARG G 61 14.72 -2.63 57.84
CA ARG G 61 14.14 -3.17 56.63
C ARG G 61 14.41 -4.65 56.52
N SER G 62 13.51 -5.38 55.87
CA SER G 62 13.81 -6.75 55.45
C SER G 62 14.98 -6.62 54.47
N PRO G 63 15.66 -7.72 54.16
CA PRO G 63 16.61 -7.80 53.04
C PRO G 63 15.96 -7.59 51.67
N SER G 64 14.64 -7.71 51.58
CA SER G 64 13.94 -7.63 50.30
C SER G 64 13.50 -6.21 49.97
N VAL G 65 14.45 -5.29 49.84
CA VAL G 65 14.11 -3.90 49.60
C VAL G 65 13.84 -3.65 48.12
N VAL G 66 13.08 -2.60 47.85
CA VAL G 66 12.67 -2.25 46.49
C VAL G 66 13.01 -0.79 46.25
N ILE G 67 13.88 -0.54 45.28
CA ILE G 67 14.31 0.82 44.98
C ILE G 67 13.69 1.29 43.69
N ILE G 68 12.93 2.37 43.77
CA ILE G 68 12.20 2.88 42.63
C ILE G 68 12.74 4.25 42.24
N HIS G 69 13.39 4.31 41.08
CA HIS G 69 14.03 5.54 40.64
C HIS G 69 13.28 6.11 39.45
N VAL G 70 12.64 7.25 39.67
CA VAL G 70 11.72 7.83 38.72
C VAL G 70 12.38 9.01 37.99
N PHE G 71 12.59 8.85 36.68
CA PHE G 71 13.10 9.93 35.84
C PHE G 71 11.95 10.53 35.04
N THR G 72 11.70 11.83 35.23
CA THR G 72 10.55 12.45 34.62
C THR G 72 10.76 13.94 34.38
N GLN G 73 9.92 14.54 33.54
CA GLN G 73 9.96 15.97 33.29
C GLN G 73 9.86 16.77 34.58
N ALA G 74 10.55 17.91 34.61
CA ALA G 74 10.38 18.89 35.66
C ALA G 74 8.99 19.51 35.52
N GLY G 75 8.43 19.97 36.62
CA GLY G 75 7.16 20.67 36.59
C GLY G 75 6.22 20.28 37.71
N ARG G 76 6.35 19.04 38.18
CA ARG G 76 5.47 18.53 39.23
C ARG G 76 5.71 19.27 40.53
N THR G 77 4.62 19.52 41.26
CA THR G 77 4.71 20.23 42.52
C THR G 77 5.25 19.32 43.61
N ILE G 78 5.76 19.94 44.66
CA ILE G 78 6.21 19.20 45.84
C ILE G 78 5.11 18.27 46.33
N GLU G 79 3.88 18.78 46.40
CA GLU G 79 2.75 17.98 46.88
C GLU G 79 2.43 16.82 45.94
N THR G 80 2.53 17.04 44.63
CA THR G 80 2.25 15.98 43.67
C THR G 80 3.26 14.86 43.82
N LYS G 81 4.49 15.22 44.14
CA LYS G 81 5.55 14.24 44.34
C LYS G 81 5.29 13.46 45.62
N GLN G 82 4.78 14.14 46.63
CA GLN G 82 4.39 13.47 47.88
C GLN G 82 3.28 12.46 47.61
N ARG G 83 2.38 12.79 46.69
CA ARG G 83 1.28 11.88 46.33
C ARG G 83 1.82 10.66 45.58
N VAL G 84 2.88 10.85 44.82
CA VAL G 84 3.49 9.76 44.07
C VAL G 84 4.09 8.73 45.00
N PHE G 85 4.89 9.20 45.96
CA PHE G 85 5.53 8.32 46.93
C PHE G 85 4.47 7.51 47.68
N ALA G 86 3.46 8.21 48.18
CA ALA G 86 2.41 7.58 48.99
C ALA G 86 1.62 6.56 48.19
N ALA G 87 1.25 6.92 46.97
CA ALA G 87 0.45 6.05 46.11
C ALA G 87 1.22 4.81 45.69
N ILE G 88 2.49 4.98 45.34
CA ILE G 88 3.33 3.84 45.01
C ILE G 88 3.38 2.89 46.20
N THR G 89 3.74 3.43 47.35
CA THR G 89 3.95 2.64 48.56
C THR G 89 2.67 1.90 48.96
N GLU G 90 1.54 2.60 48.86
CA GLU G 90 0.24 2.01 49.16
C GLU G 90 -0.04 0.81 48.26
N SER G 91 0.08 1.01 46.96
CA SER G 91 -0.28 -0.02 45.98
C SER G 91 0.61 -1.25 46.09
N LEU G 92 1.80 -1.08 46.64
CA LEU G 92 2.75 -2.17 46.75
C LEU G 92 2.47 -3.04 47.98
N ALA G 93 1.78 -2.47 48.96
CA ALA G 93 1.51 -3.17 50.21
C ALA G 93 0.82 -4.52 49.99
N PRO G 94 -0.35 -4.50 49.32
CA PRO G 94 -1.09 -5.76 49.16
C PRO G 94 -0.42 -6.74 48.21
N ILE G 95 0.55 -6.28 47.42
CA ILE G 95 1.30 -7.17 46.54
C ILE G 95 2.39 -7.90 47.32
N GLY G 96 2.70 -7.40 48.51
CA GLY G 96 3.64 -8.05 49.39
C GLY G 96 4.90 -7.27 49.70
N VAL G 97 4.93 -5.99 49.34
CA VAL G 97 6.06 -5.13 49.68
C VAL G 97 5.72 -4.25 50.87
N ALA G 98 6.35 -4.52 52.01
CA ALA G 98 6.13 -3.74 53.21
C ALA G 98 6.58 -2.30 52.97
N GLY G 99 5.95 -1.36 53.68
CA GLY G 99 6.26 0.05 53.51
C GLY G 99 7.67 0.40 53.92
N SER G 100 8.23 -0.40 54.83
CA SER G 100 9.59 -0.15 55.32
C SER G 100 10.63 -0.50 54.27
N ASP G 101 10.25 -1.34 53.31
CA ASP G 101 11.19 -1.91 52.36
C ASP G 101 11.25 -1.12 51.05
N VAL G 102 10.64 0.05 51.04
CA VAL G 102 10.53 0.86 49.83
C VAL G 102 11.37 2.14 49.91
N PHE G 103 12.10 2.43 48.83
CA PHE G 103 12.91 3.63 48.74
C PHE G 103 12.71 4.25 47.36
N ILE G 104 12.45 5.56 47.33
CA ILE G 104 12.11 6.22 46.06
C ILE G 104 12.90 7.51 45.84
N ALA G 105 13.37 7.69 44.62
CA ALA G 105 14.04 8.93 44.25
C ALA G 105 13.50 9.45 42.93
N ILE G 106 13.46 10.77 42.81
CA ILE G 106 13.03 11.42 41.58
C ILE G 106 14.17 12.23 40.99
N THR G 107 14.42 12.06 39.69
CA THR G 107 15.39 12.89 39.00
C THR G 107 14.72 13.50 37.76
N GLU G 108 14.94 14.78 37.55
CA GLU G 108 14.17 15.53 36.55
C GLU G 108 14.98 15.93 35.33
N ASN G 109 14.25 16.20 34.25
CA ASN G 109 14.83 16.77 33.04
C ASN G 109 13.76 17.54 32.28
N ALA G 110 13.98 17.80 31.00
CA ALA G 110 13.05 18.62 30.21
C ALA G 110 12.35 17.80 29.14
N PRO G 111 11.28 18.34 28.56
CA PRO G 111 10.56 17.66 27.47
C PRO G 111 11.44 17.38 26.27
N HIS G 112 12.40 18.28 26.03
CA HIS G 112 13.31 18.14 24.90
C HIS G 112 14.41 17.11 25.17
N ASP G 113 14.33 16.43 26.31
CA ASP G 113 15.31 15.42 26.68
C ASP G 113 14.79 14.00 26.48
N TRP G 114 13.76 13.85 25.65
CA TRP G 114 13.14 12.54 25.47
C TRP G 114 12.95 12.18 23.99
N SER G 115 13.26 10.93 23.64
CA SER G 115 12.96 10.40 22.31
C SER G 115 12.25 9.06 22.46
N PHE G 116 10.98 9.03 22.08
CA PHE G 116 10.16 7.84 22.27
C PHE G 116 10.36 6.82 21.15
N GLY G 117 11.09 7.21 20.11
CA GLY G 117 11.40 6.30 19.03
C GLY G 117 11.64 7.00 17.71
N PHE G 118 12.17 6.25 16.74
CA PHE G 118 12.31 6.73 15.38
C PHE G 118 13.20 7.97 15.25
N GLY G 119 14.00 8.25 16.29
CA GLY G 119 14.98 9.31 16.23
C GLY G 119 14.37 10.69 16.32
N SER G 120 13.15 10.76 16.84
CA SER G 120 12.42 12.01 16.93
C SER G 120 12.18 12.40 18.38
N ALA G 121 12.15 13.70 18.64
CA ALA G 121 11.84 14.22 19.97
C ALA G 121 10.38 14.64 19.98
N GLN G 122 9.49 13.74 20.39
CA GLN G 122 8.07 13.92 20.16
C GLN G 122 7.42 15.06 20.95
N TYR G 123 7.98 15.43 22.10
CA TYR G 123 7.49 16.59 22.84
C TYR G 123 7.87 17.87 22.08
N VAL G 124 9.04 17.82 21.45
CA VAL G 124 9.57 18.97 20.73
C VAL G 124 8.78 19.22 19.44
N THR G 125 8.56 18.15 18.69
CA THR G 125 7.85 18.24 17.41
C THR G 125 6.37 18.52 17.61
N GLY G 126 5.86 18.14 18.79
CA GLY G 126 4.47 18.33 19.11
C GLY G 126 3.61 17.14 18.76
N GLU G 127 4.24 16.03 18.41
CA GLU G 127 3.50 14.78 18.16
C GLU G 127 2.91 14.27 19.47
N LEU G 128 3.55 14.63 20.58
CA LEU G 128 3.08 14.23 21.91
C LEU G 128 2.96 15.45 22.82
N ALA G 129 1.85 15.55 23.53
CA ALA G 129 1.54 16.73 24.34
C ALA G 129 2.38 16.82 25.62
N ILE G 130 2.77 18.05 25.96
CA ILE G 130 3.49 18.31 27.21
C ILE G 130 2.52 18.64 28.35
N PRO G 131 2.59 17.90 29.46
CA PRO G 131 1.72 18.17 30.61
C PRO G 131 1.83 19.59 31.15
N PRO H 1 22.21 9.98 50.17
CA PRO H 1 22.29 9.87 48.71
C PRO H 1 22.06 8.45 48.21
N LEU H 2 21.80 8.30 46.91
CA LEU H 2 21.64 6.99 46.30
C LEU H 2 22.81 6.74 45.36
N ILE H 3 23.61 5.72 45.66
CA ILE H 3 24.80 5.41 44.87
C ILE H 3 24.61 4.17 44.01
N ARG H 4 24.79 4.34 42.70
CA ARG H 4 24.80 3.20 41.79
C ARG H 4 26.24 2.87 41.44
N ILE H 5 26.74 1.77 42.00
CA ILE H 5 28.09 1.32 41.73
C ILE H 5 28.08 0.15 40.76
N ASP H 6 28.58 0.38 39.54
CA ASP H 6 28.67 -0.66 38.53
C ASP H 6 30.12 -1.06 38.32
N LEU H 7 30.42 -2.33 38.55
CA LEU H 7 31.79 -2.83 38.40
C LEU H 7 31.80 -4.18 37.70
N THR H 8 32.92 -4.90 37.77
CA THR H 8 33.08 -6.12 36.99
C THR H 8 33.05 -7.38 37.84
N SER H 9 32.62 -8.48 37.23
CA SER H 9 32.40 -9.74 37.94
C SER H 9 33.68 -10.47 38.31
N ASP H 10 34.80 -10.03 37.74
CA ASP H 10 36.10 -10.64 38.06
C ASP H 10 36.53 -10.30 39.48
N ARG H 11 35.94 -9.26 40.06
CA ARG H 11 36.22 -8.90 41.44
C ARG H 11 35.37 -9.75 42.40
N SER H 12 35.97 -10.15 43.52
CA SER H 12 35.32 -11.05 44.47
C SER H 12 34.14 -10.38 45.14
N ARG H 13 33.12 -11.18 45.49
CA ARG H 13 31.98 -10.68 46.22
C ARG H 13 32.47 -9.90 47.43
N GLU H 14 33.55 -10.41 48.02
CA GLU H 14 34.14 -9.82 49.21
C GLU H 14 34.69 -8.42 48.91
N GLN H 15 35.38 -8.29 47.78
CA GLN H 15 35.97 -7.02 47.41
C GLN H 15 34.92 -5.99 47.02
N ARG H 16 33.82 -6.45 46.43
CA ARG H 16 32.75 -5.54 46.02
C ARG H 16 32.14 -4.84 47.22
N ARG H 17 31.77 -5.62 48.23
CA ARG H 17 31.22 -5.07 49.47
C ARG H 17 32.24 -4.14 50.08
N ALA H 18 33.50 -4.56 50.08
CA ALA H 18 34.60 -3.72 50.52
C ALA H 18 34.56 -2.38 49.81
N ILE H 19 34.40 -2.42 48.49
CA ILE H 19 34.33 -1.20 47.69
C ILE H 19 33.09 -0.36 48.05
N ALA H 20 31.98 -1.03 48.33
CA ALA H 20 30.76 -0.33 48.72
C ALA H 20 30.95 0.33 50.08
N ASP H 21 31.55 -0.41 51.00
CA ASP H 21 31.84 0.11 52.33
C ASP H 21 32.74 1.35 52.23
N ALA H 22 33.76 1.25 51.39
CA ALA H 22 34.70 2.34 51.19
C ALA H 22 34.00 3.62 50.74
N VAL H 23 33.14 3.50 49.75
CA VAL H 23 32.47 4.67 49.18
C VAL H 23 31.59 5.34 50.23
N HIS H 24 30.91 4.54 51.06
CA HIS H 24 30.02 5.11 52.06
C HIS H 24 30.79 5.90 53.11
N ASP H 25 31.84 5.29 53.67
CA ASP H 25 32.64 5.97 54.68
C ASP H 25 33.22 7.26 54.10
N ALA H 26 33.51 7.23 52.80
CA ALA H 26 34.04 8.40 52.12
C ALA H 26 33.02 9.54 52.09
N LEU H 27 31.76 9.20 51.83
CA LEU H 27 30.71 10.19 51.72
C LEU H 27 30.28 10.68 53.10
N VAL H 28 30.35 9.80 54.10
CA VAL H 28 30.05 10.18 55.47
C VAL H 28 31.10 11.18 55.97
N GLU H 29 32.36 10.91 55.65
CA GLU H 29 33.46 11.77 56.06
C GLU H 29 33.35 13.18 55.48
N VAL H 30 33.12 13.27 54.18
CA VAL H 30 33.18 14.55 53.47
C VAL H 30 31.85 15.29 53.47
N LEU H 31 30.76 14.57 53.29
CA LEU H 31 29.44 15.19 53.22
C LEU H 31 28.83 15.33 54.62
N ALA H 32 29.34 14.53 55.56
CA ALA H 32 28.79 14.48 56.91
C ALA H 32 27.31 14.11 56.88
N ILE H 33 26.95 13.20 55.98
CA ILE H 33 25.61 12.63 55.99
C ILE H 33 25.50 11.67 57.17
N PRO H 34 24.26 11.40 57.62
CA PRO H 34 24.08 10.43 58.70
C PRO H 34 24.74 9.09 58.36
N ALA H 35 25.32 8.45 59.37
CA ALA H 35 26.06 7.21 59.17
C ALA H 35 25.20 6.14 58.51
N ARG H 36 23.88 6.26 58.67
CA ARG H 36 22.96 5.24 58.18
C ARG H 36 22.17 5.74 56.97
N ASP H 37 22.62 6.86 56.41
CA ASP H 37 22.08 7.37 55.15
C ASP H 37 22.75 6.59 54.02
N ARG H 38 22.62 5.27 54.04
CA ARG H 38 23.33 4.42 53.10
C ARG H 38 22.37 3.73 52.13
N PHE H 39 22.51 4.06 50.85
CA PHE H 39 21.64 3.54 49.81
C PHE H 39 22.45 3.29 48.56
N GLN H 40 22.73 2.02 48.28
CA GLN H 40 23.60 1.67 47.17
C GLN H 40 23.06 0.49 46.39
N ILE H 41 23.28 0.52 45.09
CA ILE H 41 22.92 -0.58 44.22
C ILE H 41 24.20 -1.07 43.54
N LEU H 42 24.59 -2.29 43.86
CA LEU H 42 25.81 -2.87 43.30
C LEU H 42 25.47 -3.80 42.15
N THR H 43 26.01 -3.51 40.97
CA THR H 43 25.76 -4.33 39.79
C THR H 43 27.08 -4.81 39.18
N ALA H 44 27.27 -6.13 39.19
CA ALA H 44 28.47 -6.73 38.64
C ALA H 44 28.26 -7.07 37.18
N HIS H 45 29.21 -6.67 36.34
CA HIS H 45 29.13 -6.90 34.91
C HIS H 45 30.29 -7.73 34.41
N ASP H 46 30.08 -8.46 33.33
CA ASP H 46 31.20 -8.96 32.55
C ASP H 46 31.96 -7.71 32.10
N PRO H 47 33.29 -7.71 32.25
CA PRO H 47 34.07 -6.51 31.91
C PRO H 47 33.76 -5.93 30.53
N SER H 48 33.29 -6.77 29.60
CA SER H 48 33.02 -6.31 28.24
C SER H 48 31.74 -5.47 28.16
N ASP H 49 30.88 -5.60 29.16
CA ASP H 49 29.65 -4.81 29.23
C ASP H 49 29.93 -3.41 29.74
N ILE H 50 31.14 -3.17 30.23
CA ILE H 50 31.55 -1.84 30.66
C ILE H 50 32.67 -1.33 29.77
N ILE H 51 32.41 -0.21 29.09
CA ILE H 51 33.42 0.38 28.22
C ILE H 51 33.75 1.78 28.72
N ALA H 52 34.93 1.93 29.30
CA ALA H 52 35.35 3.20 29.90
C ALA H 52 36.79 3.52 29.51
N GLU H 53 36.96 4.59 28.73
CA GLU H 53 38.29 5.00 28.28
C GLU H 53 38.74 6.24 29.07
N ASP H 54 39.54 7.11 28.44
CA ASP H 54 40.18 8.19 29.19
C ASP H 54 39.83 9.59 28.70
N ALA H 55 38.90 9.68 27.76
CA ALA H 55 38.46 10.97 27.25
C ALA H 55 39.63 11.76 26.67
N GLY H 56 40.67 11.05 26.25
CA GLY H 56 41.80 11.67 25.59
C GLY H 56 42.92 12.11 26.52
N LEU H 57 42.74 11.88 27.82
CA LEU H 57 43.69 12.37 28.82
C LEU H 57 45.04 11.66 28.78
N GLY H 58 45.10 10.52 28.10
CA GLY H 58 46.36 9.81 27.93
C GLY H 58 46.71 8.83 29.05
N PHE H 59 45.77 7.95 29.38
CA PHE H 59 46.05 6.85 30.29
C PHE H 59 45.16 5.64 30.01
N GLN H 60 45.57 4.48 30.51
CA GLN H 60 44.84 3.24 30.27
C GLN H 60 44.15 2.74 31.53
N ARG H 61 42.99 2.12 31.36
CA ARG H 61 42.30 1.48 32.47
C ARG H 61 42.43 -0.04 32.34
N SER H 62 42.34 -0.73 33.46
CA SER H 62 42.23 -2.18 33.44
C SER H 62 40.81 -2.53 32.98
N PRO H 63 40.58 -3.80 32.65
CA PRO H 63 39.20 -4.21 32.38
C PRO H 63 38.31 -4.03 33.60
N SER H 64 38.92 -4.04 34.78
CA SER H 64 38.18 -4.04 36.04
C SER H 64 37.83 -2.64 36.53
N VAL H 65 37.02 -1.93 35.75
CA VAL H 65 36.68 -0.56 36.11
C VAL H 65 35.54 -0.50 37.13
N VAL H 66 35.53 0.57 37.93
CA VAL H 66 34.49 0.79 38.91
C VAL H 66 33.82 2.13 38.65
N ILE H 67 32.57 2.09 38.25
CA ILE H 67 31.82 3.32 37.97
C ILE H 67 30.85 3.62 39.11
N ILE H 68 31.00 4.81 39.68
CA ILE H 68 30.19 5.23 40.82
C ILE H 68 29.35 6.44 40.44
N HIS H 69 28.02 6.25 40.43
CA HIS H 69 27.09 7.31 40.05
C HIS H 69 26.34 7.78 41.29
N VAL H 70 26.62 9.00 41.74
CA VAL H 70 26.04 9.52 42.98
C VAL H 70 24.83 10.41 42.71
N PHE H 71 23.68 10.00 43.22
CA PHE H 71 22.47 10.80 43.14
C PHE H 71 22.20 11.42 44.51
N THR H 72 22.42 12.74 44.61
CA THR H 72 22.31 13.43 45.89
C THR H 72 21.67 14.81 45.70
N GLN H 73 21.28 15.46 46.81
CA GLN H 73 20.67 16.78 46.72
C GLN H 73 21.66 17.80 46.16
N ALA H 74 21.13 18.78 45.44
CA ALA H 74 21.94 19.92 45.02
C ALA H 74 22.36 20.69 46.26
N GLY H 75 23.35 21.57 46.11
CA GLY H 75 23.77 22.43 47.20
C GLY H 75 25.26 22.35 47.51
N ARG H 76 25.82 21.16 47.38
CA ARG H 76 27.23 20.94 47.70
C ARG H 76 28.13 21.80 46.81
N THR H 77 29.13 22.43 47.40
CA THR H 77 30.04 23.29 46.65
C THR H 77 30.87 22.46 45.69
N ILE H 78 31.54 23.13 44.76
CA ILE H 78 32.45 22.48 43.84
C ILE H 78 33.63 21.90 44.62
N GLU H 79 34.13 22.66 45.58
CA GLU H 79 35.24 22.23 46.42
C GLU H 79 34.88 20.93 47.15
N THR H 80 33.70 20.91 47.75
CA THR H 80 33.25 19.73 48.49
C THR H 80 33.20 18.52 47.57
N LYS H 81 32.73 18.74 46.34
CA LYS H 81 32.62 17.67 45.37
C LYS H 81 34.00 17.13 44.99
N GLN H 82 34.98 18.01 44.95
CA GLN H 82 36.35 17.59 44.68
C GLN H 82 36.86 16.75 45.86
N ARG H 83 36.48 17.14 47.08
CA ARG H 83 36.83 16.36 48.25
C ARG H 83 36.21 14.97 48.18
N VAL H 84 35.00 14.89 47.62
CA VAL H 84 34.33 13.61 47.43
C VAL H 84 35.11 12.72 46.47
N PHE H 85 35.37 13.22 45.28
CA PHE H 85 36.10 12.47 44.26
C PHE H 85 37.45 11.99 44.79
N ALA H 86 38.17 12.87 45.46
CA ALA H 86 39.48 12.52 46.00
C ALA H 86 39.35 11.56 47.18
N ALA H 87 38.37 11.81 48.04
CA ALA H 87 38.14 10.96 49.20
C ALA H 87 37.85 9.53 48.78
N ILE H 88 36.93 9.38 47.83
CA ILE H 88 36.51 8.06 47.36
C ILE H 88 37.65 7.27 46.73
N THR H 89 38.39 7.90 45.83
CA THR H 89 39.45 7.20 45.10
C THR H 89 40.57 6.74 46.03
N GLU H 90 40.93 7.59 46.99
CA GLU H 90 42.00 7.27 47.93
C GLU H 90 41.64 6.10 48.85
N SER H 91 40.36 5.97 49.17
CA SER H 91 39.92 4.92 50.09
C SER H 91 39.87 3.57 49.40
N LEU H 92 39.73 3.58 48.07
CA LEU H 92 39.63 2.35 47.30
C LEU H 92 41.00 1.77 46.96
N ALA H 93 42.01 2.62 46.88
CA ALA H 93 43.36 2.19 46.56
C ALA H 93 43.75 0.92 47.32
N PRO H 94 43.78 0.99 48.67
CA PRO H 94 44.18 -0.16 49.49
C PRO H 94 43.32 -1.40 49.26
N ILE H 95 42.07 -1.21 48.87
CA ILE H 95 41.16 -2.32 48.66
C ILE H 95 41.45 -3.05 47.35
N GLY H 96 42.13 -2.37 46.42
CA GLY H 96 42.55 -2.99 45.18
C GLY H 96 41.97 -2.38 43.92
N VAL H 97 41.50 -1.14 44.02
CA VAL H 97 41.03 -0.42 42.84
C VAL H 97 42.03 0.68 42.48
N ALA H 98 42.70 0.53 41.33
CA ALA H 98 43.65 1.53 40.88
C ALA H 98 42.92 2.84 40.61
N GLY H 99 43.62 3.95 40.78
CA GLY H 99 43.02 5.26 40.55
C GLY H 99 42.68 5.45 39.09
N SER H 100 43.31 4.66 38.23
CA SER H 100 43.04 4.71 36.80
C SER H 100 41.70 4.05 36.50
N ASP H 101 41.21 3.23 37.43
CA ASP H 101 40.03 2.40 37.18
C ASP H 101 38.77 2.93 37.84
N VAL H 102 38.82 4.14 38.38
CA VAL H 102 37.67 4.73 39.05
C VAL H 102 37.07 5.87 38.21
N PHE H 103 35.75 5.85 38.09
CA PHE H 103 35.01 6.87 37.34
C PHE H 103 33.82 7.27 38.20
N ILE H 104 33.66 8.56 38.44
CA ILE H 104 32.60 9.05 39.32
C ILE H 104 31.77 10.11 38.63
N ALA H 105 30.45 10.08 38.87
CA ALA H 105 29.53 11.02 38.27
C ALA H 105 28.47 11.41 39.29
N ILE H 106 28.06 12.68 39.24
CA ILE H 106 27.09 13.21 40.20
C ILE H 106 25.88 13.77 39.48
N THR H 107 24.70 13.33 39.88
CA THR H 107 23.44 13.85 39.36
C THR H 107 22.59 14.35 40.52
N GLU H 108 22.11 15.59 40.41
CA GLU H 108 21.47 16.24 41.54
C GLU H 108 19.96 16.33 41.44
N ASN H 109 19.32 16.45 42.60
CA ASN H 109 17.90 16.76 42.68
C ASN H 109 17.62 17.60 43.93
N ALA H 110 16.37 17.66 44.36
CA ALA H 110 16.00 18.47 45.52
C ALA H 110 15.53 17.59 46.67
N PRO H 111 15.49 18.14 47.89
CA PRO H 111 15.09 17.41 49.10
C PRO H 111 13.72 16.74 48.99
N HIS H 112 12.82 17.34 48.21
CA HIS H 112 11.48 16.79 48.05
C HIS H 112 11.40 15.71 46.97
N ASP H 113 12.54 15.23 46.49
CA ASP H 113 12.58 14.17 45.50
C ASP H 113 12.95 12.84 46.13
N TRP H 114 12.71 12.72 47.44
CA TRP H 114 13.15 11.54 48.18
C TRP H 114 12.06 10.99 49.11
N SER H 115 11.87 9.68 49.04
CA SER H 115 11.05 8.97 50.02
C SER H 115 11.87 7.81 50.59
N PHE H 116 12.11 7.85 51.90
CA PHE H 116 12.96 6.86 52.55
C PHE H 116 12.15 5.65 53.01
N GLY H 117 10.84 5.72 52.89
CA GLY H 117 9.97 4.62 53.26
C GLY H 117 8.58 5.07 53.64
N PHE H 118 7.65 4.12 53.71
CA PHE H 118 6.30 4.37 54.21
C PHE H 118 5.56 5.44 53.42
N GLY H 119 6.01 5.70 52.20
CA GLY H 119 5.33 6.66 51.34
C GLY H 119 5.43 8.10 51.80
N SER H 120 6.38 8.38 52.70
CA SER H 120 6.57 9.73 53.21
C SER H 120 7.77 10.41 52.55
N ALA H 121 7.67 11.72 52.37
CA ALA H 121 8.82 12.53 51.95
C ALA H 121 9.40 13.21 53.19
N GLN H 122 10.34 12.52 53.83
CA GLN H 122 10.76 12.91 55.17
C GLN H 122 11.50 14.25 55.25
N TYR H 123 12.13 14.67 54.16
CA TYR H 123 12.77 15.98 54.12
C TYR H 123 11.71 17.08 54.11
N VAL H 124 10.59 16.80 53.43
CA VAL H 124 9.51 17.78 53.31
C VAL H 124 8.76 17.92 54.63
N THR H 125 8.54 16.78 55.30
CA THR H 125 7.71 16.75 56.50
C THR H 125 8.47 17.21 57.75
N GLY H 126 9.80 17.16 57.70
CA GLY H 126 10.60 17.53 58.84
C GLY H 126 11.04 16.33 59.66
N GLU H 127 10.63 15.14 59.24
CA GLU H 127 11.04 13.91 59.91
C GLU H 127 12.55 13.74 59.82
N LEU H 128 13.14 14.27 58.76
CA LEU H 128 14.58 14.19 58.55
C LEU H 128 15.13 15.57 58.19
N ALA H 129 16.24 15.95 58.82
CA ALA H 129 16.83 17.26 58.62
C ALA H 129 17.51 17.40 57.25
N ILE H 130 17.15 18.45 56.53
CA ILE H 130 17.83 18.84 55.30
C ILE H 130 19.19 19.41 55.66
N PRO H 131 20.28 18.76 55.21
CA PRO H 131 21.61 19.29 55.55
C PRO H 131 21.83 20.72 55.07
N PRO I 1 30.15 12.17 28.46
CA PRO I 1 28.90 11.61 28.98
C PRO I 1 29.04 10.18 29.46
N LEU I 2 28.10 9.74 30.29
CA LEU I 2 27.99 8.36 30.71
C LEU I 2 26.70 7.80 30.13
N ILE I 3 26.80 6.65 29.46
CA ILE I 3 25.65 6.11 28.76
C ILE I 3 25.23 4.75 29.33
N ARG I 4 24.03 4.69 29.87
CA ARG I 4 23.47 3.42 30.33
C ARG I 4 22.58 2.85 29.23
N ILE I 5 23.05 1.75 28.63
CA ILE I 5 22.31 1.06 27.59
C ILE I 5 21.72 -0.22 28.16
N ASP I 6 20.38 -0.27 28.21
CA ASP I 6 19.70 -1.47 28.69
C ASP I 6 18.96 -2.14 27.55
N LEU I 7 19.26 -3.42 27.33
CA LEU I 7 18.68 -4.16 26.22
C LEU I 7 18.35 -5.58 26.66
N THR I 8 18.05 -6.44 25.69
CA THR I 8 17.56 -7.78 25.99
C THR I 8 18.65 -8.84 25.84
N SER I 9 18.56 -9.88 26.66
CA SER I 9 19.60 -10.90 26.74
C SER I 9 19.68 -11.78 25.49
N ASP I 10 18.64 -11.74 24.67
CA ASP I 10 18.59 -12.58 23.49
C ASP I 10 19.46 -12.03 22.34
N ARG I 11 20.00 -10.84 22.52
CA ARG I 11 20.94 -10.28 21.54
C ARG I 11 22.35 -10.78 21.81
N SER I 12 23.06 -11.16 20.75
CA SER I 12 24.40 -11.71 20.87
C SER I 12 25.38 -10.71 21.50
N ARG I 13 26.48 -11.23 22.00
CA ARG I 13 27.53 -10.38 22.58
C ARG I 13 28.11 -9.46 21.52
N GLU I 14 28.21 -9.95 20.29
CA GLU I 14 28.75 -9.16 19.19
C GLU I 14 27.82 -8.00 18.86
N GLN I 15 26.52 -8.24 18.90
CA GLN I 15 25.57 -7.20 18.56
C GLN I 15 25.49 -6.15 19.65
N ARG I 16 25.61 -6.58 20.90
CA ARG I 16 25.62 -5.64 22.02
C ARG I 16 26.77 -4.66 21.87
N ARG I 17 27.94 -5.21 21.54
CA ARG I 17 29.12 -4.38 21.36
C ARG I 17 28.93 -3.44 20.17
N ALA I 18 28.30 -3.95 19.12
CA ALA I 18 28.03 -3.15 17.92
C ALA I 18 27.05 -2.02 18.22
N ILE I 19 26.07 -2.30 19.08
CA ILE I 19 25.11 -1.28 19.49
C ILE I 19 25.83 -0.16 20.25
N ALA I 20 26.64 -0.56 21.22
CA ALA I 20 27.43 0.40 22.00
C ALA I 20 28.34 1.20 21.08
N ASP I 21 28.93 0.53 20.08
CA ASP I 21 29.81 1.17 19.13
C ASP I 21 29.07 2.25 18.35
N ALA I 22 27.88 1.90 17.86
CA ALA I 22 27.08 2.81 17.04
C ALA I 22 26.65 4.04 17.83
N VAL I 23 26.17 3.82 19.05
CA VAL I 23 25.76 4.92 19.91
C VAL I 23 26.91 5.90 20.08
N HIS I 24 28.10 5.37 20.37
CA HIS I 24 29.25 6.23 20.60
C HIS I 24 29.60 7.02 19.35
N ASP I 25 29.67 6.33 18.21
CA ASP I 25 29.96 6.99 16.95
C ASP I 25 29.03 8.18 16.76
N ALA I 26 27.75 7.96 17.02
CA ALA I 26 26.75 9.01 16.87
C ALA I 26 27.05 10.22 17.77
N LEU I 27 27.35 9.96 19.03
CA LEU I 27 27.61 11.03 19.99
C LEU I 27 28.84 11.84 19.59
N VAL I 28 29.85 11.16 19.05
CA VAL I 28 31.06 11.84 18.62
C VAL I 28 30.76 12.71 17.40
N GLU I 29 30.07 12.13 16.42
CA GLU I 29 29.69 12.87 15.22
C GLU I 29 28.90 14.13 15.56
N VAL I 30 27.92 14.01 16.45
CA VAL I 30 27.02 15.14 16.74
C VAL I 30 27.58 16.11 17.79
N LEU I 31 27.98 15.59 18.95
CA LEU I 31 28.41 16.46 20.06
C LEU I 31 29.87 16.90 19.95
N ALA I 32 30.59 16.34 18.99
CA ALA I 32 32.02 16.62 18.86
C ALA I 32 32.76 16.49 20.20
N ILE I 33 32.36 15.50 20.99
CA ILE I 33 33.12 15.08 22.16
C ILE I 33 34.37 14.36 21.66
N PRO I 34 35.40 14.24 22.51
CA PRO I 34 36.59 13.56 21.99
C PRO I 34 36.35 12.06 21.75
N ALA I 35 37.10 11.51 20.80
CA ALA I 35 36.95 10.11 20.39
C ALA I 35 36.88 9.16 21.57
N ARG I 36 37.73 9.36 22.57
CA ARG I 36 37.82 8.43 23.70
C ARG I 36 36.97 8.86 24.89
N ASP I 37 36.13 9.88 24.72
CA ASP I 37 35.19 10.24 25.77
C ASP I 37 34.05 9.23 25.75
N ARG I 38 34.38 7.99 26.06
CA ARG I 38 33.44 6.90 25.92
C ARG I 38 33.27 6.17 27.25
N PHE I 39 32.05 6.20 27.78
CA PHE I 39 31.77 5.59 29.06
C PHE I 39 30.38 4.98 29.02
N GLN I 40 30.33 3.66 28.84
CA GLN I 40 29.08 2.97 28.59
C GLN I 40 28.90 1.76 29.52
N ILE I 41 27.70 1.64 30.07
CA ILE I 41 27.34 0.45 30.83
C ILE I 41 26.24 -0.30 30.08
N LEU I 42 26.55 -1.51 29.66
CA LEU I 42 25.60 -2.38 28.97
C LEU I 42 24.97 -3.32 29.98
N THR I 43 23.65 -3.32 30.07
CA THR I 43 22.95 -4.27 30.92
C THR I 43 21.90 -4.99 30.08
N ALA I 44 21.97 -6.33 30.09
CA ALA I 44 20.99 -7.12 29.38
C ALA I 44 19.94 -7.63 30.37
N HIS I 45 18.71 -7.72 29.89
CA HIS I 45 17.59 -8.16 30.70
C HIS I 45 16.79 -9.20 29.93
N ASP I 46 15.97 -9.97 30.63
CA ASP I 46 14.97 -10.77 29.96
C ASP I 46 13.93 -9.78 29.43
N PRO I 47 13.43 -10.01 28.21
CA PRO I 47 12.52 -9.04 27.59
C PRO I 47 11.34 -8.64 28.48
N SER I 48 10.90 -9.54 29.36
CA SER I 48 9.77 -9.24 30.24
C SER I 48 10.17 -8.22 31.31
N ASP I 49 11.46 -7.97 31.46
CA ASP I 49 11.95 -7.04 32.47
C ASP I 49 12.30 -5.66 31.90
N ILE I 50 12.27 -5.52 30.57
CA ILE I 50 12.31 -4.20 29.95
C ILE I 50 10.97 -3.92 29.28
N ILE I 51 10.24 -2.93 29.80
CA ILE I 51 8.94 -2.58 29.26
C ILE I 51 8.98 -1.19 28.63
N ALA I 52 8.67 -1.12 27.34
CA ALA I 52 8.58 0.16 26.64
C ALA I 52 7.41 0.17 25.67
N GLU I 53 6.36 0.90 26.04
CA GLU I 53 5.19 1.02 25.17
C GLU I 53 5.35 2.25 24.28
N ASP I 54 4.26 2.93 23.93
CA ASP I 54 4.37 4.03 22.95
C ASP I 54 3.90 5.39 23.44
N ALA I 55 3.61 5.51 24.73
CA ALA I 55 3.05 6.76 25.27
C ALA I 55 1.80 7.16 24.49
N GLY I 56 1.13 6.16 23.92
CA GLY I 56 -0.11 6.39 23.19
C GLY I 56 0.10 6.99 21.82
N LEU I 57 1.32 6.89 21.31
CA LEU I 57 1.65 7.48 20.02
C LEU I 57 1.05 6.71 18.84
N GLY I 58 0.79 5.42 19.03
CA GLY I 58 0.19 4.62 17.99
C GLY I 58 1.18 3.80 17.18
N PHE I 59 2.07 3.09 17.87
CA PHE I 59 2.95 2.14 17.22
C PHE I 59 3.37 1.04 18.18
N GLN I 60 3.85 -0.07 17.64
CA GLN I 60 4.30 -1.18 18.47
C GLN I 60 5.79 -1.39 18.33
N ARG I 61 6.39 -1.98 19.35
CA ARG I 61 7.80 -2.32 19.32
C ARG I 61 7.92 -3.83 19.29
N SER I 62 9.08 -4.33 18.93
CA SER I 62 9.38 -5.73 19.14
C SER I 62 9.82 -5.85 20.59
N PRO I 63 9.91 -7.08 21.10
CA PRO I 63 10.39 -7.29 22.48
C PRO I 63 11.86 -6.89 22.63
N SER I 64 12.57 -6.83 21.51
CA SER I 64 14.00 -6.53 21.51
C SER I 64 14.25 -5.03 21.64
N VAL I 65 13.81 -4.47 22.76
CA VAL I 65 13.86 -3.04 22.98
C VAL I 65 15.22 -2.61 23.50
N VAL I 66 15.66 -1.42 23.08
CA VAL I 66 16.90 -0.83 23.55
C VAL I 66 16.65 0.53 24.18
N ILE I 67 16.99 0.66 25.44
CA ILE I 67 16.83 1.93 26.16
C ILE I 67 18.20 2.56 26.38
N ILE I 68 18.33 3.81 25.93
CA ILE I 68 19.60 4.52 25.99
C ILE I 68 19.46 5.74 26.91
N HIS I 69 20.14 5.69 28.05
CA HIS I 69 20.07 6.78 29.01
C HIS I 69 21.39 7.56 29.04
N VAL I 70 21.33 8.80 28.57
CA VAL I 70 22.51 9.64 28.41
C VAL I 70 22.69 10.60 29.56
N PHE I 71 23.79 10.46 30.29
CA PHE I 71 24.13 11.38 31.37
C PHE I 71 25.26 12.28 30.92
N THR I 72 24.94 13.54 30.63
CA THR I 72 25.91 14.47 30.09
C THR I 72 25.71 15.83 30.75
N GLN I 73 26.66 16.74 30.56
CA GLN I 73 26.57 18.05 31.19
C GLN I 73 25.66 18.98 30.41
N ALA I 74 25.14 19.99 31.09
CA ALA I 74 24.17 20.91 30.50
C ALA I 74 24.86 21.82 29.50
N GLY I 75 24.07 22.44 28.63
CA GLY I 75 24.59 23.43 27.71
C GLY I 75 24.25 23.17 26.25
N ARG I 76 23.82 21.95 25.94
CA ARG I 76 23.50 21.59 24.56
C ARG I 76 22.09 22.04 24.23
N THR I 77 21.90 22.46 22.99
CA THR I 77 20.64 23.03 22.57
C THR I 77 19.61 21.96 22.22
N ILE I 78 18.37 22.39 22.14
CA ILE I 78 17.26 21.53 21.75
C ILE I 78 17.55 20.92 20.38
N GLU I 79 18.01 21.76 19.45
CA GLU I 79 18.31 21.32 18.10
C GLU I 79 19.43 20.27 18.10
N THR I 80 20.47 20.52 18.89
CA THR I 80 21.59 19.59 18.97
C THR I 80 21.15 18.26 19.59
N LYS I 81 20.26 18.33 20.58
CA LYS I 81 19.70 17.13 21.17
C LYS I 81 18.86 16.37 20.15
N GLN I 82 18.15 17.10 19.30
CA GLN I 82 17.36 16.49 18.24
C GLN I 82 18.27 15.77 17.26
N ARG I 83 19.43 16.34 16.99
CA ARG I 83 20.41 15.71 16.12
C ARG I 83 21.00 14.45 16.78
N VAL I 84 21.20 14.50 18.08
CA VAL I 84 21.68 13.33 18.82
C VAL I 84 20.70 12.16 18.65
N PHE I 85 19.42 12.44 18.93
CA PHE I 85 18.39 11.40 18.85
C PHE I 85 18.34 10.75 17.47
N ALA I 86 18.49 11.57 16.43
CA ALA I 86 18.37 11.09 15.05
C ALA I 86 19.56 10.23 14.65
N ALA I 87 20.75 10.70 15.00
CA ALA I 87 21.98 9.99 14.69
C ALA I 87 22.02 8.61 15.34
N ILE I 88 21.77 8.57 16.64
CA ILE I 88 21.76 7.32 17.39
C ILE I 88 20.88 6.28 16.69
N THR I 89 19.63 6.65 16.46
CA THR I 89 18.67 5.75 15.83
C THR I 89 19.13 5.33 14.44
N GLU I 90 19.63 6.29 13.67
CA GLU I 90 20.08 6.03 12.31
C GLU I 90 21.28 5.08 12.31
N SER I 91 22.17 5.25 13.27
CA SER I 91 23.37 4.43 13.35
C SER I 91 23.05 3.00 13.75
N LEU I 92 21.93 2.81 14.43
CA LEU I 92 21.55 1.51 14.96
C LEU I 92 20.77 0.64 13.97
N ALA I 93 20.16 1.26 12.96
CA ALA I 93 19.29 0.52 12.04
C ALA I 93 19.98 -0.64 11.33
N PRO I 94 21.12 -0.38 10.69
CA PRO I 94 21.84 -1.48 10.01
C PRO I 94 22.32 -2.50 11.03
N ILE I 95 22.50 -2.05 12.27
CA ILE I 95 22.95 -2.91 13.37
C ILE I 95 21.91 -3.97 13.76
N GLY I 96 20.68 -3.82 13.30
CA GLY I 96 19.62 -4.71 13.73
C GLY I 96 18.81 -4.19 14.90
N VAL I 97 18.79 -2.87 15.08
CA VAL I 97 17.93 -2.25 16.07
C VAL I 97 16.99 -1.28 15.37
N ALA I 98 15.71 -1.63 15.34
CA ALA I 98 14.72 -0.87 14.60
C ALA I 98 14.37 0.45 15.29
N GLY I 99 13.96 1.43 14.50
CA GLY I 99 13.59 2.72 15.03
C GLY I 99 12.45 2.63 16.04
N SER I 100 11.62 1.60 15.90
CA SER I 100 10.48 1.41 16.79
C SER I 100 10.91 0.93 18.16
N ASP I 101 12.14 0.40 18.24
CA ASP I 101 12.61 -0.24 19.47
C ASP I 101 13.61 0.61 20.25
N VAL I 102 13.83 1.84 19.81
CA VAL I 102 14.78 2.72 20.51
C VAL I 102 14.04 3.74 21.37
N PHE I 103 14.57 3.95 22.58
CA PHE I 103 14.03 4.93 23.51
C PHE I 103 15.22 5.62 24.16
N ILE I 104 15.24 6.95 24.10
CA ILE I 104 16.39 7.69 24.62
C ILE I 104 15.96 8.76 25.61
N ALA I 105 16.76 8.91 26.67
CA ALA I 105 16.51 9.91 27.69
C ALA I 105 17.81 10.61 28.06
N ILE I 106 17.74 11.92 28.23
CA ILE I 106 18.90 12.70 28.65
C ILE I 106 18.69 13.28 30.04
N THR I 107 19.68 13.08 30.91
CA THR I 107 19.67 13.65 32.25
C THR I 107 20.95 14.43 32.43
N GLU I 108 20.81 15.71 32.80
CA GLU I 108 21.96 16.63 32.78
C GLU I 108 22.55 16.90 34.16
N ASN I 109 23.82 17.30 34.15
CA ASN I 109 24.48 17.84 35.33
C ASN I 109 25.53 18.88 34.92
N ALA I 110 26.50 19.13 35.78
CA ALA I 110 27.51 20.16 35.53
C ALA I 110 28.89 19.54 35.33
N PRO I 111 29.82 20.30 34.71
CA PRO I 111 31.18 19.81 34.46
C PRO I 111 31.93 19.46 35.75
N HIS I 112 31.55 20.10 36.85
CA HIS I 112 32.18 19.83 38.13
C HIS I 112 31.57 18.61 38.82
N ASP I 113 30.75 17.87 38.09
CA ASP I 113 30.13 16.66 38.62
C ASP I 113 30.77 15.40 38.03
N TRP I 114 31.96 15.55 37.47
CA TRP I 114 32.64 14.42 36.82
C TRP I 114 34.06 14.23 37.34
N SER I 115 34.42 12.96 37.55
CA SER I 115 35.79 12.58 37.80
C SER I 115 36.13 11.38 36.93
N PHE I 116 37.09 11.56 36.02
CA PHE I 116 37.44 10.52 35.08
C PHE I 116 38.51 9.60 35.66
N GLY I 117 39.06 10.00 36.80
CA GLY I 117 39.92 9.12 37.57
C GLY I 117 40.94 9.82 38.45
N PHE I 118 41.72 9.02 39.17
CA PHE I 118 42.79 9.52 40.04
C PHE I 118 42.28 10.55 41.04
N GLY I 119 40.99 10.47 41.37
CA GLY I 119 40.40 11.33 42.40
C GLY I 119 40.30 12.79 42.03
N SER I 120 40.43 13.09 40.75
CA SER I 120 40.46 14.48 40.28
C SER I 120 39.22 14.84 39.47
N ALA I 121 38.78 16.10 39.58
CA ALA I 121 37.69 16.62 38.77
C ALA I 121 38.26 17.37 37.57
N GLN I 122 38.52 16.64 36.50
CA GLN I 122 39.33 17.17 35.40
C GLN I 122 38.76 18.39 34.69
N TYR I 123 37.44 18.50 34.60
CA TYR I 123 36.83 19.69 33.99
C TYR I 123 37.12 20.94 34.84
N VAL I 124 37.18 20.73 36.16
CA VAL I 124 37.37 21.84 37.10
C VAL I 124 38.85 22.23 37.21
N THR I 125 39.73 21.25 37.02
CA THR I 125 41.17 21.50 37.11
C THR I 125 41.67 22.18 35.85
N GLY I 126 40.97 21.97 34.74
CA GLY I 126 41.40 22.46 33.45
C GLY I 126 42.12 21.39 32.65
N GLU I 127 42.30 20.21 33.24
CA GLU I 127 42.99 19.14 32.54
C GLU I 127 42.22 18.69 31.30
N LEU I 128 40.90 18.82 31.36
CA LEU I 128 40.05 18.46 30.22
C LEU I 128 39.17 19.64 29.81
N ALA I 129 39.23 19.97 28.52
CA ALA I 129 38.48 21.09 27.98
C ALA I 129 36.98 20.86 28.06
N ILE I 130 36.24 21.89 28.46
CA ILE I 130 34.78 21.80 28.50
C ILE I 130 34.21 21.96 27.10
N PRO I 131 33.36 21.01 26.68
CA PRO I 131 32.78 20.95 25.33
C PRO I 131 31.72 22.03 25.09
N PRO J 1 -32.46 5.04 -9.07
CA PRO J 1 -33.14 4.86 -10.36
C PRO J 1 -32.29 5.34 -11.54
N LEU J 2 -32.64 4.89 -12.73
CA LEU J 2 -32.03 5.37 -13.95
C LEU J 2 -33.06 6.20 -14.69
N ILE J 3 -32.70 7.45 -15.01
CA ILE J 3 -33.64 8.35 -15.64
C ILE J 3 -33.17 8.79 -17.02
N ARG J 4 -33.99 8.50 -18.02
CA ARG J 4 -33.75 8.97 -19.38
C ARG J 4 -34.55 10.24 -19.58
N ILE J 5 -33.85 11.33 -19.87
CA ILE J 5 -34.51 12.60 -20.16
C ILE J 5 -34.34 12.94 -21.62
N ASP J 6 -35.47 13.13 -22.31
CA ASP J 6 -35.45 13.47 -23.72
C ASP J 6 -36.13 14.81 -23.93
N LEU J 7 -35.34 15.77 -24.40
CA LEU J 7 -35.81 17.14 -24.56
C LEU J 7 -35.36 17.67 -25.91
N THR J 8 -35.62 18.95 -26.17
CA THR J 8 -35.40 19.50 -27.50
C THR J 8 -34.10 20.30 -27.60
N SER J 9 -33.54 20.36 -28.80
CA SER J 9 -32.24 20.97 -29.03
C SER J 9 -32.24 22.47 -28.81
N ASP J 10 -33.42 23.09 -28.81
CA ASP J 10 -33.52 24.54 -28.66
C ASP J 10 -33.17 25.00 -27.26
N ARG J 11 -33.11 24.07 -26.31
CA ARG J 11 -32.71 24.40 -24.94
C ARG J 11 -31.19 24.39 -24.81
N SER J 12 -30.65 25.35 -24.08
CA SER J 12 -29.21 25.47 -23.90
C SER J 12 -28.66 24.31 -23.09
N ARG J 13 -27.37 24.07 -23.20
CA ARG J 13 -26.72 23.01 -22.44
C ARG J 13 -26.91 23.25 -20.94
N GLU J 14 -26.91 24.52 -20.55
CA GLU J 14 -27.04 24.90 -19.15
C GLU J 14 -28.43 24.53 -18.62
N GLN J 15 -29.46 24.77 -19.43
CA GLN J 15 -30.83 24.50 -19.02
C GLN J 15 -31.09 22.99 -18.97
N ARG J 16 -30.51 22.26 -19.90
CA ARG J 16 -30.62 20.81 -19.91
C ARG J 16 -30.07 20.23 -18.63
N ARG J 17 -28.91 20.75 -18.21
CA ARG J 17 -28.25 20.29 -17.01
C ARG J 17 -29.06 20.67 -15.77
N ALA J 18 -29.67 21.86 -15.80
CA ALA J 18 -30.50 22.31 -14.69
C ALA J 18 -31.75 21.43 -14.57
N ILE J 19 -32.35 21.12 -15.71
CA ILE J 19 -33.50 20.22 -15.75
C ILE J 19 -33.13 18.90 -15.10
N ALA J 20 -31.95 18.39 -15.42
CA ALA J 20 -31.47 17.14 -14.86
C ALA J 20 -31.28 17.25 -13.36
N ASP J 21 -30.71 18.37 -12.92
CA ASP J 21 -30.49 18.61 -11.50
C ASP J 21 -31.80 18.68 -10.73
N ALA J 22 -32.79 19.34 -11.33
CA ALA J 22 -34.08 19.51 -10.70
C ALA J 22 -34.76 18.17 -10.52
N VAL J 23 -34.72 17.35 -11.57
CA VAL J 23 -35.33 16.03 -11.54
C VAL J 23 -34.74 15.19 -10.42
N HIS J 24 -33.41 15.22 -10.29
CA HIS J 24 -32.76 14.45 -9.25
C HIS J 24 -33.13 14.98 -7.86
N ASP J 25 -33.12 16.29 -7.70
CA ASP J 25 -33.44 16.90 -6.41
C ASP J 25 -34.88 16.59 -5.99
N ALA J 26 -35.78 16.49 -6.95
CA ALA J 26 -37.16 16.11 -6.65
C ALA J 26 -37.25 14.64 -6.23
N LEU J 27 -36.52 13.78 -6.92
CA LEU J 27 -36.53 12.36 -6.61
C LEU J 27 -35.95 12.09 -5.22
N VAL J 28 -34.91 12.81 -4.85
CA VAL J 28 -34.30 12.64 -3.53
C VAL J 28 -35.23 13.13 -2.43
N GLU J 29 -35.88 14.26 -2.66
CA GLU J 29 -36.82 14.81 -1.68
C GLU J 29 -37.98 13.85 -1.44
N VAL J 30 -38.57 13.37 -2.53
CA VAL J 30 -39.76 12.54 -2.44
C VAL J 30 -39.47 11.08 -2.11
N LEU J 31 -38.57 10.45 -2.86
CA LEU J 31 -38.30 9.03 -2.69
C LEU J 31 -37.34 8.72 -1.53
N ALA J 32 -36.60 9.73 -1.08
CA ALA J 32 -35.63 9.54 -0.01
C ALA J 32 -34.51 8.58 -0.43
N ILE J 33 -34.00 8.76 -1.64
CA ILE J 33 -32.90 7.94 -2.13
C ILE J 33 -31.58 8.60 -1.76
N PRO J 34 -30.49 7.81 -1.71
CA PRO J 34 -29.21 8.45 -1.40
C PRO J 34 -28.97 9.61 -2.38
N ALA J 35 -28.36 10.68 -1.88
CA ALA J 35 -28.17 11.88 -2.69
C ALA J 35 -27.31 11.60 -3.91
N ARG J 36 -26.53 10.52 -3.86
CA ARG J 36 -25.63 10.17 -4.95
C ARG J 36 -26.18 9.00 -5.79
N ASP J 37 -27.42 8.61 -5.51
CA ASP J 37 -28.11 7.64 -6.35
C ASP J 37 -28.59 8.35 -7.60
N ARG J 38 -27.64 8.90 -8.35
CA ARG J 38 -27.94 9.72 -9.50
C ARG J 38 -27.43 9.07 -10.79
N PHE J 39 -28.37 8.70 -11.65
CA PHE J 39 -28.04 8.02 -12.90
C PHE J 39 -28.96 8.52 -13.98
N GLN J 40 -28.39 9.26 -14.94
CA GLN J 40 -29.20 10.00 -15.89
C GLN J 40 -28.59 10.04 -17.29
N ILE J 41 -29.47 9.94 -18.29
CA ILE J 41 -29.08 10.06 -19.69
C ILE J 41 -29.89 11.17 -20.35
N LEU J 42 -29.18 12.20 -20.81
CA LEU J 42 -29.82 13.35 -21.43
C LEU J 42 -29.63 13.29 -22.95
N THR J 43 -30.73 13.19 -23.67
CA THR J 43 -30.69 13.15 -25.13
C THR J 43 -31.52 14.29 -25.70
N ALA J 44 -30.88 15.16 -26.46
CA ALA J 44 -31.57 16.29 -27.09
C ALA J 44 -31.91 15.96 -28.53
N HIS J 45 -33.10 16.39 -28.97
CA HIS J 45 -33.58 16.11 -30.31
C HIS J 45 -34.06 17.40 -30.97
N ASP J 46 -34.08 17.41 -32.29
CA ASP J 46 -34.83 18.44 -33.00
C ASP J 46 -36.26 18.33 -32.51
N PRO J 47 -36.94 19.47 -32.32
CA PRO J 47 -38.30 19.39 -31.77
C PRO J 47 -39.23 18.56 -32.65
N SER J 48 -38.92 18.46 -33.94
CA SER J 48 -39.73 17.67 -34.85
C SER J 48 -39.65 16.18 -34.49
N ASP J 49 -38.57 15.78 -33.82
CA ASP J 49 -38.38 14.38 -33.48
C ASP J 49 -39.02 14.00 -32.13
N ILE J 50 -39.59 14.98 -31.44
CA ILE J 50 -40.39 14.70 -30.26
C ILE J 50 -41.83 15.12 -30.50
N ILE J 51 -42.74 14.18 -30.40
CA ILE J 51 -44.16 14.45 -30.61
C ILE J 51 -44.93 14.06 -29.36
N ALA J 52 -45.39 15.08 -28.63
CA ALA J 52 -46.15 14.86 -27.41
C ALA J 52 -47.41 15.73 -27.43
N GLU J 53 -48.54 15.08 -27.63
CA GLU J 53 -49.82 15.79 -27.68
C GLU J 53 -50.48 15.72 -26.30
N ASP J 54 -51.81 15.78 -26.22
CA ASP J 54 -52.46 15.95 -24.92
C ASP J 54 -53.37 14.79 -24.52
N ALA J 55 -53.35 13.71 -25.28
CA ALA J 55 -54.23 12.58 -24.99
C ALA J 55 -55.68 13.04 -24.90
N GLY J 56 -56.02 14.08 -25.65
CA GLY J 56 -57.38 14.59 -25.69
C GLY J 56 -57.83 15.27 -24.40
N LEU J 57 -56.87 15.59 -23.54
CA LEU J 57 -57.18 16.29 -22.29
C LEU J 57 -57.58 17.73 -22.55
N GLY J 58 -57.23 18.24 -23.72
CA GLY J 58 -57.63 19.57 -24.14
C GLY J 58 -56.67 20.66 -23.72
N PHE J 59 -55.39 20.48 -24.04
CA PHE J 59 -54.40 21.52 -23.83
C PHE J 59 -53.28 21.44 -24.87
N GLN J 60 -52.57 22.56 -25.05
CA GLN J 60 -51.53 22.63 -26.04
C GLN J 60 -50.16 22.65 -25.38
N ARG J 61 -49.16 22.13 -26.08
CA ARG J 61 -47.78 22.16 -25.59
C ARG J 61 -46.95 23.04 -26.51
N SER J 62 -45.95 23.70 -25.95
CA SER J 62 -44.94 24.36 -26.78
C SER J 62 -44.06 23.27 -27.39
N PRO J 63 -43.38 23.57 -28.49
CA PRO J 63 -42.49 22.58 -29.11
C PRO J 63 -41.41 22.04 -28.18
N SER J 64 -41.08 22.78 -27.12
CA SER J 64 -39.97 22.40 -26.24
C SER J 64 -40.41 21.41 -25.16
N VAL J 65 -40.84 20.24 -25.60
CA VAL J 65 -41.32 19.21 -24.68
C VAL J 65 -40.18 18.55 -23.91
N VAL J 66 -40.47 18.15 -22.68
CA VAL J 66 -39.51 17.40 -21.86
C VAL J 66 -40.13 16.09 -21.43
N ILE J 67 -39.57 14.99 -21.92
CA ILE J 67 -40.05 13.66 -21.54
C ILE J 67 -39.08 13.03 -20.55
N ILE J 68 -39.62 12.65 -19.40
CA ILE J 68 -38.84 12.09 -18.32
C ILE J 68 -39.28 10.66 -18.05
N HIS J 69 -38.34 9.73 -18.17
CA HIS J 69 -38.67 8.31 -18.03
C HIS J 69 -37.89 7.69 -16.87
N VAL J 70 -38.59 7.50 -15.76
CA VAL J 70 -37.99 7.01 -14.53
C VAL J 70 -38.02 5.49 -14.47
N PHE J 71 -36.84 4.88 -14.47
CA PHE J 71 -36.73 3.44 -14.25
C PHE J 71 -36.28 3.20 -12.81
N THR J 72 -37.12 2.54 -12.02
CA THR J 72 -36.88 2.37 -10.60
C THR J 72 -37.47 1.07 -10.11
N GLN J 73 -37.00 0.57 -8.96
CA GLN J 73 -37.49 -0.69 -8.45
C GLN J 73 -38.90 -0.54 -7.86
N ALA J 74 -39.70 -1.59 -8.02
CA ALA J 74 -41.09 -1.56 -7.58
C ALA J 74 -41.18 -1.37 -6.07
N GLY J 75 -42.36 -1.00 -5.60
CA GLY J 75 -42.60 -0.87 -4.18
C GLY J 75 -43.10 0.50 -3.73
N ARG J 76 -42.98 1.50 -4.60
CA ARG J 76 -43.44 2.85 -4.25
C ARG J 76 -44.96 2.96 -4.41
N THR J 77 -45.61 3.58 -3.43
CA THR J 77 -47.05 3.70 -3.44
C THR J 77 -47.54 4.57 -4.58
N ILE J 78 -48.77 4.31 -5.02
CA ILE J 78 -49.46 5.18 -5.96
C ILE J 78 -49.31 6.65 -5.54
N GLU J 79 -49.50 6.91 -4.24
CA GLU J 79 -49.44 8.28 -3.74
C GLU J 79 -48.03 8.86 -3.85
N THR J 80 -47.03 8.05 -3.53
CA THR J 80 -45.65 8.49 -3.62
C THR J 80 -45.27 8.86 -5.05
N LYS J 81 -45.83 8.13 -6.01
CA LYS J 81 -45.55 8.40 -7.41
C LYS J 81 -46.21 9.69 -7.85
N GLN J 82 -47.40 9.95 -7.32
CA GLN J 82 -48.07 11.22 -7.56
C GLN J 82 -47.20 12.36 -7.03
N ARG J 83 -46.54 12.13 -5.90
CA ARG J 83 -45.66 13.14 -5.32
C ARG J 83 -44.47 13.42 -6.23
N VAL J 84 -43.91 12.37 -6.84
CA VAL J 84 -42.79 12.54 -7.75
C VAL J 84 -43.20 13.37 -8.96
N PHE J 85 -44.31 12.99 -9.59
CA PHE J 85 -44.80 13.72 -10.76
C PHE J 85 -44.96 15.20 -10.45
N ALA J 86 -45.53 15.50 -9.29
CA ALA J 86 -45.78 16.87 -8.88
C ALA J 86 -44.49 17.60 -8.53
N ALA J 87 -43.68 16.99 -7.66
CA ALA J 87 -42.42 17.60 -7.24
C ALA J 87 -41.52 17.91 -8.42
N ILE J 88 -41.41 16.95 -9.34
CA ILE J 88 -40.59 17.15 -10.53
C ILE J 88 -41.09 18.33 -11.35
N THR J 89 -42.40 18.35 -11.61
CA THR J 89 -42.99 19.40 -12.44
C THR J 89 -42.84 20.78 -11.81
N GLU J 90 -42.92 20.86 -10.49
CA GLU J 90 -42.83 22.13 -9.79
C GLU J 90 -41.42 22.70 -9.84
N SER J 91 -40.42 21.82 -9.65
CA SER J 91 -39.02 22.23 -9.65
C SER J 91 -38.55 22.71 -11.03
N LEU J 92 -39.22 22.24 -12.08
CA LEU J 92 -38.87 22.62 -13.44
C LEU J 92 -39.48 23.97 -13.83
N ALA J 93 -40.54 24.37 -13.13
CA ALA J 93 -41.21 25.63 -13.44
C ALA J 93 -40.24 26.80 -13.39
N PRO J 94 -39.53 26.97 -12.27
CA PRO J 94 -38.57 28.08 -12.17
C PRO J 94 -37.48 28.05 -13.23
N ILE J 95 -37.13 26.85 -13.70
CA ILE J 95 -35.99 26.68 -14.59
C ILE J 95 -36.31 27.03 -16.04
N GLY J 96 -37.59 27.10 -16.38
CA GLY J 96 -37.99 27.47 -17.73
C GLY J 96 -38.74 26.37 -18.48
N VAL J 97 -39.30 25.42 -17.74
CA VAL J 97 -40.09 24.36 -18.34
C VAL J 97 -41.52 24.45 -17.82
N ALA J 98 -42.46 24.70 -18.72
CA ALA J 98 -43.86 24.87 -18.35
C ALA J 98 -44.51 23.54 -18.05
N GLY J 99 -45.49 23.53 -17.16
CA GLY J 99 -46.16 22.31 -16.76
C GLY J 99 -46.81 21.62 -17.95
N SER J 100 -47.18 22.40 -18.95
CA SER J 100 -47.79 21.87 -20.15
C SER J 100 -46.79 21.03 -20.93
N ASP J 101 -45.50 21.30 -20.75
CA ASP J 101 -44.46 20.70 -21.58
C ASP J 101 -43.75 19.54 -20.88
N VAL J 102 -44.28 19.10 -19.75
CA VAL J 102 -43.69 17.99 -19.01
C VAL J 102 -44.49 16.70 -19.20
N PHE J 103 -43.78 15.61 -19.48
CA PHE J 103 -44.40 14.30 -19.62
C PHE J 103 -43.52 13.27 -18.91
N ILE J 104 -44.12 12.51 -18.00
CA ILE J 104 -43.37 11.58 -17.16
C ILE J 104 -43.94 10.18 -17.22
N ALA J 105 -43.04 9.20 -17.26
CA ALA J 105 -43.43 7.79 -17.25
C ALA J 105 -42.54 7.01 -16.29
N ILE J 106 -43.14 6.12 -15.51
CA ILE J 106 -42.36 5.24 -14.63
C ILE J 106 -42.45 3.79 -15.12
N THR J 107 -41.29 3.12 -15.14
CA THR J 107 -41.22 1.70 -15.47
C THR J 107 -40.45 0.98 -14.38
N GLU J 108 -41.00 -0.12 -13.91
CA GLU J 108 -40.47 -0.76 -12.70
C GLU J 108 -39.70 -2.04 -12.96
N ASN J 109 -38.80 -2.36 -12.04
CA ASN J 109 -38.14 -3.66 -12.01
C ASN J 109 -37.83 -4.03 -10.57
N ALA J 110 -37.02 -5.08 -10.38
CA ALA J 110 -36.72 -5.56 -9.03
C ALA J 110 -35.31 -5.14 -8.61
N PRO J 111 -35.04 -5.22 -7.29
CA PRO J 111 -33.73 -4.82 -6.76
C PRO J 111 -32.59 -5.67 -7.31
N HIS J 112 -32.90 -6.89 -7.70
CA HIS J 112 -31.88 -7.80 -8.25
C HIS J 112 -31.66 -7.54 -9.75
N ASP J 113 -32.22 -6.45 -10.25
CA ASP J 113 -32.08 -6.08 -11.66
C ASP J 113 -31.11 -4.92 -11.85
N TRP J 114 -30.24 -4.71 -10.87
CA TRP J 114 -29.31 -3.57 -10.91
C TRP J 114 -27.88 -3.95 -10.58
N SER J 115 -26.94 -3.39 -11.35
CA SER J 115 -25.52 -3.47 -11.02
C SER J 115 -24.91 -2.07 -11.13
N PHE J 116 -24.41 -1.55 -10.02
CA PHE J 116 -23.89 -0.19 -9.97
C PHE J 116 -22.42 -0.14 -10.36
N GLY J 117 -21.84 -1.29 -10.68
CA GLY J 117 -20.46 -1.34 -11.13
C GLY J 117 -19.74 -2.61 -10.70
N PHE J 118 -18.57 -2.83 -11.28
CA PHE J 118 -17.69 -3.92 -10.87
C PHE J 118 -18.32 -5.31 -11.04
N GLY J 119 -19.40 -5.40 -11.79
CA GLY J 119 -20.02 -6.68 -12.10
C GLY J 119 -20.80 -7.28 -10.95
N SER J 120 -21.08 -6.46 -9.94
CA SER J 120 -21.79 -6.93 -8.75
C SER J 120 -23.21 -6.39 -8.70
N ALA J 121 -24.12 -7.19 -8.13
CA ALA J 121 -25.49 -6.74 -7.86
C ALA J 121 -25.58 -6.32 -6.40
N GLN J 122 -25.34 -5.04 -6.15
CA GLN J 122 -25.15 -4.54 -4.78
C GLN J 122 -26.39 -4.70 -3.89
N TYR J 123 -27.58 -4.71 -4.48
CA TYR J 123 -28.80 -4.92 -3.69
C TYR J 123 -28.92 -6.38 -3.26
N VAL J 124 -28.36 -7.27 -4.08
CA VAL J 124 -28.42 -8.71 -3.82
C VAL J 124 -27.34 -9.13 -2.83
N THR J 125 -26.16 -8.55 -2.96
CA THR J 125 -25.05 -8.88 -2.06
C THR J 125 -25.28 -8.25 -0.70
N GLY J 126 -26.04 -7.17 -0.66
CA GLY J 126 -26.31 -6.46 0.58
C GLY J 126 -25.32 -5.33 0.83
N GLU J 127 -24.53 -4.98 -0.18
CA GLU J 127 -23.60 -3.86 -0.06
C GLU J 127 -24.34 -2.53 -0.06
N LEU J 128 -25.54 -2.53 -0.66
CA LEU J 128 -26.37 -1.34 -0.72
C LEU J 128 -27.78 -1.67 -0.23
N ALA J 129 -28.26 -0.89 0.74
CA ALA J 129 -29.57 -1.12 1.32
C ALA J 129 -30.69 -0.95 0.31
N ILE J 130 -31.65 -1.86 0.33
CA ILE J 130 -32.87 -1.70 -0.47
C ILE J 130 -33.81 -0.77 0.27
N PRO J 131 -34.23 0.33 -0.38
CA PRO J 131 -35.14 1.29 0.26
C PRO J 131 -36.30 0.60 0.96
N PRO K 1 -49.76 5.68 -24.96
CA PRO K 1 -48.47 5.03 -24.71
C PRO K 1 -47.30 5.90 -25.17
N LEU K 2 -46.09 5.52 -24.74
CA LEU K 2 -44.88 6.24 -25.13
C LEU K 2 -44.06 5.36 -26.07
N ILE K 3 -43.83 5.86 -27.28
CA ILE K 3 -43.13 5.09 -28.30
C ILE K 3 -41.74 5.64 -28.58
N ARG K 4 -40.73 4.80 -28.39
CA ARG K 4 -39.38 5.16 -28.76
C ARG K 4 -39.05 4.45 -30.07
N ILE K 5 -38.92 5.24 -31.13
CA ILE K 5 -38.60 4.70 -32.45
C ILE K 5 -37.16 5.06 -32.80
N ASP K 6 -36.33 4.04 -32.97
CA ASP K 6 -34.94 4.24 -33.32
C ASP K 6 -34.65 3.65 -34.69
N LEU K 7 -34.17 4.49 -35.60
CA LEU K 7 -33.91 4.06 -36.96
C LEU K 7 -32.60 4.63 -37.46
N THR K 8 -32.35 4.50 -38.76
CA THR K 8 -31.06 4.87 -39.34
C THR K 8 -31.14 6.19 -40.10
N SER K 9 -30.02 6.87 -40.22
CA SER K 9 -29.99 8.24 -40.75
C SER K 9 -30.11 8.32 -42.27
N ASP K 10 -30.05 7.18 -42.95
CA ASP K 10 -30.20 7.14 -44.40
C ASP K 10 -31.64 7.43 -44.80
N ARG K 11 -32.57 7.25 -43.87
CA ARG K 11 -33.98 7.55 -44.12
C ARG K 11 -34.24 9.05 -43.98
N SER K 12 -35.05 9.59 -44.88
CA SER K 12 -35.30 11.02 -44.95
C SER K 12 -36.14 11.51 -43.78
N ARG K 13 -36.01 12.80 -43.46
CA ARG K 13 -36.82 13.40 -42.41
C ARG K 13 -38.29 13.16 -42.69
N GLU K 14 -38.66 13.22 -43.96
CA GLU K 14 -40.04 13.04 -44.38
C GLU K 14 -40.51 11.61 -44.13
N GLN K 15 -39.65 10.65 -44.45
CA GLN K 15 -40.01 9.25 -44.33
C GLN K 15 -40.14 8.87 -42.86
N ARG K 16 -39.21 9.37 -42.06
CA ARG K 16 -39.24 9.17 -40.63
C ARG K 16 -40.58 9.59 -40.06
N ARG K 17 -40.96 10.84 -40.34
CA ARG K 17 -42.24 11.35 -39.87
C ARG K 17 -43.37 10.43 -40.34
N ALA K 18 -43.32 10.05 -41.61
CA ALA K 18 -44.30 9.12 -42.15
C ALA K 18 -44.34 7.85 -41.31
N ILE K 19 -43.17 7.27 -41.06
CA ILE K 19 -43.06 6.08 -40.22
C ILE K 19 -43.72 6.33 -38.87
N ALA K 20 -43.48 7.49 -38.29
CA ALA K 20 -44.06 7.84 -37.00
C ALA K 20 -45.58 7.87 -37.09
N ASP K 21 -46.09 8.49 -38.16
CA ASP K 21 -47.53 8.59 -38.37
C ASP K 21 -48.15 7.20 -38.51
N ALA K 22 -47.52 6.34 -39.32
CA ALA K 22 -48.01 4.98 -39.52
C ALA K 22 -48.18 4.25 -38.19
N VAL K 23 -47.13 4.29 -37.37
CA VAL K 23 -47.14 3.61 -36.07
C VAL K 23 -48.29 4.10 -35.21
N HIS K 24 -48.45 5.41 -35.09
CA HIS K 24 -49.52 5.95 -34.27
C HIS K 24 -50.88 5.52 -34.80
N ASP K 25 -51.06 5.63 -36.10
CA ASP K 25 -52.34 5.31 -36.72
C ASP K 25 -52.73 3.85 -36.47
N ALA K 26 -51.72 2.98 -36.45
CA ALA K 26 -51.96 1.56 -36.24
C ALA K 26 -52.39 1.26 -34.80
N LEU K 27 -51.79 1.94 -33.84
CA LEU K 27 -52.11 1.75 -32.44
C LEU K 27 -53.50 2.31 -32.14
N VAL K 28 -53.80 3.45 -32.72
CA VAL K 28 -55.13 4.05 -32.62
C VAL K 28 -56.16 3.06 -33.13
N GLU K 29 -55.90 2.50 -34.31
CA GLU K 29 -56.80 1.54 -34.92
C GLU K 29 -56.99 0.29 -34.06
N VAL K 30 -55.89 -0.35 -33.67
CA VAL K 30 -55.96 -1.62 -32.95
C VAL K 30 -56.38 -1.45 -31.48
N LEU K 31 -55.82 -0.45 -30.81
CA LEU K 31 -56.01 -0.30 -29.37
C LEU K 31 -57.21 0.57 -29.01
N ALA K 32 -57.62 1.42 -29.94
CA ALA K 32 -58.67 2.40 -29.68
C ALA K 32 -58.26 3.36 -28.56
N ILE K 33 -56.97 3.68 -28.51
CA ILE K 33 -56.50 4.77 -27.67
C ILE K 33 -56.99 6.08 -28.25
N PRO K 34 -57.09 7.14 -27.42
CA PRO K 34 -57.47 8.45 -27.95
C PRO K 34 -56.55 8.85 -29.11
N ALA K 35 -57.10 9.51 -30.12
CA ALA K 35 -56.33 9.89 -31.29
C ALA K 35 -55.16 10.81 -30.94
N ARG K 36 -55.29 11.56 -29.85
CA ARG K 36 -54.22 12.46 -29.43
C ARG K 36 -53.37 11.86 -28.32
N ASP K 37 -53.56 10.57 -28.06
CA ASP K 37 -52.69 9.86 -27.13
C ASP K 37 -51.43 9.49 -27.88
N ARG K 38 -50.65 10.51 -28.23
CA ARG K 38 -49.49 10.34 -29.08
C ARG K 38 -48.24 10.87 -28.38
N PHE K 39 -47.30 9.99 -28.13
CA PHE K 39 -46.05 10.35 -27.48
C PHE K 39 -44.93 9.52 -28.07
N GLN K 40 -44.07 10.18 -28.85
CA GLN K 40 -43.05 9.47 -29.60
C GLN K 40 -41.71 10.19 -29.56
N ILE K 41 -40.65 9.40 -29.50
CA ILE K 41 -39.29 9.91 -29.54
C ILE K 41 -38.57 9.25 -30.71
N LEU K 42 -38.38 10.00 -31.78
CA LEU K 42 -37.70 9.49 -32.96
C LEU K 42 -36.22 9.79 -32.87
N THR K 43 -35.39 8.76 -32.99
CA THR K 43 -33.94 8.94 -32.94
C THR K 43 -33.27 8.23 -34.10
N ALA K 44 -32.57 9.00 -34.93
CA ALA K 44 -31.83 8.45 -36.06
C ALA K 44 -30.37 8.20 -35.69
N HIS K 45 -29.87 7.03 -36.07
CA HIS K 45 -28.49 6.65 -35.83
C HIS K 45 -27.81 6.32 -37.14
N ASP K 46 -26.48 6.39 -37.17
CA ASP K 46 -25.76 5.75 -38.25
C ASP K 46 -26.09 4.27 -38.16
N PRO K 47 -26.23 3.60 -39.30
CA PRO K 47 -26.62 2.19 -39.29
C PRO K 47 -25.72 1.30 -38.43
N SER K 48 -24.49 1.77 -38.17
CA SER K 48 -23.51 0.98 -37.44
C SER K 48 -23.80 0.97 -35.95
N ASP K 49 -24.59 1.94 -35.49
CA ASP K 49 -24.92 2.07 -34.08
C ASP K 49 -26.25 1.38 -33.76
N ILE K 50 -26.88 0.79 -34.77
CA ILE K 50 -28.07 -0.02 -34.57
C ILE K 50 -27.84 -1.40 -35.18
N ILE K 51 -27.87 -2.42 -34.34
CA ILE K 51 -27.53 -3.77 -34.74
C ILE K 51 -28.68 -4.73 -34.45
N ALA K 52 -29.35 -5.20 -35.51
CA ALA K 52 -30.48 -6.10 -35.36
C ALA K 52 -30.39 -7.28 -36.31
N GLU K 53 -30.15 -8.46 -35.76
CA GLU K 53 -30.04 -9.67 -36.55
C GLU K 53 -31.38 -10.43 -36.54
N ASP K 54 -31.36 -11.75 -36.71
CA ASP K 54 -32.60 -12.48 -36.95
C ASP K 54 -32.97 -13.49 -35.86
N ALA K 55 -32.22 -13.50 -34.76
CA ALA K 55 -32.50 -14.42 -33.67
C ALA K 55 -32.37 -15.87 -34.11
N GLY K 56 -31.62 -16.08 -35.20
CA GLY K 56 -31.43 -17.42 -35.75
C GLY K 56 -32.61 -17.88 -36.60
N LEU K 57 -33.52 -16.97 -36.90
CA LEU K 57 -34.75 -17.33 -37.60
C LEU K 57 -34.52 -17.61 -39.08
N GLY K 58 -33.41 -17.10 -39.62
CA GLY K 58 -33.02 -17.41 -40.98
C GLY K 58 -33.44 -16.38 -42.00
N PHE K 59 -33.16 -15.12 -41.72
CA PHE K 59 -33.42 -14.04 -42.70
C PHE K 59 -32.46 -12.87 -42.51
N GLN K 60 -32.24 -12.12 -43.58
CA GLN K 60 -31.33 -10.98 -43.54
C GLN K 60 -32.08 -9.66 -43.58
N ARG K 61 -31.50 -8.64 -42.94
CA ARG K 61 -32.09 -7.31 -42.92
C ARG K 61 -31.22 -6.34 -43.69
N SER K 62 -31.85 -5.30 -44.26
CA SER K 62 -31.10 -4.18 -44.78
C SER K 62 -30.48 -3.47 -43.59
N PRO K 63 -29.47 -2.62 -43.84
CA PRO K 63 -28.91 -1.81 -42.76
C PRO K 63 -29.94 -0.86 -42.15
N SER K 64 -31.05 -0.64 -42.85
CA SER K 64 -31.99 0.41 -42.47
C SER K 64 -33.10 -0.14 -41.59
N VAL K 65 -32.71 -0.66 -40.43
CA VAL K 65 -33.66 -1.27 -39.51
C VAL K 65 -34.42 -0.21 -38.71
N VAL K 66 -35.66 -0.55 -38.36
CA VAL K 66 -36.50 0.33 -37.56
C VAL K 66 -36.92 -0.41 -36.30
N ILE K 67 -36.48 0.09 -35.16
CA ILE K 67 -36.79 -0.52 -33.87
C ILE K 67 -37.85 0.31 -33.15
N ILE K 68 -38.97 -0.33 -32.84
CA ILE K 68 -40.09 0.35 -32.21
C ILE K 68 -40.35 -0.23 -30.82
N HIS K 69 -40.16 0.60 -29.80
CA HIS K 69 -40.28 0.16 -28.42
C HIS K 69 -41.50 0.80 -27.76
N VAL K 70 -42.57 0.02 -27.65
CA VAL K 70 -43.84 0.52 -27.12
C VAL K 70 -43.91 0.40 -25.60
N PHE K 71 -44.03 1.54 -24.93
CA PHE K 71 -44.30 1.55 -23.50
C PHE K 71 -45.77 1.88 -23.26
N THR K 72 -46.52 0.88 -22.82
CA THR K 72 -47.96 1.00 -22.63
C THR K 72 -48.36 0.35 -21.32
N GLN K 73 -49.57 0.64 -20.84
CA GLN K 73 -50.03 0.04 -19.59
C GLN K 73 -50.49 -1.39 -19.82
N ALA K 74 -50.28 -2.24 -18.82
CA ALA K 74 -50.62 -3.65 -18.93
C ALA K 74 -52.10 -3.84 -19.18
N GLY K 75 -52.50 -5.04 -19.59
CA GLY K 75 -53.89 -5.36 -19.76
C GLY K 75 -54.25 -5.93 -21.13
N ARG K 76 -53.55 -5.47 -22.16
CA ARG K 76 -53.86 -5.89 -23.52
C ARG K 76 -53.57 -7.38 -23.68
N THR K 77 -54.43 -8.06 -24.42
CA THR K 77 -54.30 -9.50 -24.60
C THR K 77 -53.18 -9.84 -25.57
N ILE K 78 -52.70 -11.07 -25.50
CA ILE K 78 -51.74 -11.58 -26.46
C ILE K 78 -52.27 -11.35 -27.88
N GLU K 79 -53.55 -11.68 -28.08
CA GLU K 79 -54.17 -11.55 -29.39
C GLU K 79 -54.20 -10.10 -29.87
N THR K 80 -54.41 -9.17 -28.95
CA THR K 80 -54.42 -7.76 -29.28
C THR K 80 -53.02 -7.30 -29.67
N LYS K 81 -52.00 -7.83 -28.99
CA LYS K 81 -50.63 -7.46 -29.26
C LYS K 81 -50.17 -7.97 -30.62
N GLN K 82 -50.51 -9.22 -30.92
CA GLN K 82 -50.27 -9.77 -32.24
C GLN K 82 -50.85 -8.81 -33.28
N ARG K 83 -52.06 -8.33 -33.02
CA ARG K 83 -52.72 -7.40 -33.93
C ARG K 83 -51.91 -6.12 -34.10
N VAL K 84 -51.36 -5.60 -32.99
CA VAL K 84 -50.51 -4.42 -33.05
C VAL K 84 -49.35 -4.65 -33.99
N PHE K 85 -48.55 -5.67 -33.70
CA PHE K 85 -47.37 -5.98 -34.49
C PHE K 85 -47.69 -6.01 -35.98
N ALA K 86 -48.72 -6.78 -36.34
CA ALA K 86 -49.10 -6.95 -37.73
C ALA K 86 -49.66 -5.66 -38.32
N ALA K 87 -50.40 -4.90 -37.52
CA ALA K 87 -50.94 -3.63 -37.96
C ALA K 87 -49.80 -2.68 -38.33
N ILE K 88 -48.86 -2.53 -37.41
CA ILE K 88 -47.71 -1.68 -37.61
C ILE K 88 -46.90 -2.07 -38.85
N THR K 89 -46.50 -3.34 -38.91
CA THR K 89 -45.60 -3.79 -39.98
C THR K 89 -46.20 -3.56 -41.37
N GLU K 90 -47.51 -3.72 -41.48
CA GLU K 90 -48.17 -3.58 -42.78
C GLU K 90 -48.32 -2.12 -43.19
N SER K 91 -48.63 -1.26 -42.23
CA SER K 91 -48.73 0.17 -42.53
C SER K 91 -47.39 0.72 -42.99
N LEU K 92 -46.31 0.11 -42.53
CA LEU K 92 -44.96 0.58 -42.84
C LEU K 92 -44.50 0.12 -44.22
N ALA K 93 -45.06 -1.00 -44.70
CA ALA K 93 -44.64 -1.57 -45.97
C ALA K 93 -44.84 -0.65 -47.18
N PRO K 94 -46.04 -0.04 -47.29
CA PRO K 94 -46.31 0.90 -48.38
C PRO K 94 -45.30 2.07 -48.39
N ILE K 95 -44.70 2.33 -47.23
CA ILE K 95 -43.56 3.22 -47.10
C ILE K 95 -42.32 2.39 -47.44
N GLY K 96 -41.14 2.99 -47.45
CA GLY K 96 -39.90 2.23 -47.66
C GLY K 96 -39.41 1.31 -46.55
N VAL K 97 -40.28 0.82 -45.67
CA VAL K 97 -39.82 -0.08 -44.59
C VAL K 97 -40.30 -1.52 -44.79
N ALA K 98 -39.37 -2.38 -45.21
CA ALA K 98 -39.66 -3.78 -45.48
C ALA K 98 -39.99 -4.55 -44.21
N GLY K 99 -40.75 -5.63 -44.36
CA GLY K 99 -41.13 -6.48 -43.25
C GLY K 99 -39.93 -7.09 -42.54
N SER K 100 -38.86 -7.29 -43.30
CA SER K 100 -37.63 -7.84 -42.76
C SER K 100 -36.96 -6.86 -41.78
N ASP K 101 -37.26 -5.58 -41.94
CA ASP K 101 -36.51 -4.54 -41.26
C ASP K 101 -37.24 -3.94 -40.05
N VAL K 102 -38.34 -4.54 -39.63
CA VAL K 102 -39.07 -4.07 -38.46
C VAL K 102 -38.82 -4.94 -37.24
N PHE K 103 -38.56 -4.30 -36.11
CA PHE K 103 -38.43 -4.97 -34.83
C PHE K 103 -39.28 -4.21 -33.82
N ILE K 104 -40.10 -4.93 -33.05
CA ILE K 104 -40.99 -4.29 -32.10
C ILE K 104 -40.96 -4.98 -30.74
N ALA K 105 -40.89 -4.19 -29.68
CA ALA K 105 -40.92 -4.72 -28.31
C ALA K 105 -41.87 -3.89 -27.45
N ILE K 106 -42.55 -4.57 -26.53
CA ILE K 106 -43.52 -3.93 -25.65
C ILE K 106 -43.10 -4.05 -24.18
N THR K 107 -43.02 -2.93 -23.49
CA THR K 107 -42.74 -2.92 -22.06
C THR K 107 -43.91 -2.27 -21.32
N GLU K 108 -44.44 -2.95 -20.31
CA GLU K 108 -45.66 -2.53 -19.65
C GLU K 108 -45.44 -1.88 -18.28
N ASN K 109 -46.39 -1.03 -17.90
CA ASN K 109 -46.46 -0.51 -16.54
C ASN K 109 -47.93 -0.38 -16.12
N ALA K 110 -48.20 0.42 -15.10
CA ALA K 110 -49.57 0.59 -14.62
C ALA K 110 -50.07 2.01 -14.90
N PRO K 111 -51.40 2.21 -14.89
CA PRO K 111 -51.96 3.54 -15.17
C PRO K 111 -51.45 4.61 -14.21
N HIS K 112 -51.15 4.25 -12.97
CA HIS K 112 -50.62 5.21 -12.00
C HIS K 112 -49.15 5.54 -12.25
N ASP K 113 -48.60 5.07 -13.36
CA ASP K 113 -47.19 5.32 -13.69
C ASP K 113 -47.02 6.37 -14.78
N TRP K 114 -48.06 7.20 -14.98
CA TRP K 114 -48.02 8.21 -16.04
C TRP K 114 -48.43 9.60 -15.55
N SER K 115 -47.67 10.60 -15.97
CA SER K 115 -48.11 11.99 -15.84
C SER K 115 -48.04 12.66 -17.22
N PHE K 116 -49.20 13.09 -17.70
CA PHE K 116 -49.30 13.69 -19.02
C PHE K 116 -49.03 15.19 -19.00
N GLY K 117 -48.68 15.71 -17.82
CA GLY K 117 -48.42 17.13 -17.69
C GLY K 117 -48.97 17.70 -16.40
N PHE K 118 -48.58 18.94 -16.11
CA PHE K 118 -49.15 19.69 -15.00
C PHE K 118 -48.99 18.97 -13.66
N GLY K 119 -47.99 18.08 -13.59
CA GLY K 119 -47.67 17.40 -12.36
C GLY K 119 -48.73 16.42 -11.87
N SER K 120 -49.76 16.20 -12.69
CA SER K 120 -50.88 15.35 -12.29
C SER K 120 -50.76 13.94 -12.87
N ALA K 121 -51.27 12.96 -12.13
CA ALA K 121 -51.41 11.60 -12.63
C ALA K 121 -52.85 11.41 -13.09
N GLN K 122 -53.11 11.72 -14.35
CA GLN K 122 -54.48 11.86 -14.83
C GLN K 122 -55.31 10.57 -14.74
N TYR K 123 -54.66 9.42 -14.87
CA TYR K 123 -55.38 8.15 -14.75
C TYR K 123 -55.89 7.94 -13.32
N VAL K 124 -55.08 8.36 -12.36
CA VAL K 124 -55.39 8.18 -10.95
C VAL K 124 -56.50 9.14 -10.49
N THR K 125 -56.37 10.40 -10.88
CA THR K 125 -57.32 11.43 -10.50
C THR K 125 -58.67 11.24 -11.16
N GLY K 126 -58.67 10.65 -12.35
CA GLY K 126 -59.88 10.47 -13.12
C GLY K 126 -60.05 11.52 -14.21
N GLU K 127 -59.03 12.36 -14.39
CA GLU K 127 -59.04 13.35 -15.46
C GLU K 127 -59.05 12.64 -16.81
N LEU K 128 -58.49 11.44 -16.84
CA LEU K 128 -58.42 10.65 -18.05
C LEU K 128 -58.88 9.23 -17.73
N ALA K 129 -59.80 8.71 -18.53
CA ALA K 129 -60.32 7.36 -18.30
C ALA K 129 -59.22 6.34 -18.56
N ILE K 130 -59.15 5.33 -17.70
CA ILE K 130 -58.16 4.27 -17.83
C ILE K 130 -58.53 3.34 -18.99
N PRO L 1 -33.05 -10.30 -26.28
CA PRO L 1 -33.20 -9.01 -25.60
C PRO L 1 -32.86 -7.81 -26.47
N LEU L 2 -33.46 -6.68 -26.13
CA LEU L 2 -33.09 -5.41 -26.71
C LEU L 2 -32.14 -4.71 -25.74
N ILE L 3 -30.93 -4.41 -26.19
CA ILE L 3 -29.95 -3.74 -25.34
C ILE L 3 -29.74 -2.30 -25.79
N ARG L 4 -30.01 -1.36 -24.91
CA ARG L 4 -29.69 0.04 -25.17
C ARG L 4 -28.39 0.36 -24.46
N ILE L 5 -27.36 0.69 -25.24
CA ILE L 5 -26.05 1.02 -24.69
C ILE L 5 -25.75 2.50 -24.89
N ASP L 6 -25.72 3.24 -23.80
CA ASP L 6 -25.45 4.67 -23.86
C ASP L 6 -24.06 4.95 -23.28
N LEU L 7 -23.21 5.56 -24.09
CA LEU L 7 -21.83 5.83 -23.69
C LEU L 7 -21.39 7.21 -24.14
N THR L 8 -20.09 7.49 -24.07
CA THR L 8 -19.60 8.83 -24.33
C THR L 8 -18.88 8.94 -25.68
N SER L 9 -18.96 10.13 -26.28
CA SER L 9 -18.49 10.35 -27.64
C SER L 9 -16.97 10.41 -27.76
N ASP L 10 -16.29 10.53 -26.62
CA ASP L 10 -14.83 10.58 -26.61
C ASP L 10 -14.23 9.23 -27.01
N ARG L 11 -15.03 8.16 -26.94
CA ARG L 11 -14.58 6.85 -27.37
C ARG L 11 -14.63 6.74 -28.89
N SER L 12 -13.71 5.95 -29.44
CA SER L 12 -13.64 5.75 -30.88
C SER L 12 -14.78 4.88 -31.39
N ARG L 13 -15.14 5.06 -32.65
CA ARG L 13 -16.15 4.23 -33.30
C ARG L 13 -15.79 2.76 -33.16
N GLU L 14 -14.52 2.43 -33.35
CA GLU L 14 -14.07 1.04 -33.24
C GLU L 14 -14.35 0.49 -31.86
N GLN L 15 -14.09 1.30 -30.83
CA GLN L 15 -14.21 0.83 -29.46
C GLN L 15 -15.68 0.73 -29.03
N ARG L 16 -16.53 1.60 -29.56
CA ARG L 16 -17.96 1.53 -29.27
C ARG L 16 -18.48 0.19 -29.76
N ARG L 17 -18.12 -0.15 -31.00
CA ARG L 17 -18.53 -1.40 -31.61
C ARG L 17 -18.00 -2.57 -30.82
N ALA L 18 -16.77 -2.45 -30.35
CA ALA L 18 -16.12 -3.50 -29.59
C ALA L 18 -16.88 -3.73 -28.28
N ILE L 19 -17.24 -2.63 -27.64
CA ILE L 19 -18.05 -2.67 -26.43
C ILE L 19 -19.35 -3.43 -26.68
N ALA L 20 -20.02 -3.11 -27.78
CA ALA L 20 -21.27 -3.78 -28.13
C ALA L 20 -21.06 -5.27 -28.39
N ASP L 21 -19.99 -5.61 -29.10
CA ASP L 21 -19.66 -7.01 -29.38
C ASP L 21 -19.48 -7.79 -28.08
N ALA L 22 -18.71 -7.22 -27.16
CA ALA L 22 -18.41 -7.90 -25.90
C ALA L 22 -19.68 -8.11 -25.07
N VAL L 23 -20.51 -7.08 -24.99
CA VAL L 23 -21.79 -7.20 -24.29
C VAL L 23 -22.58 -8.38 -24.85
N HIS L 24 -22.72 -8.44 -26.17
CA HIS L 24 -23.52 -9.48 -26.78
C HIS L 24 -22.95 -10.87 -26.50
N ASP L 25 -21.64 -11.02 -26.67
CA ASP L 25 -20.97 -12.29 -26.39
C ASP L 25 -21.25 -12.75 -24.96
N ALA L 26 -21.15 -11.83 -24.02
CA ALA L 26 -21.39 -12.15 -22.62
C ALA L 26 -22.82 -12.65 -22.40
N LEU L 27 -23.78 -11.96 -23.02
CA LEU L 27 -25.18 -12.32 -22.88
C LEU L 27 -25.47 -13.70 -23.45
N VAL L 28 -24.91 -13.98 -24.61
CA VAL L 28 -25.09 -15.28 -25.26
C VAL L 28 -24.51 -16.40 -24.38
N GLU L 29 -23.32 -16.18 -23.85
CA GLU L 29 -22.66 -17.17 -23.01
C GLU L 29 -23.47 -17.49 -21.75
N VAL L 30 -23.95 -16.46 -21.07
CA VAL L 30 -24.63 -16.63 -19.79
C VAL L 30 -26.11 -17.02 -19.94
N LEU L 31 -26.81 -16.38 -20.87
CA LEU L 31 -28.24 -16.64 -21.02
C LEU L 31 -28.55 -17.80 -21.95
N ALA L 32 -27.57 -18.20 -22.76
CA ALA L 32 -27.79 -19.24 -23.76
C ALA L 32 -28.93 -18.85 -24.69
N ILE L 33 -28.95 -17.58 -25.08
CA ILE L 33 -29.86 -17.10 -26.11
C ILE L 33 -29.28 -17.44 -27.48
N PRO L 34 -30.12 -17.45 -28.53
CA PRO L 34 -29.57 -17.75 -29.85
C PRO L 34 -28.40 -16.84 -30.20
N ALA L 35 -27.39 -17.41 -30.84
CA ALA L 35 -26.19 -16.68 -31.26
C ALA L 35 -26.52 -15.35 -31.94
N ARG L 36 -27.57 -15.36 -32.76
CA ARG L 36 -27.94 -14.17 -33.54
C ARG L 36 -29.11 -13.42 -32.93
N ASP L 37 -29.37 -13.65 -31.65
CA ASP L 37 -30.39 -12.90 -30.92
C ASP L 37 -29.77 -11.58 -30.48
N ARG L 38 -29.32 -10.79 -31.45
CA ARG L 38 -28.58 -9.57 -31.18
C ARG L 38 -29.37 -8.34 -31.60
N PHE L 39 -29.79 -7.56 -30.62
CA PHE L 39 -30.56 -6.35 -30.89
C PHE L 39 -30.10 -5.22 -29.97
N GLN L 40 -29.37 -4.28 -30.55
CA GLN L 40 -28.65 -3.28 -29.78
C GLN L 40 -28.78 -1.88 -30.37
N ILE L 41 -28.94 -0.90 -29.50
CA ILE L 41 -28.90 0.50 -29.91
C ILE L 41 -27.77 1.22 -29.19
N LEU L 42 -26.75 1.62 -29.96
CA LEU L 42 -25.63 2.37 -29.44
C LEU L 42 -25.87 3.86 -29.58
N THR L 43 -25.77 4.58 -28.47
CA THR L 43 -25.92 6.03 -28.49
C THR L 43 -24.78 6.69 -27.73
N ALA L 44 -24.02 7.53 -28.42
CA ALA L 44 -22.93 8.26 -27.77
C ALA L 44 -23.42 9.65 -27.37
N HIS L 45 -22.92 10.13 -26.23
CA HIS L 45 -23.28 11.44 -25.72
C HIS L 45 -22.02 12.17 -25.29
N ASP L 46 -22.10 13.49 -25.20
CA ASP L 46 -21.07 14.24 -24.51
C ASP L 46 -21.10 13.77 -23.06
N PRO L 47 -19.92 13.57 -22.45
CA PRO L 47 -19.86 13.06 -21.07
C PRO L 47 -20.71 13.85 -20.09
N SER L 48 -21.07 15.08 -20.42
CA SER L 48 -21.87 15.92 -19.54
C SER L 48 -23.34 15.58 -19.60
N ASP L 49 -23.72 14.72 -20.55
CA ASP L 49 -25.11 14.31 -20.71
C ASP L 49 -25.35 12.91 -20.16
N ILE L 50 -24.28 12.22 -19.79
CA ILE L 50 -24.41 10.97 -19.03
C ILE L 50 -23.87 11.18 -17.63
N ILE L 51 -24.74 10.96 -16.65
CA ILE L 51 -24.39 11.19 -15.26
C ILE L 51 -24.58 9.89 -14.48
N ALA L 52 -23.51 9.45 -13.84
CA ALA L 52 -23.51 8.19 -13.11
C ALA L 52 -22.60 8.32 -11.91
N GLU L 53 -23.21 8.44 -10.73
CA GLU L 53 -22.45 8.54 -9.49
C GLU L 53 -22.33 7.15 -8.88
N ASP L 54 -22.25 7.06 -7.55
CA ASP L 54 -21.95 5.76 -6.93
C ASP L 54 -23.04 5.25 -5.98
N ALA L 55 -24.19 5.92 -5.96
CA ALA L 55 -25.27 5.55 -5.06
C ALA L 55 -24.81 5.59 -3.60
N GLY L 56 -23.71 6.29 -3.36
CA GLY L 56 -23.15 6.38 -2.02
C GLY L 56 -22.39 5.14 -1.61
N LEU L 57 -21.98 4.34 -2.59
CA LEU L 57 -21.24 3.12 -2.32
C LEU L 57 -19.78 3.41 -1.99
N GLY L 58 -19.32 4.61 -2.33
CA GLY L 58 -17.98 5.03 -1.99
C GLY L 58 -16.91 4.71 -3.04
N PHE L 59 -17.20 5.02 -4.29
CA PHE L 59 -16.18 4.95 -5.34
C PHE L 59 -16.42 6.02 -6.40
N GLN L 60 -15.42 6.23 -7.25
CA GLN L 60 -15.51 7.24 -8.30
C GLN L 60 -15.37 6.63 -9.69
N ARG L 61 -15.99 7.27 -10.67
CA ARG L 61 -15.88 6.83 -12.06
C ARG L 61 -15.12 7.87 -12.88
N SER L 62 -14.61 7.44 -14.02
CA SER L 62 -14.08 8.38 -15.00
C SER L 62 -15.28 8.96 -15.74
N PRO L 63 -15.05 9.98 -16.57
CA PRO L 63 -16.17 10.55 -17.34
C PRO L 63 -16.68 9.58 -18.41
N SER L 64 -15.87 8.57 -18.72
CA SER L 64 -16.18 7.66 -19.83
C SER L 64 -17.05 6.49 -19.39
N VAL L 65 -18.20 6.80 -18.78
CA VAL L 65 -19.06 5.76 -18.26
C VAL L 65 -19.86 5.07 -19.37
N VAL L 66 -20.27 3.83 -19.10
CA VAL L 66 -21.04 3.03 -20.04
C VAL L 66 -22.27 2.51 -19.34
N ILE L 67 -23.44 2.91 -19.84
CA ILE L 67 -24.71 2.46 -19.27
C ILE L 67 -25.35 1.42 -20.18
N ILE L 68 -25.64 0.26 -19.61
CA ILE L 68 -26.20 -0.86 -20.37
C ILE L 68 -27.58 -1.22 -19.85
N HIS L 69 -28.61 -0.92 -20.65
CA HIS L 69 -29.98 -1.19 -20.26
C HIS L 69 -30.52 -2.40 -21.01
N VAL L 70 -30.72 -3.49 -20.28
CA VAL L 70 -31.13 -4.76 -20.86
C VAL L 70 -32.64 -4.96 -20.77
N PHE L 71 -33.30 -5.01 -21.93
CA PHE L 71 -34.72 -5.33 -21.98
C PHE L 71 -34.89 -6.78 -22.44
N THR L 72 -35.29 -7.64 -21.50
CA THR L 72 -35.41 -9.06 -21.79
C THR L 72 -36.61 -9.63 -21.06
N GLN L 73 -37.10 -10.78 -21.51
CA GLN L 73 -38.31 -11.37 -20.94
C GLN L 73 -38.03 -11.97 -19.56
N ALA L 74 -39.07 -12.02 -18.72
CA ALA L 74 -38.93 -12.53 -17.36
C ALA L 74 -38.63 -14.02 -17.35
N GLY L 75 -38.07 -14.49 -16.25
CA GLY L 75 -37.85 -15.91 -16.04
C GLY L 75 -36.49 -16.25 -15.46
N ARG L 76 -35.48 -15.44 -15.78
CA ARG L 76 -34.13 -15.72 -15.34
C ARG L 76 -34.02 -15.46 -13.84
N THR L 77 -33.26 -16.32 -13.17
CA THR L 77 -33.13 -16.25 -11.72
C THR L 77 -32.17 -15.15 -11.29
N ILE L 78 -32.18 -14.87 -9.99
CA ILE L 78 -31.30 -13.87 -9.40
C ILE L 78 -29.83 -14.22 -9.67
N GLU L 79 -29.52 -15.51 -9.56
CA GLU L 79 -28.15 -15.98 -9.74
C GLU L 79 -27.69 -15.83 -11.19
N THR L 80 -28.58 -16.11 -12.14
CA THR L 80 -28.24 -15.95 -13.55
C THR L 80 -27.99 -14.47 -13.86
N LYS L 81 -28.83 -13.60 -13.30
CA LYS L 81 -28.67 -12.17 -13.49
C LYS L 81 -27.34 -11.68 -12.92
N GLN L 82 -26.96 -12.20 -11.76
CA GLN L 82 -25.67 -11.85 -11.18
C GLN L 82 -24.54 -12.29 -12.09
N ARG L 83 -24.75 -13.40 -12.79
CA ARG L 83 -23.76 -13.90 -13.75
C ARG L 83 -23.72 -13.01 -14.98
N VAL L 84 -24.88 -12.48 -15.38
CA VAL L 84 -24.94 -11.56 -16.51
C VAL L 84 -24.13 -10.31 -16.20
N PHE L 85 -24.33 -9.75 -15.01
CA PHE L 85 -23.63 -8.54 -14.61
C PHE L 85 -22.12 -8.76 -14.57
N ALA L 86 -21.70 -9.90 -14.01
CA ALA L 86 -20.28 -10.20 -13.87
C ALA L 86 -19.64 -10.46 -15.24
N ALA L 87 -20.34 -11.21 -16.08
CA ALA L 87 -19.83 -11.57 -17.40
C ALA L 87 -19.66 -10.33 -18.27
N ILE L 88 -20.68 -9.48 -18.30
CA ILE L 88 -20.64 -8.26 -19.10
C ILE L 88 -19.47 -7.37 -18.70
N THR L 89 -19.29 -7.20 -17.39
CA THR L 89 -18.27 -6.30 -16.89
C THR L 89 -16.86 -6.85 -17.16
N GLU L 90 -16.66 -8.13 -16.89
CA GLU L 90 -15.36 -8.77 -17.13
C GLU L 90 -14.97 -8.67 -18.59
N SER L 91 -15.92 -8.98 -19.48
CA SER L 91 -15.64 -8.99 -20.92
C SER L 91 -15.31 -7.60 -21.46
N LEU L 92 -15.76 -6.56 -20.76
CA LEU L 92 -15.52 -5.19 -21.19
C LEU L 92 -14.16 -4.67 -20.72
N ALA L 93 -13.61 -5.29 -19.69
CA ALA L 93 -12.37 -4.81 -19.07
C ALA L 93 -11.22 -4.68 -20.08
N PRO L 94 -11.01 -5.72 -20.91
CA PRO L 94 -9.96 -5.61 -21.92
C PRO L 94 -10.26 -4.59 -23.02
N ILE L 95 -11.54 -4.26 -23.18
CA ILE L 95 -11.97 -3.34 -24.24
C ILE L 95 -11.66 -1.90 -23.86
N GLY L 96 -11.25 -1.68 -22.61
CA GLY L 96 -10.96 -0.35 -22.13
C GLY L 96 -12.12 0.29 -21.38
N VAL L 97 -13.00 -0.54 -20.83
CA VAL L 97 -14.05 -0.05 -19.94
C VAL L 97 -13.82 -0.62 -18.54
N ALA L 98 -13.42 0.26 -17.62
CA ALA L 98 -13.15 -0.16 -16.25
C ALA L 98 -14.44 -0.50 -15.51
N GLY L 99 -14.33 -1.42 -14.55
CA GLY L 99 -15.48 -1.87 -13.80
C GLY L 99 -16.21 -0.74 -13.09
N SER L 100 -15.47 0.30 -12.73
CA SER L 100 -16.05 1.43 -12.02
C SER L 100 -16.93 2.27 -12.94
N ASP L 101 -16.78 2.09 -14.25
CA ASP L 101 -17.47 2.93 -15.21
C ASP L 101 -18.66 2.24 -15.85
N VAL L 102 -19.03 1.07 -15.33
CA VAL L 102 -20.12 0.30 -15.92
C VAL L 102 -21.36 0.35 -15.04
N PHE L 103 -22.51 0.52 -15.69
CA PHE L 103 -23.79 0.54 -15.00
C PHE L 103 -24.78 -0.30 -15.78
N ILE L 104 -25.44 -1.25 -15.12
CA ILE L 104 -26.37 -2.13 -15.82
C ILE L 104 -27.73 -2.19 -15.13
N ALA L 105 -28.79 -2.08 -15.93
CA ALA L 105 -30.15 -2.21 -15.44
C ALA L 105 -30.92 -3.19 -16.30
N ILE L 106 -31.77 -4.00 -15.66
CA ILE L 106 -32.63 -4.93 -16.39
C ILE L 106 -34.10 -4.55 -16.27
N THR L 107 -34.81 -4.57 -17.40
CA THR L 107 -36.24 -4.29 -17.42
C THR L 107 -36.94 -5.41 -18.17
N GLU L 108 -37.91 -6.05 -17.50
CA GLU L 108 -38.48 -7.28 -18.03
C GLU L 108 -39.84 -7.11 -18.70
N ASN L 109 -40.14 -8.04 -19.61
CA ASN L 109 -41.47 -8.18 -20.17
C ASN L 109 -41.79 -9.66 -20.41
N ALA L 110 -42.73 -9.93 -21.31
CA ALA L 110 -43.13 -11.31 -21.59
C ALA L 110 -42.74 -11.70 -23.00
N PRO L 111 -42.65 -13.02 -23.26
CA PRO L 111 -42.32 -13.51 -24.60
C PRO L 111 -43.32 -13.04 -25.67
N HIS L 112 -44.55 -12.74 -25.26
CA HIS L 112 -45.57 -12.29 -26.20
C HIS L 112 -45.46 -10.79 -26.48
N ASP L 113 -44.43 -10.17 -25.92
CA ASP L 113 -44.20 -8.74 -26.11
C ASP L 113 -43.11 -8.46 -27.13
N TRP L 114 -42.87 -9.41 -28.04
CA TRP L 114 -41.80 -9.28 -29.01
C TRP L 114 -42.25 -9.64 -30.43
N SER L 115 -41.83 -8.84 -31.39
CA SER L 115 -41.96 -9.16 -32.80
C SER L 115 -40.61 -8.92 -33.47
N PHE L 116 -40.06 -9.96 -34.06
CA PHE L 116 -38.72 -9.90 -34.64
C PHE L 116 -38.77 -9.53 -36.13
N GLY L 117 -39.98 -9.34 -36.64
CA GLY L 117 -40.16 -8.86 -38.00
C GLY L 117 -41.38 -9.48 -38.66
N PHE L 118 -41.72 -8.98 -39.85
CA PHE L 118 -42.78 -9.56 -40.65
C PHE L 118 -44.14 -9.52 -39.94
N GLY L 119 -44.25 -8.66 -38.94
CA GLY L 119 -45.50 -8.46 -38.23
C GLY L 119 -45.92 -9.67 -37.43
N SER L 120 -44.97 -10.54 -37.13
CA SER L 120 -45.25 -11.78 -36.41
C SER L 120 -44.73 -11.73 -34.98
N ALA L 121 -45.45 -12.38 -34.07
CA ALA L 121 -45.00 -12.55 -32.70
C ALA L 121 -44.40 -13.96 -32.56
N GLN L 122 -43.12 -14.06 -32.89
CA GLN L 122 -42.48 -15.37 -33.08
C GLN L 122 -42.47 -16.28 -31.85
N TYR L 123 -42.30 -15.72 -30.66
CA TYR L 123 -42.33 -16.52 -29.44
C TYR L 123 -43.72 -17.12 -29.24
N VAL L 124 -44.74 -16.39 -29.69
CA VAL L 124 -46.12 -16.81 -29.50
C VAL L 124 -46.53 -17.89 -30.52
N THR L 125 -46.05 -17.75 -31.75
CA THR L 125 -46.42 -18.68 -32.81
C THR L 125 -45.65 -20.00 -32.71
N GLY L 126 -44.52 -19.98 -31.99
CA GLY L 126 -43.68 -21.15 -31.86
C GLY L 126 -42.51 -21.14 -32.85
N GLU L 127 -42.31 -20.03 -33.53
CA GLU L 127 -41.24 -19.94 -34.51
C GLU L 127 -39.92 -19.79 -33.78
N LEU L 128 -39.96 -19.07 -32.67
CA LEU L 128 -38.82 -18.96 -31.77
C LEU L 128 -39.11 -19.73 -30.49
N ALA L 129 -38.22 -20.67 -30.16
CA ALA L 129 -38.32 -21.40 -28.91
C ALA L 129 -38.19 -20.43 -27.74
N ILE L 130 -38.96 -20.65 -26.69
CA ILE L 130 -38.81 -19.85 -25.48
C ILE L 130 -37.52 -20.27 -24.79
N PRO L 131 -36.71 -19.29 -24.35
CA PRO L 131 -35.43 -19.58 -23.70
C PRO L 131 -35.59 -19.92 -22.22
#